data_4ETQ
#
_entry.id   4ETQ
#
_cell.length_a   76.021
_cell.length_b   91.156
_cell.length_c   103.774
_cell.angle_alpha   90.00
_cell.angle_beta   107.32
_cell.angle_gamma   90.00
#
_symmetry.space_group_name_H-M   'P 1 21 1'
#
loop_
_entity.id
_entity.type
_entity.pdbx_description
1 polymer 'anti-vaccinia D8L antigen murine monoclonal IgG2a antibody LA5, heavy chain'
2 polymer 'anti-vaccinia D8L antigen murine monoclonal IgG2a antibody LA5, light chain'
3 polymer 'IMV membrane protein'
4 non-polymer 'THIOCYANATE ION'
5 non-polymer 1,2-ETHANEDIOL
6 non-polymer GLYCEROL
7 non-polymer 'CHLORIDE ION'
8 water water
#
loop_
_entity_poly.entity_id
_entity_poly.type
_entity_poly.pdbx_seq_one_letter_code
_entity_poly.pdbx_strand_id
1 'polypeptide(L)'
;QVQLQQSGPELVKPGASVKISCKASGYSFNFYWMHWVKQRPGQGLEWIGMIDPSESESRLNQKFKDKATLTVDRSSSTAH
MQLSSPTSEDSAVYYCTRSNYRYDYFDVWGAGTTVTVSSAKTTAPSVYPLAPVCGDTTGSSVTLGCLVKGYFPEPVTLTW
NSGSLSSGVHTFPAVLQSDLYTLSSSVTVTSSTWPSQSITCNVAHPASSTKVDKKIEPRGG
;
H,A
2 'polypeptide(L)'
;QIVLTQSPAIMSAFPGESVTMTCSASSSVSYMYWYQQKPGSSPRLLIYDTSNLASGVPVRFSGSGSGTSYSLTINRLEAE
DGATYYCQQWTSYPLTFGAGTKLELKRADAAPTVSIFPPSSEQLTSGGASVVCFLNNFYPKDINVKWKIDGSERQNGVLN
SWTDQDSKDSTYSMSSTLTLTKDEYERHNSYTCEATHKTSTSPIVKSFNRNE
;
L,B
3 'polypeptide(L)'
;MPQQLSPINIETKKAISNARLKPLDIHYNESKPTTIQNTGKLVRINFKGGYISGGFLPNEYVLSSLHIYWGKEDDYGSNH
LIDVYKYSGEINLVHWNKKKYSSYEEAKKHDDGLIIISIFLQVLDHKNVYFQKIVNQLDSIRSANTSAPFDSVFYLDNLL
PSKLDYFTYLGTTINHSADAVWIIFPTPINIHSDQLSKFRTLLSLSNHEGKPHYITENYRNPYKLNDDTEVYYSGEIIRA
ATTSPARENYFMRWLSDLRETLEHHHHHH
;
X,C
#
# COMPACT_ATOMS: atom_id res chain seq x y z
N GLN A 1 -15.43 -19.65 35.39
CA GLN A 1 -16.25 -18.78 34.51
C GLN A 1 -15.40 -17.98 33.53
N VAL A 2 -15.88 -17.86 32.29
CA VAL A 2 -15.25 -17.00 31.28
C VAL A 2 -15.54 -15.52 31.63
N GLN A 3 -14.49 -14.75 31.83
CA GLN A 3 -14.60 -13.43 32.45
C GLN A 3 -13.45 -12.51 32.02
N LEU A 4 -13.75 -11.20 31.94
CA LEU A 4 -12.74 -10.19 31.61
C LEU A 4 -12.67 -9.11 32.69
N GLN A 5 -11.54 -9.05 33.36
CA GLN A 5 -11.41 -8.22 34.55
C GLN A 5 -10.52 -7.02 34.26
N GLN A 6 -11.08 -5.82 34.38
CA GLN A 6 -10.36 -4.61 34.03
C GLN A 6 -9.85 -3.85 35.24
N SER A 7 -8.78 -3.07 35.03
CA SER A 7 -8.20 -2.29 36.10
C SER A 7 -9.15 -1.18 36.54
N GLY A 8 -8.91 -0.64 37.74
CA GLY A 8 -9.76 0.35 38.37
C GLY A 8 -9.67 1.73 37.75
N PRO A 9 -10.52 2.67 38.22
CA PRO A 9 -10.59 4.04 37.72
C PRO A 9 -9.22 4.73 37.75
N GLU A 10 -8.89 5.45 36.68
CA GLU A 10 -7.59 6.09 36.55
C GLU A 10 -7.76 7.60 36.42
N LEU A 11 -7.06 8.32 37.28
CA LEU A 11 -6.86 9.75 37.10
C LEU A 11 -5.47 9.93 36.51
N VAL A 12 -5.42 10.59 35.36
CA VAL A 12 -4.20 10.70 34.57
C VAL A 12 -3.91 12.16 34.32
N LYS A 13 -2.68 12.57 34.62
CA LYS A 13 -2.22 13.93 34.36
C LYS A 13 -2.12 14.13 32.86
N PRO A 14 -2.58 15.29 32.33
CA PRO A 14 -2.47 15.54 30.89
C PRO A 14 -1.03 15.38 30.41
N GLY A 15 -0.85 14.63 29.32
CA GLY A 15 0.48 14.40 28.76
C GLY A 15 1.24 13.25 29.40
N ALA A 16 0.70 12.70 30.50
CA ALA A 16 1.32 11.58 31.19
C ALA A 16 0.70 10.27 30.71
N SER A 17 1.54 9.39 30.18
CA SER A 17 1.06 8.14 29.60
C SER A 17 0.34 7.29 30.62
N VAL A 18 -0.55 6.42 30.15
CA VAL A 18 -1.27 5.53 31.05
C VAL A 18 -1.43 4.15 30.42
N LYS A 19 -1.25 3.12 31.23
CA LYS A 19 -1.48 1.76 30.79
C LYS A 19 -2.64 1.21 31.58
N ILE A 20 -3.62 0.65 30.89
CA ILE A 20 -4.73 -0.03 31.54
C ILE A 20 -4.73 -1.50 31.13
N SER A 21 -5.33 -2.35 31.96
CA SER A 21 -5.19 -3.80 31.78
C SER A 21 -6.52 -4.55 31.81
N CYS A 22 -6.51 -5.73 31.21
CA CYS A 22 -7.69 -6.56 31.00
C CYS A 22 -7.26 -8.01 31.16
N LYS A 23 -7.51 -8.57 32.34
CA LYS A 23 -7.09 -9.94 32.66
C LYS A 23 -8.18 -10.93 32.25
N ALA A 24 -7.83 -11.88 31.38
CA ALA A 24 -8.75 -12.90 30.93
C ALA A 24 -8.60 -14.20 31.73
N SER A 25 -9.72 -14.81 32.08
CA SER A 25 -9.74 -16.11 32.75
C SER A 25 -10.90 -16.94 32.20
N GLY A 26 -10.84 -18.25 32.42
CA GLY A 26 -11.95 -19.13 32.03
C GLY A 26 -11.95 -19.65 30.60
N TYR A 27 -10.98 -19.26 29.80
CA TYR A 27 -10.89 -19.71 28.40
C TYR A 27 -9.45 -19.64 27.86
N SER A 28 -9.23 -20.19 26.67
CA SER A 28 -7.90 -20.15 26.05
C SER A 28 -7.62 -18.76 25.47
N PHE A 29 -6.74 -18.04 26.16
CA PHE A 29 -6.46 -16.64 25.88
C PHE A 29 -5.94 -16.37 24.45
N ASN A 30 -5.06 -17.26 23.97
CA ASN A 30 -4.42 -17.10 22.66
C ASN A 30 -5.38 -17.21 21.47
N PHE A 31 -6.57 -17.78 21.71
CA PHE A 31 -7.46 -18.22 20.64
C PHE A 31 -8.48 -17.17 20.17
N TYR A 32 -8.66 -16.11 20.95
CA TYR A 32 -9.67 -15.09 20.66
C TYR A 32 -9.05 -13.71 20.56
N TRP A 33 -9.40 -12.99 19.50
CA TRP A 33 -8.98 -11.59 19.35
C TRP A 33 -9.59 -10.75 20.46
N MET A 34 -8.77 -9.86 21.03
CA MET A 34 -9.20 -8.93 22.05
C MET A 34 -9.31 -7.56 21.43
N HIS A 35 -10.41 -6.87 21.73
CA HIS A 35 -10.69 -5.57 21.15
C HIS A 35 -10.83 -4.54 22.26
N TRP A 36 -10.67 -3.27 21.91
CA TRP A 36 -10.86 -2.19 22.88
C TRP A 36 -11.86 -1.19 22.33
N VAL A 37 -12.82 -0.80 23.18
CA VAL A 37 -13.92 0.05 22.75
C VAL A 37 -13.98 1.27 23.68
N LYS A 38 -14.03 2.45 23.07
CA LYS A 38 -14.08 3.70 23.83
C LYS A 38 -15.50 4.25 23.88
N GLN A 39 -15.91 4.65 25.08
CA GLN A 39 -17.20 5.29 25.28
C GLN A 39 -17.11 6.58 26.09
N ARG A 40 -17.37 7.70 25.43
CA ARG A 40 -17.41 9.01 26.07
C ARG A 40 -18.83 9.36 26.50
N PRO A 41 -18.97 10.16 27.58
CA PRO A 41 -20.25 10.51 28.16
C PRO A 41 -21.40 10.76 27.18
N GLY A 42 -21.09 11.30 26.00
CA GLY A 42 -22.11 11.57 24.98
C GLY A 42 -21.76 11.27 23.53
N GLN A 43 -21.03 10.18 23.29
CA GLN A 43 -20.42 9.94 21.97
C GLN A 43 -20.52 8.51 21.40
N GLY A 44 -21.39 7.68 21.97
CA GLY A 44 -21.58 6.30 21.47
C GLY A 44 -20.38 5.40 21.71
N LEU A 45 -20.26 4.35 20.91
CA LEU A 45 -19.13 3.41 21.04
C LEU A 45 -18.17 3.55 19.87
N GLU A 46 -16.89 3.61 20.17
CA GLU A 46 -15.85 3.69 19.14
C GLU A 46 -14.92 2.50 19.27
N TRP A 47 -14.64 1.85 18.15
CA TRP A 47 -13.72 0.73 18.13
C TRP A 47 -12.30 1.29 18.02
N ILE A 48 -11.49 1.04 19.06
CA ILE A 48 -10.09 1.51 19.07
C ILE A 48 -9.20 0.65 18.17
N GLY A 49 -9.29 -0.66 18.37
CA GLY A 49 -8.46 -1.58 17.64
C GLY A 49 -8.57 -2.95 18.27
N MET A 50 -7.86 -3.90 17.70
CA MET A 50 -7.89 -5.26 18.19
C MET A 50 -6.48 -5.82 18.17
N ILE A 51 -6.26 -6.90 18.90
CA ILE A 51 -4.98 -7.62 18.88
C ILE A 51 -5.23 -9.12 18.87
N ASP A 52 -4.51 -9.83 18.00
CA ASP A 52 -4.49 -11.29 17.98
C ASP A 52 -3.46 -11.79 19.01
N PRO A 53 -3.93 -12.32 20.15
CA PRO A 53 -3.06 -12.75 21.26
C PRO A 53 -1.99 -13.79 20.90
N SER A 54 -2.28 -14.66 19.93
CA SER A 54 -1.36 -15.73 19.57
C SER A 54 -0.01 -15.22 19.09
N GLU A 55 0.01 -14.08 18.41
CA GLU A 55 1.27 -13.51 17.92
C GLU A 55 1.41 -12.00 18.15
N SER A 56 0.50 -11.41 18.93
CA SER A 56 0.56 -9.98 19.25
C SER A 56 0.43 -9.07 18.02
N GLU A 57 -0.09 -9.60 16.92
CA GLU A 57 -0.38 -8.76 15.75
C GLU A 57 -1.63 -7.94 16.02
N SER A 58 -1.51 -6.62 15.93
CA SER A 58 -2.60 -5.72 16.25
C SER A 58 -3.05 -4.94 15.02
N ARG A 59 -4.31 -4.55 15.01
CA ARG A 59 -4.81 -3.64 14.00
C ARG A 59 -5.45 -2.47 14.71
N LEU A 60 -4.99 -1.26 14.42
CA LEU A 60 -5.54 -0.07 15.06
C LEU A 60 -6.37 0.75 14.11
N ASN A 61 -7.51 1.21 14.60
CA ASN A 61 -8.28 2.27 13.96
C ASN A 61 -7.37 3.48 13.78
N GLN A 62 -7.22 3.96 12.54
CA GLN A 62 -6.32 5.07 12.23
C GLN A 62 -6.61 6.29 13.09
N LYS A 63 -7.86 6.39 13.55
CA LYS A 63 -8.25 7.48 14.44
C LYS A 63 -7.42 7.43 15.73
N PHE A 64 -6.96 6.24 16.12
CA PHE A 64 -6.17 6.05 17.35
C PHE A 64 -4.72 5.62 17.11
N LYS A 65 -4.26 5.79 15.87
CA LYS A 65 -2.90 5.38 15.46
C LYS A 65 -1.78 5.85 16.39
N ASP A 66 -1.76 7.14 16.72
CA ASP A 66 -0.72 7.70 17.60
C ASP A 66 -1.12 7.79 19.06
N LYS A 67 -2.23 7.14 19.41
CA LYS A 67 -2.80 7.29 20.74
C LYS A 67 -2.69 6.00 21.53
N ALA A 68 -3.19 4.92 20.95
CA ALA A 68 -3.30 3.66 21.67
C ALA A 68 -2.31 2.63 21.16
N THR A 69 -1.69 1.91 22.10
CA THR A 69 -0.75 0.84 21.81
C THR A 69 -1.28 -0.43 22.45
N LEU A 70 -1.54 -1.44 21.63
CA LEU A 70 -2.12 -2.68 22.12
C LEU A 70 -1.05 -3.75 22.27
N THR A 71 -0.95 -4.30 23.48
CA THR A 71 -0.03 -5.40 23.77
C THR A 71 -0.75 -6.50 24.55
N VAL A 72 -0.10 -7.66 24.63
CA VAL A 72 -0.60 -8.78 25.43
C VAL A 72 0.54 -9.39 26.23
N ASP A 73 0.20 -9.89 27.42
CA ASP A 73 1.14 -10.66 28.22
C ASP A 73 0.61 -12.08 28.24
N ARG A 74 1.11 -12.90 27.32
CA ARG A 74 0.60 -14.26 27.15
C ARG A 74 0.73 -15.12 28.40
N SER A 75 1.84 -14.97 29.12
CA SER A 75 2.07 -15.70 30.37
C SER A 75 1.00 -15.39 31.44
N SER A 76 0.54 -14.14 31.48
CA SER A 76 -0.46 -13.73 32.47
C SER A 76 -1.87 -13.58 31.89
N SER A 77 -2.06 -14.03 30.65
CA SER A 77 -3.34 -13.91 29.94
C SER A 77 -3.99 -12.52 30.08
N THR A 78 -3.17 -11.48 29.93
CA THR A 78 -3.62 -10.11 30.14
C THR A 78 -3.33 -9.25 28.91
N ALA A 79 -4.36 -8.59 28.39
CA ALA A 79 -4.19 -7.63 27.32
C ALA A 79 -4.02 -6.23 27.91
N HIS A 80 -3.15 -5.43 27.29
CA HIS A 80 -2.93 -4.07 27.74
C HIS A 80 -3.23 -3.06 26.65
N MET A 81 -3.67 -1.88 27.07
CA MET A 81 -3.74 -0.74 26.19
C MET A 81 -3.03 0.43 26.83
N GLN A 82 -2.13 1.03 26.08
CA GLN A 82 -1.43 2.22 26.53
C GLN A 82 -1.93 3.44 25.77
N LEU A 83 -2.19 4.51 26.51
CA LEU A 83 -2.54 5.78 25.89
C LEU A 83 -1.38 6.76 26.01
N SER A 84 -0.86 7.20 24.87
CA SER A 84 0.26 8.12 24.84
C SER A 84 -0.22 9.56 24.84
N SER A 85 0.52 10.42 25.53
CA SER A 85 0.22 11.86 25.62
C SER A 85 -1.28 12.16 25.70
N PRO A 86 -1.95 11.70 26.78
CA PRO A 86 -3.41 11.85 26.91
C PRO A 86 -3.86 13.31 27.03
N THR A 87 -5.04 13.58 26.48
CA THR A 87 -5.69 14.89 26.58
C THR A 87 -7.08 14.68 27.17
N SER A 88 -7.82 15.77 27.42
CA SER A 88 -9.18 15.68 27.95
C SER A 88 -10.10 14.88 27.01
N GLU A 89 -9.75 14.84 25.72
CA GLU A 89 -10.50 14.08 24.71
C GLU A 89 -10.37 12.58 24.92
N ASP A 90 -9.37 12.19 25.72
CA ASP A 90 -9.09 10.78 26.02
C ASP A 90 -9.82 10.30 27.27
N SER A 91 -10.53 11.22 27.95
CA SER A 91 -11.36 10.87 29.09
C SER A 91 -12.58 10.11 28.59
N ALA A 92 -12.79 8.91 29.11
CA ALA A 92 -13.85 8.00 28.65
C ALA A 92 -13.83 6.70 29.45
N VAL A 93 -14.85 5.87 29.22
CA VAL A 93 -14.82 4.48 29.65
C VAL A 93 -14.21 3.64 28.53
N TYR A 94 -13.28 2.77 28.90
CA TYR A 94 -12.63 1.88 27.94
C TYR A 94 -12.96 0.43 28.27
N TYR A 95 -13.67 -0.23 27.37
CA TYR A 95 -13.98 -1.64 27.50
C TYR A 95 -12.97 -2.49 26.76
N CYS A 96 -12.58 -3.61 27.36
CA CYS A 96 -11.98 -4.68 26.58
C CYS A 96 -13.10 -5.68 26.32
N THR A 97 -13.10 -6.25 25.13
CA THR A 97 -14.08 -7.26 24.76
C THR A 97 -13.46 -8.30 23.84
N ARG A 98 -13.81 -9.56 24.08
CA ARG A 98 -13.38 -10.68 23.27
C ARG A 98 -14.35 -10.93 22.12
N SER A 99 -13.85 -11.02 20.89
CA SER A 99 -14.71 -11.47 19.79
C SER A 99 -14.56 -12.96 19.63
N ASN A 100 -15.66 -13.64 19.29
CA ASN A 100 -15.65 -15.09 19.13
C ASN A 100 -14.71 -15.48 17.98
N TYR A 101 -13.99 -16.60 18.13
CA TYR A 101 -13.02 -17.02 17.14
C TYR A 101 -13.69 -17.37 15.81
N ARG A 102 -14.96 -17.74 15.89
CA ARG A 102 -15.70 -18.21 14.73
C ARG A 102 -16.78 -17.21 14.33
N TYR A 103 -17.57 -16.75 15.30
CA TYR A 103 -18.62 -15.79 15.01
C TYR A 103 -18.18 -14.36 15.26
N ASP A 104 -18.53 -13.46 14.35
CA ASP A 104 -18.11 -12.05 14.43
C ASP A 104 -18.95 -11.26 15.42
N TYR A 105 -18.90 -11.67 16.68
CA TYR A 105 -19.52 -10.91 17.74
C TYR A 105 -18.67 -10.85 19.01
N PHE A 106 -18.95 -9.83 19.82
CA PHE A 106 -18.25 -9.62 21.07
C PHE A 106 -19.00 -10.35 22.19
N ASP A 107 -18.54 -11.55 22.50
CA ASP A 107 -19.28 -12.43 23.42
C ASP A 107 -18.92 -12.28 24.91
N VAL A 108 -17.86 -11.53 25.19
CA VAL A 108 -17.47 -11.24 26.58
C VAL A 108 -16.94 -9.82 26.68
N TRP A 109 -17.45 -9.07 27.66
CA TRP A 109 -17.04 -7.70 27.90
C TRP A 109 -16.59 -7.53 29.34
N GLY A 110 -15.57 -6.69 29.55
CA GLY A 110 -15.21 -6.26 30.89
C GLY A 110 -16.20 -5.20 31.37
N ALA A 111 -16.09 -4.85 32.65
CA ALA A 111 -16.91 -3.79 33.25
C ALA A 111 -16.50 -2.39 32.78
N GLY A 112 -15.38 -2.29 32.08
CA GLY A 112 -14.92 -0.99 31.57
C GLY A 112 -14.06 -0.27 32.61
N THR A 113 -13.00 0.37 32.13
CA THR A 113 -12.13 1.16 32.98
C THR A 113 -12.34 2.64 32.65
N THR A 114 -12.72 3.42 33.67
CA THR A 114 -12.92 4.85 33.50
C THR A 114 -11.59 5.57 33.61
N VAL A 115 -11.30 6.38 32.60
CA VAL A 115 -10.07 7.16 32.57
C VAL A 115 -10.43 8.62 32.52
N THR A 116 -10.00 9.36 33.53
CA THR A 116 -10.17 10.81 33.58
C THR A 116 -8.81 11.45 33.37
N VAL A 117 -8.69 12.26 32.32
CA VAL A 117 -7.46 13.00 32.05
C VAL A 117 -7.71 14.45 32.44
N SER A 118 -7.05 14.88 33.50
CA SER A 118 -7.30 16.20 34.07
C SER A 118 -6.19 16.58 35.06
N SER A 119 -5.91 17.87 35.16
CA SER A 119 -4.94 18.34 36.16
C SER A 119 -5.66 18.86 37.42
N ALA A 120 -6.97 18.61 37.51
CA ALA A 120 -7.76 18.97 38.69
C ALA A 120 -7.29 18.15 39.89
N LYS A 121 -7.39 18.72 41.08
CA LYS A 121 -6.83 18.15 42.29
C LYS A 121 -7.73 17.10 42.93
N THR A 122 -7.14 15.97 43.32
CA THR A 122 -7.84 14.98 44.14
C THR A 122 -8.32 15.66 45.44
N THR A 123 -9.62 15.59 45.68
CA THR A 123 -10.27 16.35 46.77
C THR A 123 -11.34 15.49 47.45
N ALA A 124 -11.32 15.46 48.77
CA ALA A 124 -12.26 14.67 49.57
C ALA A 124 -13.60 15.39 49.71
N PRO A 125 -14.71 14.64 49.66
CA PRO A 125 -15.99 15.33 49.78
C PRO A 125 -16.30 15.67 51.23
N SER A 126 -17.18 16.64 51.44
CA SER A 126 -17.82 16.80 52.74
C SER A 126 -19.21 16.19 52.62
N VAL A 127 -19.63 15.52 53.67
CA VAL A 127 -20.90 14.80 53.67
C VAL A 127 -21.83 15.48 54.66
N TYR A 128 -22.97 15.95 54.18
CA TYR A 128 -23.89 16.72 54.99
C TYR A 128 -25.22 16.00 55.11
N PRO A 129 -25.74 15.87 56.34
CA PRO A 129 -27.07 15.27 56.53
C PRO A 129 -28.17 16.24 56.10
N LEU A 130 -29.22 15.73 55.48
CA LEU A 130 -30.39 16.53 55.14
C LEU A 130 -31.60 16.01 55.89
N ALA A 131 -31.90 16.66 57.01
CA ALA A 131 -33.08 16.34 57.81
C ALA A 131 -34.24 17.19 57.33
N PRO A 132 -35.49 16.71 57.50
CA PRO A 132 -36.63 17.52 57.06
C PRO A 132 -36.77 18.82 57.86
N VAL A 133 -37.53 19.78 57.32
CA VAL A 133 -37.87 21.01 58.04
C VAL A 133 -38.59 20.66 59.35
N CYS A 134 -38.41 21.49 60.37
CA CYS A 134 -39.03 21.29 61.69
C CYS A 134 -40.56 21.22 61.62
N GLY A 139 -47.16 13.87 57.41
CA GLY A 139 -47.73 12.67 58.00
C GLY A 139 -47.55 11.43 57.14
N SER A 140 -47.36 10.29 57.79
CA SER A 140 -47.26 8.94 57.18
C SER A 140 -45.90 8.58 56.56
N SER A 141 -45.20 9.56 56.01
CA SER A 141 -43.96 9.32 55.28
C SER A 141 -42.99 10.50 55.35
N VAL A 142 -41.69 10.20 55.30
CA VAL A 142 -40.66 11.24 55.39
C VAL A 142 -39.50 10.95 54.44
N THR A 143 -39.01 12.00 53.79
CA THR A 143 -37.84 11.90 52.94
C THR A 143 -36.65 12.55 53.64
N LEU A 144 -35.57 11.78 53.78
CA LEU A 144 -34.30 12.29 54.33
C LEU A 144 -33.28 12.36 53.22
N GLY A 145 -32.17 13.04 53.50
CA GLY A 145 -31.15 13.16 52.48
C GLY A 145 -29.72 13.20 52.94
N CYS A 146 -28.80 12.89 52.02
N CYS A 146 -28.85 12.99 51.96
CA CYS A 146 -27.38 13.13 52.24
CA CYS A 146 -27.42 13.09 52.14
C CYS A 146 -26.75 13.81 51.05
C CYS A 146 -26.94 13.97 51.02
N LEU A 147 -26.01 14.88 51.32
CA LEU A 147 -25.37 15.69 50.29
C LEU A 147 -23.86 15.46 50.36
N VAL A 148 -23.28 15.05 49.23
CA VAL A 148 -21.87 14.70 49.16
C VAL A 148 -21.23 15.74 48.23
N LYS A 149 -20.57 16.71 48.82
CA LYS A 149 -20.17 17.91 48.10
C LYS A 149 -18.67 18.11 48.00
N GLY A 150 -18.22 18.44 46.80
CA GLY A 150 -16.87 18.94 46.57
C GLY A 150 -15.77 17.88 46.50
N TYR A 151 -15.97 16.87 45.67
CA TYR A 151 -14.96 15.83 45.51
C TYR A 151 -14.45 15.71 44.09
N PHE A 152 -13.28 15.10 43.97
CA PHE A 152 -12.69 14.80 42.67
C PHE A 152 -11.61 13.75 42.86
N PRO A 153 -11.52 12.77 41.94
CA PRO A 153 -12.41 12.50 40.81
C PRO A 153 -13.55 11.58 41.24
N GLU A 154 -14.37 11.16 40.27
CA GLU A 154 -15.29 10.05 40.45
C GLU A 154 -14.52 8.73 40.68
N PRO A 155 -15.13 7.75 41.38
CA PRO A 155 -16.51 7.80 41.89
C PRO A 155 -16.58 7.95 43.41
N VAL A 156 -17.78 8.19 43.92
CA VAL A 156 -18.08 7.90 45.31
C VAL A 156 -19.15 6.78 45.34
N THR A 157 -19.20 6.03 46.44
CA THR A 157 -20.29 5.08 46.68
C THR A 157 -21.09 5.62 47.86
N LEU A 158 -22.40 5.42 47.83
CA LEU A 158 -23.29 5.87 48.89
C LEU A 158 -24.28 4.76 49.21
N THR A 159 -24.32 4.33 50.49
CA THR A 159 -25.36 3.42 50.97
C THR A 159 -26.13 4.06 52.14
N TRP A 160 -27.28 3.47 52.48
CA TRP A 160 -28.06 3.88 53.63
C TRP A 160 -28.18 2.68 54.58
N ASN A 161 -27.87 2.91 55.85
CA ASN A 161 -27.84 1.87 56.87
C ASN A 161 -27.06 0.64 56.39
N SER A 162 -25.81 0.89 55.97
CA SER A 162 -24.92 -0.15 55.45
C SER A 162 -25.57 -1.02 54.36
N GLY A 163 -26.53 -0.42 53.65
CA GLY A 163 -27.21 -1.10 52.55
C GLY A 163 -28.51 -1.80 52.92
N SER A 164 -28.82 -1.83 54.21
CA SER A 164 -30.04 -2.46 54.74
C SER A 164 -31.29 -1.71 54.28
N LEU A 165 -31.12 -0.43 53.96
CA LEU A 165 -32.19 0.42 53.46
C LEU A 165 -31.93 0.68 51.99
N SER A 166 -32.61 -0.06 51.11
CA SER A 166 -32.34 0.04 49.67
C SER A 166 -33.54 0.46 48.82
N SER A 167 -34.75 0.08 49.23
CA SER A 167 -35.92 0.58 48.51
C SER A 167 -36.22 2.01 48.99
N GLY A 168 -36.89 2.79 48.13
CA GLY A 168 -37.18 4.19 48.41
C GLY A 168 -35.96 5.10 48.39
N VAL A 169 -34.91 4.66 47.70
CA VAL A 169 -33.66 5.41 47.60
C VAL A 169 -33.46 6.00 46.21
N HIS A 170 -33.08 7.28 46.14
CA HIS A 170 -32.66 7.89 44.87
C HIS A 170 -31.30 8.54 45.04
N THR A 171 -30.28 7.93 44.45
CA THR A 171 -28.94 8.49 44.46
C THR A 171 -28.75 9.12 43.08
N PHE A 172 -28.50 10.43 43.07
CA PHE A 172 -28.48 11.20 41.83
C PHE A 172 -27.09 11.23 41.22
N PRO A 173 -26.99 10.99 39.89
CA PRO A 173 -25.68 11.11 39.24
C PRO A 173 -24.98 12.39 39.69
N ALA A 174 -23.66 12.34 39.89
CA ALA A 174 -22.87 13.51 40.26
C ALA A 174 -22.91 14.59 39.18
N VAL A 175 -22.87 15.85 39.61
CA VAL A 175 -22.71 16.99 38.69
C VAL A 175 -21.34 17.63 38.89
N LEU A 176 -20.68 17.96 37.78
CA LEU A 176 -19.36 18.55 37.81
C LEU A 176 -19.42 20.07 37.65
N GLN A 177 -18.91 20.79 38.65
CA GLN A 177 -18.74 22.23 38.57
C GLN A 177 -17.39 22.64 39.17
N SER A 178 -16.62 23.40 38.39
CA SER A 178 -15.34 23.97 38.83
C SER A 178 -14.38 22.92 39.41
N ASP A 179 -14.17 21.86 38.64
CA ASP A 179 -13.28 20.75 39.00
C ASP A 179 -13.73 19.93 40.22
N LEU A 180 -14.97 20.15 40.66
CA LEU A 180 -15.51 19.40 41.79
C LEU A 180 -16.88 18.82 41.51
N TYR A 181 -17.09 17.60 41.99
CA TYR A 181 -18.36 16.93 41.87
C TYR A 181 -19.21 17.10 43.11
N THR A 182 -20.53 17.06 42.91
CA THR A 182 -21.49 17.07 44.01
C THR A 182 -22.58 16.06 43.68
N LEU A 183 -22.95 15.28 44.69
CA LEU A 183 -23.92 14.23 44.55
C LEU A 183 -24.83 14.30 45.77
N SER A 184 -26.07 13.87 45.59
CA SER A 184 -27.02 13.78 46.69
C SER A 184 -27.79 12.46 46.58
N SER A 185 -28.41 12.08 47.69
CA SER A 185 -29.20 10.87 47.78
C SER A 185 -30.38 11.14 48.71
N SER A 186 -31.57 10.71 48.30
CA SER A 186 -32.73 10.80 49.14
C SER A 186 -33.16 9.40 49.55
N VAL A 187 -33.77 9.30 50.72
CA VAL A 187 -34.35 8.06 51.18
C VAL A 187 -35.70 8.35 51.84
N THR A 188 -36.69 7.54 51.47
CA THR A 188 -38.04 7.75 51.93
C THR A 188 -38.45 6.55 52.77
N VAL A 189 -38.88 6.81 53.99
CA VAL A 189 -39.38 5.77 54.89
C VAL A 189 -40.67 6.23 55.55
N THR A 190 -41.33 5.29 56.20
CA THR A 190 -42.55 5.58 56.94
C THR A 190 -42.21 6.43 58.17
N SER A 191 -43.11 7.32 58.54
CA SER A 191 -42.88 8.26 59.64
C SER A 191 -42.67 7.58 61.01
N SER A 192 -43.12 6.33 61.13
CA SER A 192 -42.92 5.55 62.35
C SER A 192 -41.53 4.92 62.47
N THR A 193 -40.81 4.86 61.34
CA THR A 193 -39.44 4.35 61.28
C THR A 193 -38.42 5.42 61.71
N TRP A 194 -38.55 6.63 61.16
CA TRP A 194 -37.66 7.74 61.52
C TRP A 194 -38.42 8.84 62.28
N PRO A 195 -37.84 9.37 63.38
CA PRO A 195 -36.50 9.13 63.91
C PRO A 195 -36.39 8.11 65.05
N SER A 196 -37.41 7.26 65.23
CA SER A 196 -37.35 6.23 66.28
C SER A 196 -36.28 5.16 66.02
N GLN A 197 -35.85 5.06 64.76
CA GLN A 197 -34.75 4.19 64.35
C GLN A 197 -33.75 5.05 63.58
N SER A 198 -32.47 4.81 63.79
CA SER A 198 -31.47 5.65 63.15
C SER A 198 -31.35 5.36 61.66
N ILE A 199 -31.08 6.42 60.91
CA ILE A 199 -30.78 6.31 59.51
C ILE A 199 -29.46 7.01 59.27
N THR A 200 -28.54 6.29 58.67
CA THR A 200 -27.17 6.73 58.48
C THR A 200 -26.77 6.54 57.04
N CYS A 201 -26.35 7.61 56.38
N CYS A 201 -26.29 7.62 56.45
CA CYS A 201 -25.81 7.49 55.04
CA CYS A 201 -25.75 7.67 55.10
C CYS A 201 -24.32 7.23 55.14
C CYS A 201 -24.27 7.26 55.15
N ASN A 202 -23.87 6.23 54.38
CA ASN A 202 -22.47 5.77 54.39
C ASN A 202 -21.78 6.14 53.09
N VAL A 203 -20.70 6.90 53.16
CA VAL A 203 -20.08 7.44 51.96
C VAL A 203 -18.58 7.09 51.87
N ALA A 204 -18.19 6.56 50.72
CA ALA A 204 -16.79 6.28 50.41
C ALA A 204 -16.36 7.03 49.17
N HIS A 205 -15.17 7.65 49.25
CA HIS A 205 -14.48 8.23 48.09
C HIS A 205 -13.05 7.66 48.08
N PRO A 206 -12.87 6.54 47.39
CA PRO A 206 -11.62 5.76 47.47
C PRO A 206 -10.35 6.56 47.09
N ALA A 207 -10.47 7.48 46.13
CA ALA A 207 -9.35 8.30 45.66
C ALA A 207 -8.74 9.18 46.75
N SER A 208 -9.59 9.70 47.66
CA SER A 208 -9.09 10.47 48.80
C SER A 208 -9.07 9.62 50.08
N SER A 209 -9.23 8.31 49.93
CA SER A 209 -9.33 7.39 51.09
C SER A 209 -10.35 7.89 52.13
N THR A 210 -11.47 8.44 51.66
CA THR A 210 -12.52 8.97 52.53
C THR A 210 -13.57 7.91 52.82
N LYS A 211 -13.89 7.76 54.10
CA LYS A 211 -15.01 6.94 54.55
C LYS A 211 -15.73 7.71 55.65
N VAL A 212 -17.02 7.95 55.45
CA VAL A 212 -17.78 8.70 56.45
C VAL A 212 -19.20 8.17 56.58
N ASP A 213 -19.71 8.21 57.79
CA ASP A 213 -21.04 7.77 58.09
C ASP A 213 -21.72 8.90 58.84
N LYS A 214 -22.77 9.46 58.25
CA LYS A 214 -23.49 10.57 58.83
C LYS A 214 -24.92 10.16 59.20
N LYS A 215 -25.18 10.13 60.50
CA LYS A 215 -26.52 9.90 61.02
C LYS A 215 -27.35 11.15 60.73
N ILE A 216 -28.59 10.95 60.28
CA ILE A 216 -29.52 12.05 60.08
C ILE A 216 -30.29 12.28 61.38
N GLU A 217 -30.03 13.42 62.01
CA GLU A 217 -30.68 13.79 63.25
C GLU A 217 -31.82 14.77 62.99
N PRO A 218 -32.94 14.64 63.73
CA PRO A 218 -33.99 15.65 63.57
C PRO A 218 -33.48 17.05 63.94
N ARG A 219 -33.92 18.07 63.21
CA ARG A 219 -33.46 19.45 63.47
C ARG A 219 -34.08 20.00 64.74
N GLN B 1 -14.15 5.06 6.19
CA GLN B 1 -14.85 4.10 7.10
C GLN B 1 -16.37 4.09 6.86
N ILE B 2 -17.04 2.99 7.23
CA ILE B 2 -18.50 2.91 7.08
C ILE B 2 -19.20 3.61 8.26
N VAL B 3 -20.01 4.61 7.93
CA VAL B 3 -20.74 5.38 8.93
C VAL B 3 -22.14 4.79 9.07
N LEU B 4 -22.55 4.53 10.32
CA LEU B 4 -23.88 4.01 10.61
C LEU B 4 -24.74 5.08 11.28
N THR B 5 -25.89 5.38 10.68
CA THR B 5 -26.79 6.39 11.22
C THR B 5 -28.03 5.72 11.81
N GLN B 6 -28.24 5.98 13.10
CA GLN B 6 -29.31 5.37 13.85
C GLN B 6 -30.42 6.37 14.12
N SER B 7 -31.64 5.96 13.80
N SER B 7 -31.64 5.98 13.79
CA SER B 7 -32.83 6.79 14.01
CA SER B 7 -32.82 6.80 14.01
C SER B 7 -33.94 5.93 14.59
C SER B 7 -33.93 5.93 14.59
N PRO B 8 -34.74 6.49 15.52
CA PRO B 8 -34.55 7.85 16.07
C PRO B 8 -33.40 7.85 17.07
N ALA B 9 -32.86 9.03 17.36
CA ALA B 9 -31.83 9.18 18.39
C ALA B 9 -32.40 8.75 19.73
N ILE B 10 -33.57 9.28 20.06
CA ILE B 10 -34.24 8.98 21.31
C ILE B 10 -35.72 8.69 21.05
N MET B 11 -36.24 7.73 21.82
CA MET B 11 -37.66 7.39 21.74
C MET B 11 -38.18 6.78 23.03
N SER B 12 -39.49 6.76 23.15
CA SER B 12 -40.15 6.02 24.22
C SER B 12 -41.48 5.47 23.76
N ALA B 13 -41.93 4.43 24.45
CA ALA B 13 -43.18 3.77 24.16
C ALA B 13 -43.67 3.08 25.42
N PHE B 14 -44.96 2.81 25.46
CA PHE B 14 -45.51 2.03 26.54
C PHE B 14 -45.06 0.58 26.40
N PRO B 15 -44.97 -0.15 27.51
CA PRO B 15 -44.86 -1.60 27.38
C PRO B 15 -46.01 -2.12 26.53
N GLY B 16 -45.75 -3.18 25.77
CA GLY B 16 -46.75 -3.79 24.90
C GLY B 16 -46.76 -3.21 23.50
N GLU B 17 -46.26 -1.99 23.36
CA GLU B 17 -46.15 -1.38 22.05
C GLU B 17 -45.03 -2.02 21.24
N SER B 18 -45.13 -1.85 19.92
CA SER B 18 -44.09 -2.28 19.01
C SER B 18 -43.14 -1.12 18.76
N VAL B 19 -41.85 -1.41 18.81
CA VAL B 19 -40.82 -0.42 18.60
C VAL B 19 -39.93 -0.87 17.45
N THR B 20 -39.68 0.02 16.49
CA THR B 20 -38.71 -0.23 15.44
C THR B 20 -37.64 0.86 15.39
N MET B 21 -36.38 0.46 15.44
CA MET B 21 -35.26 1.40 15.28
C MET B 21 -34.42 1.02 14.06
N THR B 22 -33.98 2.03 13.32
CA THR B 22 -33.29 1.77 12.06
C THR B 22 -31.84 2.14 12.11
N CYS B 23 -31.05 1.43 11.31
CA CYS B 23 -29.62 1.67 11.16
C CYS B 23 -29.30 1.78 9.67
N SER B 24 -28.91 2.98 9.25
CA SER B 24 -28.57 3.24 7.86
C SER B 24 -27.06 3.29 7.72
N ALA B 25 -26.55 2.65 6.66
CA ALA B 25 -25.11 2.59 6.43
C ALA B 25 -24.71 3.44 5.22
N SER B 26 -23.52 4.04 5.28
CA SER B 26 -23.01 4.87 4.19
C SER B 26 -22.65 4.05 2.93
N SER B 27 -22.32 2.78 3.12
CA SER B 27 -22.22 1.81 2.01
C SER B 27 -22.65 0.42 2.48
N SER B 28 -22.84 -0.51 1.54
CA SER B 28 -23.48 -1.79 1.87
C SER B 28 -22.73 -2.62 2.90
N VAL B 29 -23.51 -3.19 3.81
CA VAL B 29 -23.02 -3.99 4.92
C VAL B 29 -23.51 -5.42 4.68
N SER B 30 -22.62 -6.39 4.83
CA SER B 30 -22.95 -7.82 4.68
C SER B 30 -23.90 -8.31 5.76
N TYR B 31 -23.59 -7.97 7.01
CA TYR B 31 -24.44 -8.35 8.16
C TYR B 31 -24.42 -7.26 9.22
N MET B 32 -25.59 -7.00 9.82
CA MET B 32 -25.67 -6.07 10.93
C MET B 32 -25.72 -6.81 12.27
N TYR B 33 -25.12 -6.18 13.27
CA TYR B 33 -25.04 -6.73 14.62
C TYR B 33 -25.65 -5.71 15.57
N TRP B 34 -26.28 -6.17 16.64
CA TRP B 34 -26.97 -5.27 17.56
C TRP B 34 -26.55 -5.49 19.00
N TYR B 35 -26.21 -4.40 19.67
CA TYR B 35 -25.81 -4.45 21.06
C TYR B 35 -26.75 -3.62 21.92
N GLN B 36 -27.10 -4.18 23.07
CA GLN B 36 -27.97 -3.53 24.04
C GLN B 36 -27.12 -3.15 25.22
N GLN B 37 -27.18 -1.87 25.57
CA GLN B 37 -26.48 -1.37 26.75
C GLN B 37 -27.47 -0.72 27.70
N LYS B 38 -27.67 -1.37 28.83
CA LYS B 38 -28.48 -0.81 29.91
C LYS B 38 -27.63 0.21 30.66
N PRO B 39 -28.26 1.26 31.22
CA PRO B 39 -27.53 2.32 31.91
C PRO B 39 -26.67 1.78 33.06
N GLY B 40 -25.39 2.12 33.03
CA GLY B 40 -24.44 1.67 34.05
C GLY B 40 -23.78 0.32 33.79
N SER B 41 -24.08 -0.29 32.63
CA SER B 41 -23.57 -1.62 32.27
C SER B 41 -22.76 -1.60 30.97
N SER B 42 -22.05 -2.70 30.71
CA SER B 42 -21.34 -2.90 29.46
C SER B 42 -22.31 -3.25 28.34
N PRO B 43 -21.94 -2.96 27.08
CA PRO B 43 -22.78 -3.46 25.99
C PRO B 43 -22.84 -4.99 26.00
N ARG B 44 -23.90 -5.51 25.40
CA ARG B 44 -24.24 -6.92 25.46
C ARG B 44 -24.85 -7.30 24.11
N LEU B 45 -24.41 -8.43 23.55
CA LEU B 45 -24.91 -8.86 22.23
C LEU B 45 -26.40 -9.19 22.30
N LEU B 46 -27.13 -8.71 21.31
CA LEU B 46 -28.56 -8.97 21.20
C LEU B 46 -28.86 -9.74 19.92
N ILE B 47 -28.41 -9.20 18.79
CA ILE B 47 -28.60 -9.83 17.48
C ILE B 47 -27.26 -9.94 16.78
N TYR B 48 -27.00 -11.08 16.14
CA TYR B 48 -25.84 -11.24 15.29
C TYR B 48 -26.25 -11.71 13.90
N ASP B 49 -25.37 -11.49 12.93
CA ASP B 49 -25.64 -11.90 11.54
C ASP B 49 -27.04 -11.45 11.11
N THR B 50 -27.33 -10.17 11.35
CA THR B 50 -28.57 -9.51 10.89
C THR B 50 -29.85 -9.89 11.66
N SER B 51 -30.13 -11.19 11.77
CA SER B 51 -31.43 -11.66 12.27
C SER B 51 -31.38 -12.83 13.25
N ASN B 52 -30.19 -13.25 13.67
CA ASN B 52 -30.07 -14.34 14.65
C ASN B 52 -30.06 -13.79 16.08
N LEU B 53 -30.95 -14.31 16.92
CA LEU B 53 -31.04 -13.88 18.31
C LEU B 53 -29.91 -14.49 19.12
N ALA B 54 -29.20 -13.68 19.91
CA ALA B 54 -28.19 -14.18 20.82
C ALA B 54 -28.84 -15.10 21.87
N SER B 55 -28.09 -16.07 22.37
CA SER B 55 -28.62 -17.01 23.35
C SER B 55 -29.35 -16.31 24.49
N GLY B 56 -30.60 -16.70 24.75
CA GLY B 56 -31.36 -16.13 25.86
C GLY B 56 -32.12 -14.84 25.57
N VAL B 57 -31.87 -14.22 24.42
CA VAL B 57 -32.65 -13.05 23.98
C VAL B 57 -34.10 -13.45 23.72
N PRO B 58 -35.06 -12.77 24.38
CA PRO B 58 -36.48 -13.09 24.22
C PRO B 58 -36.98 -12.92 22.78
N VAL B 59 -37.90 -13.79 22.38
CA VAL B 59 -38.42 -13.86 21.01
C VAL B 59 -39.16 -12.58 20.54
N ARG B 60 -39.44 -11.66 21.46
CA ARG B 60 -40.00 -10.35 21.08
C ARG B 60 -39.01 -9.47 20.28
N PHE B 61 -37.72 -9.77 20.41
CA PHE B 61 -36.69 -9.08 19.62
C PHE B 61 -36.54 -9.74 18.26
N SER B 62 -36.42 -8.92 17.22
CA SER B 62 -36.09 -9.42 15.89
C SER B 62 -35.24 -8.38 15.13
N GLY B 63 -34.36 -8.87 14.26
CA GLY B 63 -33.56 -8.01 13.41
C GLY B 63 -33.86 -8.27 11.95
N SER B 64 -33.68 -7.25 11.11
CA SER B 64 -34.01 -7.34 9.70
C SER B 64 -33.13 -6.39 8.87
N GLY B 65 -33.17 -6.56 7.55
CA GLY B 65 -32.47 -5.66 6.63
C GLY B 65 -31.47 -6.30 5.68
N SER B 66 -30.90 -5.46 4.81
CA SER B 66 -29.89 -5.85 3.82
C SER B 66 -29.35 -4.57 3.17
N GLY B 67 -28.20 -4.68 2.50
CA GLY B 67 -27.60 -3.53 1.82
C GLY B 67 -27.21 -2.44 2.81
N THR B 68 -27.87 -1.29 2.68
CA THR B 68 -27.53 -0.14 3.52
C THR B 68 -28.61 0.17 4.56
N SER B 69 -29.66 -0.65 4.60
CA SER B 69 -30.81 -0.38 5.49
C SER B 69 -31.15 -1.59 6.38
N TYR B 70 -31.07 -1.38 7.69
CA TYR B 70 -31.31 -2.45 8.65
C TYR B 70 -32.15 -1.92 9.79
N SER B 71 -32.77 -2.83 10.54
CA SER B 71 -33.66 -2.43 11.63
C SER B 71 -33.69 -3.46 12.76
N LEU B 72 -34.03 -2.98 13.95
CA LEU B 72 -34.29 -3.83 15.12
C LEU B 72 -35.72 -3.50 15.54
N THR B 73 -36.47 -4.55 15.85
CA THR B 73 -37.87 -4.45 16.26
C THR B 73 -38.10 -5.17 17.59
N ILE B 74 -38.78 -4.48 18.50
CA ILE B 74 -39.23 -5.11 19.73
C ILE B 74 -40.75 -5.19 19.66
N ASN B 75 -41.26 -6.41 19.55
CA ASN B 75 -42.69 -6.65 19.38
C ASN B 75 -43.26 -6.97 20.75
N ARG B 76 -43.82 -5.95 21.37
CA ARG B 76 -44.34 -5.97 22.75
C ARG B 76 -43.27 -5.60 23.78
N LEU B 77 -43.00 -4.31 23.83
CA LEU B 77 -41.99 -3.72 24.69
C LEU B 77 -42.23 -4.10 26.15
N GLU B 78 -41.16 -4.33 26.88
CA GLU B 78 -41.22 -4.51 28.33
C GLU B 78 -40.31 -3.50 28.98
N ALA B 79 -40.65 -3.09 30.19
CA ALA B 79 -39.89 -2.07 30.94
C ALA B 79 -38.39 -2.37 31.00
N GLU B 80 -38.03 -3.63 31.25
CA GLU B 80 -36.64 -4.07 31.29
C GLU B 80 -35.87 -3.85 29.98
N ASP B 81 -36.58 -3.58 28.89
CA ASP B 81 -35.93 -3.30 27.60
C ASP B 81 -35.39 -1.87 27.49
N GLY B 82 -35.69 -1.03 28.48
CA GLY B 82 -35.15 0.33 28.53
C GLY B 82 -33.63 0.31 28.46
N ALA B 83 -33.09 0.90 27.39
CA ALA B 83 -31.67 0.81 27.09
C ALA B 83 -31.29 1.66 25.89
N THR B 84 -29.99 1.79 25.64
CA THR B 84 -29.51 2.29 24.37
C THR B 84 -29.07 1.11 23.52
N TYR B 85 -29.51 1.11 22.27
CA TYR B 85 -29.26 0.03 21.32
C TYR B 85 -28.36 0.54 20.23
N TYR B 86 -27.27 -0.20 20.00
CA TYR B 86 -26.27 0.13 18.97
C TYR B 86 -26.23 -0.94 17.88
N CYS B 87 -26.26 -0.51 16.61
CA CYS B 87 -25.91 -1.37 15.51
C CYS B 87 -24.40 -1.31 15.29
N GLN B 88 -23.86 -2.31 14.61
CA GLN B 88 -22.43 -2.43 14.40
C GLN B 88 -22.23 -3.26 13.15
N GLN B 89 -21.28 -2.84 12.33
CA GLN B 89 -20.95 -3.54 11.09
C GLN B 89 -19.59 -4.24 11.17
N TRP B 90 -19.49 -5.38 10.49
CA TRP B 90 -18.22 -6.11 10.40
C TRP B 90 -17.91 -6.41 8.93
N THR B 91 -18.06 -5.38 8.10
CA THR B 91 -17.86 -5.50 6.65
C THR B 91 -16.50 -4.95 6.22
N SER B 92 -16.09 -3.84 6.83
CA SER B 92 -14.76 -3.26 6.61
C SER B 92 -14.21 -2.70 7.91
N TYR B 93 -12.88 -2.66 8.00
CA TYR B 93 -12.20 -1.98 9.10
C TYR B 93 -12.02 -0.51 8.76
N PRO B 94 -12.10 0.39 9.77
CA PRO B 94 -12.33 0.04 11.17
C PRO B 94 -13.76 -0.40 11.42
N LEU B 95 -13.95 -1.24 12.44
CA LEU B 95 -15.28 -1.57 12.90
C LEU B 95 -15.93 -0.29 13.41
N THR B 96 -17.22 -0.12 13.13
CA THR B 96 -17.92 1.08 13.54
C THR B 96 -19.28 0.72 14.12
N PHE B 97 -19.72 1.55 15.07
CA PHE B 97 -21.03 1.45 15.69
C PHE B 97 -21.82 2.69 15.28
N GLY B 98 -23.15 2.60 15.29
CA GLY B 98 -23.99 3.78 15.19
C GLY B 98 -23.92 4.55 16.51
N ALA B 99 -24.50 5.73 16.54
CA ALA B 99 -24.47 6.57 17.75
C ALA B 99 -25.53 6.15 18.78
N GLY B 100 -26.33 5.14 18.42
CA GLY B 100 -27.30 4.56 19.34
C GLY B 100 -28.71 5.10 19.20
N THR B 101 -29.68 4.25 19.54
CA THR B 101 -31.05 4.70 19.81
C THR B 101 -31.30 4.48 21.30
N LYS B 102 -31.53 5.57 22.02
CA LYS B 102 -31.86 5.48 23.43
C LYS B 102 -33.37 5.26 23.58
N LEU B 103 -33.74 4.13 24.16
CA LEU B 103 -35.13 3.80 24.34
C LEU B 103 -35.54 3.83 25.79
N GLU B 104 -36.61 4.58 26.05
CA GLU B 104 -37.17 4.72 27.38
C GLU B 104 -38.65 4.34 27.37
N LEU B 105 -39.28 4.41 28.52
CA LEU B 105 -40.63 3.87 28.67
C LEU B 105 -41.66 4.94 28.97
N LYS B 106 -42.88 4.70 28.51
CA LYS B 106 -44.01 5.50 28.91
C LYS B 106 -44.80 4.81 30.01
N ARG B 107 -45.46 5.63 30.82
CA ARG B 107 -46.31 5.17 31.91
C ARG B 107 -47.31 6.30 32.13
N ALA B 108 -48.21 6.10 33.08
CA ALA B 108 -49.16 7.15 33.45
C ALA B 108 -48.42 8.37 34.00
N ASP B 109 -48.92 9.54 33.65
CA ASP B 109 -48.47 10.80 34.27
C ASP B 109 -48.49 10.67 35.78
N ALA B 110 -47.42 11.15 36.42
CA ALA B 110 -47.28 11.06 37.86
C ALA B 110 -46.65 12.34 38.40
N ALA B 111 -47.26 12.91 39.42
CA ALA B 111 -46.79 14.16 40.02
C ALA B 111 -45.60 13.91 40.94
N PRO B 112 -44.63 14.84 40.95
CA PRO B 112 -43.47 14.69 41.82
C PRO B 112 -43.83 14.77 43.30
N THR B 113 -43.09 14.04 44.13
CA THR B 113 -43.13 14.25 45.57
C THR B 113 -41.97 15.21 45.87
N VAL B 114 -42.29 16.34 46.49
CA VAL B 114 -41.32 17.42 46.61
C VAL B 114 -40.92 17.66 48.07
N SER B 115 -39.62 17.67 48.32
CA SER B 115 -39.10 17.91 49.66
C SER B 115 -38.01 18.98 49.66
N ILE B 116 -38.03 19.87 50.65
CA ILE B 116 -37.00 20.92 50.75
C ILE B 116 -36.15 20.75 52.01
N PHE B 117 -34.88 21.13 51.91
CA PHE B 117 -33.93 20.91 53.00
C PHE B 117 -33.04 22.13 53.18
N PRO B 118 -33.13 22.76 54.35
CA PRO B 118 -32.21 23.84 54.69
C PRO B 118 -30.76 23.35 54.79
N PRO B 119 -29.80 24.26 54.67
CA PRO B 119 -28.40 23.90 54.88
C PRO B 119 -28.24 23.19 56.24
N SER B 120 -27.41 22.17 56.29
CA SER B 120 -27.11 21.52 57.56
C SER B 120 -26.24 22.44 58.42
N SER B 121 -26.22 22.19 59.73
CA SER B 121 -25.37 22.96 60.63
C SER B 121 -23.90 22.78 60.25
N GLU B 122 -23.54 21.56 59.88
CA GLU B 122 -22.16 21.21 59.54
C GLU B 122 -21.62 21.99 58.33
N GLN B 123 -22.45 22.18 57.32
CA GLN B 123 -22.06 22.99 56.17
C GLN B 123 -21.89 24.49 56.51
N LEU B 124 -22.78 25.01 57.34
CA LEU B 124 -22.71 26.40 57.77
C LEU B 124 -21.40 26.72 58.48
N THR B 125 -20.94 25.79 59.32
CA THR B 125 -19.65 25.88 60.00
C THR B 125 -18.45 25.98 59.04
N SER B 126 -18.62 25.54 57.80
CA SER B 126 -17.57 25.65 56.78
C SER B 126 -17.68 26.93 55.93
N GLY B 127 -18.76 27.69 56.11
CA GLY B 127 -18.97 28.94 55.39
C GLY B 127 -19.80 28.86 54.11
N GLY B 128 -20.28 27.66 53.79
CA GLY B 128 -21.15 27.45 52.64
C GLY B 128 -22.57 27.12 53.09
N ALA B 129 -23.52 27.28 52.19
CA ALA B 129 -24.92 26.95 52.48
C ALA B 129 -25.66 26.43 51.25
N SER B 130 -25.96 25.13 51.26
CA SER B 130 -26.71 24.54 50.17
C SER B 130 -28.16 24.27 50.54
N VAL B 131 -29.07 24.62 49.64
CA VAL B 131 -30.48 24.32 49.82
C VAL B 131 -30.86 23.28 48.78
N VAL B 132 -31.37 22.16 49.25
CA VAL B 132 -31.64 21.00 48.40
C VAL B 132 -33.14 20.80 48.25
N CYS B 133 -33.56 20.48 47.03
N CYS B 133 -33.58 20.54 47.02
CA CYS B 133 -34.92 20.14 46.69
CA CYS B 133 -34.93 20.09 46.76
C CYS B 133 -34.89 18.80 45.93
C CYS B 133 -34.91 18.82 45.94
N PHE B 134 -35.59 17.80 46.47
CA PHE B 134 -35.77 16.53 45.77
C PHE B 134 -37.17 16.53 45.15
N LEU B 135 -37.23 16.18 43.87
CA LEU B 135 -38.50 16.05 43.17
C LEU B 135 -38.59 14.61 42.67
N ASN B 136 -39.27 13.77 43.44
CA ASN B 136 -39.20 12.31 43.27
C ASN B 136 -40.42 11.62 42.63
N ASN B 137 -40.12 10.65 41.77
CA ASN B 137 -41.10 9.73 41.20
C ASN B 137 -42.18 10.39 40.36
N PHE B 138 -41.74 11.19 39.39
CA PHE B 138 -42.68 11.86 38.50
C PHE B 138 -42.58 11.30 37.07
N TYR B 139 -43.63 11.53 36.28
CA TYR B 139 -43.63 11.24 34.85
C TYR B 139 -44.62 12.18 34.17
N PRO B 140 -44.25 12.77 33.01
CA PRO B 140 -43.04 12.62 32.17
C PRO B 140 -41.81 13.27 32.77
N LYS B 141 -40.66 13.07 32.12
CA LYS B 141 -39.38 13.60 32.63
C LYS B 141 -39.27 15.13 32.54
N ASP B 142 -40.02 15.73 31.61
CA ASP B 142 -40.05 17.18 31.44
C ASP B 142 -40.58 17.88 32.70
N ILE B 143 -39.73 18.70 33.31
CA ILE B 143 -40.07 19.39 34.55
C ILE B 143 -39.27 20.68 34.68
N ASN B 144 -39.89 21.69 35.29
CA ASN B 144 -39.22 22.96 35.49
C ASN B 144 -39.15 23.32 36.96
N VAL B 145 -37.95 23.59 37.46
CA VAL B 145 -37.75 24.02 38.84
C VAL B 145 -37.30 25.46 38.88
N LYS B 146 -37.96 26.22 39.74
CA LYS B 146 -37.62 27.61 39.93
C LYS B 146 -37.32 27.84 41.42
N TRP B 147 -36.14 28.39 41.70
CA TRP B 147 -35.79 28.81 43.04
C TRP B 147 -36.24 30.23 43.27
N LYS B 148 -36.77 30.49 44.47
CA LYS B 148 -37.13 31.84 44.87
C LYS B 148 -36.53 32.13 46.24
N ILE B 149 -36.01 33.35 46.39
CA ILE B 149 -35.50 33.82 47.67
C ILE B 149 -36.22 35.12 48.01
N ASP B 150 -36.88 35.13 49.17
CA ASP B 150 -37.65 36.29 49.65
C ASP B 150 -38.70 36.77 48.63
N GLY B 151 -39.10 35.87 47.73
CA GLY B 151 -40.05 36.20 46.67
C GLY B 151 -39.43 36.33 45.29
N SER B 152 -38.14 36.68 45.25
CA SER B 152 -37.43 36.93 43.99
C SER B 152 -36.82 35.64 43.41
N GLU B 153 -36.92 35.48 42.09
CA GLU B 153 -36.34 34.33 41.41
C GLU B 153 -34.81 34.38 41.43
N ARG B 154 -34.20 33.24 41.72
CA ARG B 154 -32.75 33.09 41.73
C ARG B 154 -32.32 32.01 40.75
N GLN B 155 -31.44 32.37 39.82
CA GLN B 155 -30.95 31.45 38.80
C GLN B 155 -29.50 31.02 39.05
N ASN B 156 -28.71 31.91 39.65
CA ASN B 156 -27.29 31.65 39.91
C ASN B 156 -27.05 30.66 41.05
N GLY B 157 -26.17 29.70 40.82
CA GLY B 157 -25.77 28.74 41.85
C GLY B 157 -26.67 27.53 41.96
N VAL B 158 -27.43 27.26 40.90
CA VAL B 158 -28.35 26.13 40.85
C VAL B 158 -27.71 25.00 40.04
N LEU B 159 -27.67 23.80 40.62
CA LEU B 159 -27.24 22.61 39.89
C LEU B 159 -28.27 21.51 39.99
N ASN B 160 -28.54 20.88 38.86
CA ASN B 160 -29.58 19.86 38.76
C ASN B 160 -29.04 18.50 38.31
N SER B 161 -29.65 17.45 38.82
CA SER B 161 -29.31 16.09 38.42
C SER B 161 -30.57 15.25 38.29
N TRP B 162 -30.67 14.52 37.18
CA TRP B 162 -31.80 13.64 36.93
C TRP B 162 -31.32 12.20 37.02
N THR B 163 -32.07 11.34 37.71
CA THR B 163 -31.76 9.90 37.69
C THR B 163 -32.15 9.28 36.34
N ASP B 164 -31.62 8.09 36.07
CA ASP B 164 -32.08 7.26 34.97
C ASP B 164 -33.50 6.84 35.29
N GLN B 165 -34.31 6.64 34.27
CA GLN B 165 -35.67 6.20 34.47
C GLN B 165 -35.66 4.92 35.32
N ASP B 166 -36.51 4.88 36.34
CA ASP B 166 -36.61 3.73 37.22
C ASP B 166 -37.06 2.48 36.45
N SER B 167 -36.29 1.42 36.57
CA SER B 167 -36.52 0.21 35.76
C SER B 167 -37.74 -0.58 36.21
N LYS B 168 -38.20 -0.33 37.44
CA LYS B 168 -39.38 -1.03 38.00
C LYS B 168 -40.69 -0.26 37.82
N ASP B 169 -40.66 1.05 38.03
CA ASP B 169 -41.89 1.86 37.92
C ASP B 169 -41.90 2.94 36.83
N SER B 170 -40.80 3.09 36.09
CA SER B 170 -40.73 4.00 34.94
C SER B 170 -40.84 5.50 35.26
N THR B 171 -40.70 5.86 36.53
CA THR B 171 -40.73 7.27 36.90
C THR B 171 -39.33 7.88 36.83
N TYR B 172 -39.27 9.21 36.88
CA TYR B 172 -38.01 9.96 36.96
C TYR B 172 -37.94 10.70 38.28
N SER B 173 -36.72 10.92 38.77
CA SER B 173 -36.52 11.77 39.93
C SER B 173 -35.49 12.85 39.59
N MET B 174 -35.53 13.96 40.32
CA MET B 174 -34.61 15.07 40.08
C MET B 174 -34.15 15.65 41.40
N SER B 175 -32.89 16.07 41.44
CA SER B 175 -32.35 16.81 42.57
C SER B 175 -31.97 18.20 42.12
N SER B 176 -32.37 19.20 42.91
CA SER B 176 -32.00 20.58 42.64
C SER B 176 -31.33 21.19 43.87
N THR B 177 -30.13 21.71 43.67
CA THR B 177 -29.35 22.29 44.76
C THR B 177 -28.97 23.74 44.49
N LEU B 178 -29.33 24.62 45.42
CA LEU B 178 -28.93 26.00 45.38
C LEU B 178 -27.77 26.22 46.35
N THR B 179 -26.62 26.62 45.83
CA THR B 179 -25.45 26.83 46.68
C THR B 179 -25.08 28.30 46.80
N LEU B 180 -25.23 28.83 48.02
CA LEU B 180 -24.82 30.19 48.33
C LEU B 180 -23.69 30.16 49.35
N THR B 181 -23.18 31.32 49.71
CA THR B 181 -22.28 31.43 50.87
C THR B 181 -23.13 31.51 52.13
N LYS B 182 -22.51 31.23 53.28
CA LYS B 182 -23.19 31.40 54.57
C LYS B 182 -23.64 32.86 54.77
N ASP B 183 -22.82 33.80 54.30
CA ASP B 183 -23.14 35.23 54.40
C ASP B 183 -24.39 35.58 53.63
N GLU B 184 -24.45 35.18 52.36
CA GLU B 184 -25.62 35.43 51.52
C GLU B 184 -26.87 34.74 52.08
N TYR B 185 -26.70 33.50 52.55
CA TYR B 185 -27.80 32.72 53.11
C TYR B 185 -28.49 33.41 54.28
N GLU B 186 -27.71 34.00 55.17
CA GLU B 186 -28.25 34.67 56.36
C GLU B 186 -28.84 36.07 56.08
N ARG B 187 -28.51 36.64 54.92
CA ARG B 187 -29.09 37.90 54.47
C ARG B 187 -30.56 37.78 54.05
N HIS B 188 -31.05 36.56 53.93
CA HIS B 188 -32.43 36.32 53.47
C HIS B 188 -33.15 35.30 54.37
N ASN B 189 -34.48 35.34 54.37
CA ASN B 189 -35.28 34.50 55.26
C ASN B 189 -36.09 33.39 54.57
N SER B 190 -36.78 33.75 53.48
CA SER B 190 -37.68 32.84 52.79
C SER B 190 -37.03 32.13 51.58
N TYR B 191 -37.03 30.81 51.62
CA TYR B 191 -36.44 30.01 50.54
C TYR B 191 -37.47 29.07 49.93
N THR B 192 -37.61 29.11 48.62
CA THR B 192 -38.65 28.35 47.95
C THR B 192 -38.19 27.60 46.71
N CYS B 193 -38.58 26.33 46.63
CA CYS B 193 -38.41 25.51 45.44
CA CYS B 193 -38.44 25.60 45.38
C CYS B 193 -39.81 25.30 44.81
N GLU B 194 -40.01 25.82 43.60
CA GLU B 194 -41.27 25.76 42.90
C GLU B 194 -41.15 24.82 41.71
N ALA B 195 -41.94 23.76 41.71
CA ALA B 195 -41.93 22.75 40.66
C ALA B 195 -43.10 22.94 39.70
N THR B 196 -42.79 23.07 38.42
CA THR B 196 -43.82 23.12 37.37
C THR B 196 -43.78 21.85 36.51
N HIS B 197 -44.89 21.12 36.54
CA HIS B 197 -45.02 19.82 35.87
C HIS B 197 -46.45 19.72 35.32
N LYS B 198 -46.62 18.99 34.22
CA LYS B 198 -47.92 18.93 33.54
C LYS B 198 -49.05 18.30 34.35
N THR B 199 -48.70 17.63 35.46
CA THR B 199 -49.69 16.93 36.29
C THR B 199 -50.68 17.86 36.98
N SER B 200 -50.17 18.90 37.63
CA SER B 200 -51.00 19.96 38.21
C SER B 200 -50.88 21.25 37.40
N THR B 201 -51.99 22.00 37.31
CA THR B 201 -51.97 23.29 36.63
C THR B 201 -51.27 24.34 37.50
N SER B 202 -51.41 24.18 38.81
CA SER B 202 -50.74 25.06 39.77
C SER B 202 -49.42 24.45 40.20
N PRO B 203 -48.38 25.28 40.35
CA PRO B 203 -47.04 24.83 40.76
C PRO B 203 -47.04 24.17 42.15
N ILE B 204 -46.21 23.14 42.31
CA ILE B 204 -46.01 22.53 43.62
C ILE B 204 -44.90 23.27 44.36
N VAL B 205 -45.27 23.91 45.46
CA VAL B 205 -44.38 24.80 46.20
C VAL B 205 -43.96 24.16 47.53
N LYS B 206 -42.66 24.09 47.75
CA LYS B 206 -42.13 23.75 49.06
C LYS B 206 -41.21 24.87 49.55
N SER B 207 -41.32 25.18 50.83
CA SER B 207 -40.69 26.38 51.37
C SER B 207 -40.38 26.29 52.86
N PHE B 208 -39.40 27.08 53.29
CA PHE B 208 -39.10 27.20 54.70
C PHE B 208 -38.60 28.62 55.01
N ASN B 209 -38.78 29.05 56.25
CA ASN B 209 -38.21 30.30 56.72
C ASN B 209 -36.97 30.02 57.57
N ARG B 210 -35.87 30.67 57.21
CA ARG B 210 -34.52 30.38 57.73
C ARG B 210 -34.46 30.10 59.23
N ASN B 211 -35.13 30.92 60.03
CA ASN B 211 -35.16 30.71 61.47
C ASN B 211 -36.56 30.36 61.98
N GLU B 212 -37.18 29.36 61.34
CA GLU B 212 -38.52 28.85 61.69
C GLU B 212 -39.44 29.89 62.37
N GLN C 1 14.72 -10.69 -10.47
CA GLN C 1 16.19 -10.91 -10.39
C GLN C 1 16.97 -10.67 -11.70
N VAL C 2 16.30 -10.84 -12.85
CA VAL C 2 16.85 -10.34 -14.12
C VAL C 2 16.78 -8.81 -14.07
N GLN C 3 17.94 -8.17 -14.10
CA GLN C 3 18.02 -6.77 -13.70
C GLN C 3 19.22 -6.03 -14.27
N LEU C 4 19.01 -4.75 -14.56
CA LEU C 4 20.10 -3.83 -14.84
C LEU C 4 20.11 -2.73 -13.78
N GLN C 5 21.26 -2.58 -13.12
CA GLN C 5 21.44 -1.57 -12.08
C GLN C 5 22.32 -0.46 -12.63
N GLN C 6 21.85 0.77 -12.52
CA GLN C 6 22.58 1.91 -13.08
C GLN C 6 23.12 2.82 -11.99
N SER C 7 24.16 3.59 -12.35
CA SER C 7 24.76 4.58 -11.45
C SER C 7 23.69 5.54 -10.94
N GLY C 8 23.89 6.02 -9.72
CA GLY C 8 23.05 7.03 -9.12
C GLY C 8 23.18 8.36 -9.85
N PRO C 9 22.37 9.35 -9.47
CA PRO C 9 22.38 10.64 -10.17
C PRO C 9 23.77 11.29 -10.14
N GLU C 10 24.20 11.83 -11.28
CA GLU C 10 25.52 12.47 -11.39
C GLU C 10 25.37 13.97 -11.57
N LEU C 11 26.09 14.74 -10.74
CA LEU C 11 26.31 16.16 -10.99
C LEU C 11 27.72 16.31 -11.56
N VAL C 12 27.80 16.82 -12.79
CA VAL C 12 29.06 16.88 -13.51
C VAL C 12 29.48 18.31 -13.81
N LYS C 13 30.70 18.67 -13.43
CA LYS C 13 31.29 19.97 -13.78
C LYS C 13 31.48 20.04 -15.29
N PRO C 14 31.08 21.16 -15.92
CA PRO C 14 31.23 21.27 -17.37
C PRO C 14 32.67 21.05 -17.79
N GLY C 15 32.87 20.16 -18.75
CA GLY C 15 34.21 19.87 -19.25
C GLY C 15 34.91 18.72 -18.53
N ALA C 16 34.38 18.28 -17.39
CA ALA C 16 34.95 17.15 -16.67
C ALA C 16 34.32 15.85 -17.12
N SER C 17 35.13 15.01 -17.77
CA SER C 17 34.68 13.73 -18.31
C SER C 17 33.97 12.89 -17.25
N VAL C 18 32.88 12.23 -17.64
CA VAL C 18 32.12 11.39 -16.71
C VAL C 18 31.92 9.99 -17.26
N LYS C 19 32.08 9.00 -16.38
CA LYS C 19 31.75 7.62 -16.70
C LYS C 19 30.56 7.15 -15.87
N ILE C 20 29.55 6.61 -16.54
CA ILE C 20 28.40 6.00 -15.87
C ILE C 20 28.31 4.50 -16.18
N SER C 21 27.63 3.76 -15.28
CA SER C 21 27.71 2.31 -15.25
C SER C 21 26.36 1.59 -15.28
N CYS C 22 26.40 0.38 -15.80
CA CYS C 22 25.22 -0.48 -15.94
C CYS C 22 25.59 -1.91 -15.57
N LYS C 23 25.29 -2.30 -14.33
CA LYS C 23 25.60 -3.64 -13.86
C LYS C 23 24.44 -4.62 -14.12
N ALA C 24 24.73 -5.66 -14.88
CA ALA C 24 23.75 -6.69 -15.20
C ALA C 24 23.84 -7.81 -14.16
N SER C 25 22.69 -8.40 -13.83
CA SER C 25 22.65 -9.61 -12.99
C SER C 25 21.42 -10.45 -13.31
N GLY C 26 21.47 -11.72 -12.94
CA GLY C 26 20.35 -12.62 -13.13
C GLY C 26 20.32 -13.23 -14.52
N TYR C 27 21.21 -12.79 -15.41
CA TYR C 27 21.35 -13.37 -16.75
C TYR C 27 22.79 -13.38 -17.25
N SER C 28 23.03 -14.07 -18.37
CA SER C 28 24.35 -14.16 -19.01
C SER C 28 24.72 -12.86 -19.74
N PHE C 29 25.55 -12.06 -19.09
CA PHE C 29 25.93 -10.72 -19.58
C PHE C 29 26.46 -10.71 -21.03
N ASN C 30 27.22 -11.74 -21.38
CA ASN C 30 27.88 -11.83 -22.67
C ASN C 30 26.92 -12.15 -23.82
N PHE C 31 25.76 -12.69 -23.47
CA PHE C 31 24.85 -13.24 -24.47
C PHE C 31 23.95 -12.22 -25.18
N TYR C 32 23.88 -11.01 -24.63
CA TYR C 32 22.94 -10.01 -25.13
C TYR C 32 23.66 -8.69 -25.37
N TRP C 33 23.36 -8.02 -26.48
CA TRP C 33 23.96 -6.71 -26.76
C TRP C 33 23.41 -5.63 -25.83
N MET C 34 24.28 -4.69 -25.45
CA MET C 34 23.90 -3.63 -24.53
C MET C 34 23.78 -2.30 -25.26
N HIS C 35 22.69 -1.60 -25.02
CA HIS C 35 22.43 -0.33 -25.71
C HIS C 35 22.34 0.80 -24.69
N TRP C 36 22.57 2.02 -25.16
CA TRP C 36 22.42 3.20 -24.32
C TRP C 36 21.53 4.19 -25.02
N VAL C 37 20.52 4.65 -24.29
CA VAL C 37 19.51 5.55 -24.82
C VAL C 37 19.51 6.85 -24.00
N LYS C 38 19.52 7.98 -24.70
CA LYS C 38 19.49 9.30 -24.06
C LYS C 38 18.08 9.85 -24.08
N GLN C 39 17.64 10.41 -22.95
CA GLN C 39 16.38 11.15 -22.92
C GLN C 39 16.53 12.53 -22.29
N ARG C 40 16.33 13.55 -23.13
CA ARG C 40 16.18 14.92 -22.67
C ARG C 40 14.70 15.30 -22.71
N PRO C 41 14.26 16.20 -21.80
CA PRO C 41 12.86 16.61 -21.82
C PRO C 41 12.48 17.22 -23.18
N GLY C 42 11.53 16.60 -23.88
CA GLY C 42 11.06 17.12 -25.18
C GLY C 42 11.93 16.78 -26.37
N GLN C 43 12.89 15.88 -26.17
CA GLN C 43 13.72 15.37 -27.27
C GLN C 43 13.56 13.85 -27.42
N GLY C 44 12.51 13.31 -26.80
CA GLY C 44 12.14 11.90 -26.95
C GLY C 44 13.29 10.98 -26.56
N LEU C 45 13.48 9.91 -27.31
CA LEU C 45 14.55 8.98 -27.02
C LEU C 45 15.53 8.98 -28.17
N GLU C 46 16.82 8.98 -27.81
CA GLU C 46 17.91 8.98 -28.78
C GLU C 46 18.82 7.81 -28.47
N TRP C 47 19.04 6.96 -29.47
CA TRP C 47 19.90 5.81 -29.36
C TRP C 47 21.38 6.25 -29.52
N ILE C 48 22.17 6.08 -28.46
CA ILE C 48 23.58 6.47 -28.49
C ILE C 48 24.42 5.45 -29.26
N GLY C 49 24.22 4.19 -28.95
CA GLY C 49 24.97 3.13 -29.59
C GLY C 49 24.83 1.86 -28.79
N MET C 50 25.56 0.84 -29.23
CA MET C 50 25.44 -0.46 -28.62
C MET C 50 26.82 -1.12 -28.57
N ILE C 51 26.93 -2.18 -27.79
CA ILE C 51 28.15 -2.97 -27.70
C ILE C 51 27.79 -4.43 -27.45
N ASP C 52 28.47 -5.33 -28.17
CA ASP C 52 28.39 -6.76 -27.96
C ASP C 52 29.41 -7.11 -26.88
N PRO C 53 28.92 -7.42 -25.65
CA PRO C 53 29.78 -7.65 -24.48
C PRO C 53 30.72 -8.83 -24.63
N SER C 54 30.37 -9.79 -25.47
CA SER C 54 31.22 -10.97 -25.69
C SER C 54 32.52 -10.64 -26.42
N GLU C 55 32.48 -9.67 -27.33
CA GLU C 55 33.62 -9.33 -28.18
C GLU C 55 34.10 -7.89 -27.96
N SER C 56 33.41 -7.15 -27.10
CA SER C 56 33.65 -5.71 -26.86
C SER C 56 33.59 -4.86 -28.13
N GLU C 57 32.93 -5.39 -29.16
CA GLU C 57 32.74 -4.66 -30.41
C GLU C 57 31.53 -3.75 -30.28
N SER C 58 31.72 -2.47 -30.58
CA SER C 58 30.65 -1.49 -30.43
C SER C 58 30.30 -0.79 -31.74
N ARG C 59 29.07 -0.31 -31.81
CA ARG C 59 28.58 0.49 -32.93
C ARG C 59 28.01 1.77 -32.32
N LEU C 60 28.50 2.92 -32.79
CA LEU C 60 28.11 4.20 -32.23
C LEU C 60 27.29 5.00 -33.23
N ASN C 61 26.18 5.57 -32.78
CA ASN C 61 25.48 6.62 -33.50
C ASN C 61 26.48 7.75 -33.80
N GLN C 62 26.63 8.14 -35.06
CA GLN C 62 27.67 9.10 -35.45
C GLN C 62 27.42 10.52 -34.92
N LYS C 63 26.18 10.82 -34.53
CA LYS C 63 25.88 12.03 -33.77
C LYS C 63 26.64 12.08 -32.45
N PHE C 64 26.96 10.92 -31.90
CA PHE C 64 27.67 10.80 -30.63
C PHE C 64 29.16 10.44 -30.80
N LYS C 65 29.64 10.59 -32.04
CA LYS C 65 31.01 10.22 -32.42
C LYS C 65 32.06 10.80 -31.48
N ASP C 66 32.02 12.12 -31.29
CA ASP C 66 33.00 12.82 -30.45
C ASP C 66 32.46 13.08 -29.04
N LYS C 67 31.55 12.22 -28.59
CA LYS C 67 30.89 12.41 -27.31
C LYS C 67 30.99 11.19 -26.39
N ALA C 68 30.61 10.02 -26.89
CA ALA C 68 30.47 8.83 -26.05
C ALA C 68 31.41 7.70 -26.41
N THR C 69 31.77 6.91 -25.38
CA THR C 69 32.63 5.75 -25.54
C THR C 69 32.04 4.62 -24.71
N LEU C 70 31.75 3.51 -25.37
CA LEU C 70 31.11 2.36 -24.74
C LEU C 70 32.14 1.27 -24.48
N THR C 71 32.13 0.75 -23.25
CA THR C 71 33.03 -0.34 -22.86
C THR C 71 32.30 -1.36 -22.02
N VAL C 72 32.94 -2.52 -21.83
CA VAL C 72 32.42 -3.54 -20.91
C VAL C 72 33.50 -4.10 -20.00
N ASP C 73 33.06 -4.61 -18.87
CA ASP C 73 33.91 -5.33 -17.94
C ASP C 73 33.24 -6.68 -17.73
N ARG C 74 33.64 -7.66 -18.55
CA ARG C 74 33.05 -8.99 -18.52
C ARG C 74 33.14 -9.65 -17.14
N SER C 75 34.28 -9.47 -16.47
CA SER C 75 34.49 -10.07 -15.14
C SER C 75 33.49 -9.59 -14.09
N SER C 76 33.02 -8.34 -14.22
CA SER C 76 32.03 -7.80 -13.28
C SER C 76 30.63 -7.61 -13.90
N SER C 77 30.43 -8.18 -15.09
CA SER C 77 29.17 -8.11 -15.82
C SER C 77 28.58 -6.70 -15.88
N THR C 78 29.42 -5.73 -16.28
CA THR C 78 29.07 -4.32 -16.24
C THR C 78 29.44 -3.60 -17.54
N ALA C 79 28.48 -2.84 -18.06
CA ALA C 79 28.68 -1.98 -19.21
C ALA C 79 28.91 -0.57 -18.70
N HIS C 80 29.73 0.18 -19.42
CA HIS C 80 30.04 1.54 -19.03
C HIS C 80 29.84 2.50 -20.19
N MET C 81 29.57 3.76 -19.86
CA MET C 81 29.59 4.80 -20.88
C MET C 81 30.22 6.09 -20.40
N GLN C 82 31.27 6.50 -21.12
CA GLN C 82 31.98 7.74 -20.84
C GLN C 82 31.53 8.87 -21.77
N LEU C 83 31.21 10.00 -21.16
CA LEU C 83 30.94 11.23 -21.90
C LEU C 83 32.12 12.18 -21.74
N SER C 84 32.73 12.56 -22.86
CA SER C 84 33.86 13.49 -22.85
C SER C 84 33.39 14.94 -22.85
N SER C 85 34.23 15.81 -22.28
CA SER C 85 33.99 17.26 -22.27
C SER C 85 32.52 17.67 -22.15
N PRO C 86 31.84 17.21 -21.07
CA PRO C 86 30.39 17.40 -20.98
C PRO C 86 29.92 18.84 -20.94
N THR C 87 28.83 19.11 -21.64
CA THR C 87 28.24 20.44 -21.69
C THR C 87 26.79 20.32 -21.20
N SER C 88 26.08 21.43 -21.10
CA SER C 88 24.68 21.35 -20.63
C SER C 88 23.77 20.51 -21.54
N GLU C 89 24.10 20.43 -22.83
CA GLU C 89 23.35 19.57 -23.74
C GLU C 89 23.46 18.07 -23.38
N ASP C 90 24.51 17.69 -22.66
CA ASP C 90 24.66 16.31 -22.17
C ASP C 90 23.82 15.98 -20.92
N SER C 91 23.20 17.00 -20.31
CA SER C 91 22.28 16.78 -19.18
C SER C 91 21.08 16.02 -19.70
N ALA C 92 20.82 14.84 -19.12
CA ALA C 92 19.76 13.96 -19.58
C ALA C 92 19.65 12.76 -18.65
N VAL C 93 18.62 11.96 -18.90
CA VAL C 93 18.52 10.65 -18.30
C VAL C 93 19.15 9.69 -19.31
N TYR C 94 20.03 8.82 -18.84
CA TYR C 94 20.66 7.82 -19.70
C TYR C 94 20.25 6.41 -19.28
N TYR C 95 19.56 5.72 -20.19
CA TYR C 95 19.21 4.31 -19.95
C TYR C 95 20.23 3.40 -20.59
N CYS C 96 20.59 2.34 -19.87
CA CYS C 96 21.14 1.17 -20.52
C CYS C 96 19.97 0.17 -20.69
N THR C 97 19.98 -0.56 -21.80
CA THR C 97 18.94 -1.53 -22.10
C THR C 97 19.51 -2.67 -22.94
N ARG C 98 19.17 -3.89 -22.54
CA ARG C 98 19.60 -5.10 -23.22
C ARG C 98 18.66 -5.36 -24.40
N SER C 99 19.19 -5.78 -25.54
CA SER C 99 18.32 -6.31 -26.60
C SER C 99 18.34 -7.84 -26.59
N ASN C 100 17.19 -8.45 -26.82
CA ASN C 100 17.09 -9.90 -26.84
C ASN C 100 18.01 -10.50 -27.91
N TYR C 101 18.65 -11.62 -27.58
CA TYR C 101 19.63 -12.24 -28.49
C TYR C 101 19.00 -12.73 -29.79
N ARG C 102 17.68 -12.93 -29.78
CA ARG C 102 16.97 -13.47 -30.96
C ARG C 102 16.02 -12.47 -31.61
N TYR C 103 15.29 -11.71 -30.80
CA TYR C 103 14.31 -10.75 -31.32
C TYR C 103 14.84 -9.34 -31.17
N ASP C 104 14.51 -8.50 -32.15
CA ASP C 104 15.00 -7.12 -32.17
C ASP C 104 14.15 -6.20 -31.27
N TYR C 105 14.21 -6.46 -29.96
CA TYR C 105 13.52 -5.61 -29.00
C TYR C 105 14.29 -5.45 -27.70
N PHE C 106 14.00 -4.36 -26.99
CA PHE C 106 14.68 -4.05 -25.75
C PHE C 106 13.89 -4.62 -24.57
N ASP C 107 14.28 -5.81 -24.13
CA ASP C 107 13.51 -6.55 -23.13
C ASP C 107 13.88 -6.28 -21.67
N VAL C 108 15.05 -5.70 -21.42
CA VAL C 108 15.42 -5.31 -20.06
C VAL C 108 15.98 -3.89 -20.12
N TRP C 109 15.48 -3.04 -19.23
CA TRP C 109 15.91 -1.65 -19.12
C TRP C 109 16.40 -1.37 -17.72
N GLY C 110 17.42 -0.51 -17.62
CA GLY C 110 17.84 0.04 -16.33
C GLY C 110 16.84 1.11 -15.93
N ALA C 111 16.93 1.58 -14.69
CA ALA C 111 16.05 2.64 -14.22
C ALA C 111 16.48 4.02 -14.75
N GLY C 112 17.63 4.10 -15.42
CA GLY C 112 18.15 5.38 -15.87
C GLY C 112 19.07 6.06 -14.87
N THR C 113 20.12 6.69 -15.41
CA THR C 113 21.00 7.54 -14.63
C THR C 113 20.79 9.00 -15.09
N THR C 114 20.34 9.86 -14.17
CA THR C 114 20.20 11.28 -14.46
C THR C 114 21.56 11.95 -14.37
N VAL C 115 21.95 12.60 -15.45
CA VAL C 115 23.19 13.36 -15.47
C VAL C 115 22.84 14.83 -15.56
N THR C 116 23.38 15.62 -14.62
CA THR C 116 23.23 17.06 -14.64
C THR C 116 24.62 17.67 -14.84
N VAL C 117 24.81 18.35 -15.97
CA VAL C 117 26.08 19.03 -16.24
C VAL C 117 25.89 20.52 -15.96
N SER C 118 26.59 21.01 -14.94
CA SER C 118 26.34 22.32 -14.39
C SER C 118 27.43 22.69 -13.37
N SER C 119 27.79 23.96 -13.37
CA SER C 119 28.72 24.50 -12.38
C SER C 119 27.97 25.16 -11.22
N ALA C 120 26.64 25.04 -11.20
CA ALA C 120 25.83 25.53 -10.10
C ALA C 120 26.22 24.84 -8.78
N LYS C 121 26.01 25.55 -7.68
CA LYS C 121 26.48 25.11 -6.37
C LYS C 121 25.55 24.12 -5.65
N THR C 122 26.14 23.04 -5.15
CA THR C 122 25.44 22.09 -4.31
C THR C 122 24.94 22.84 -3.06
N THR C 123 23.65 22.72 -2.79
CA THR C 123 23.00 23.54 -1.78
C THR C 123 21.96 22.71 -1.00
N ALA C 124 21.96 22.83 0.31
CA ALA C 124 20.99 22.13 1.15
C ALA C 124 19.64 22.84 1.10
N PRO C 125 18.54 22.06 1.07
CA PRO C 125 17.23 22.70 1.11
C PRO C 125 16.91 23.18 2.52
N SER C 126 16.05 24.18 2.64
CA SER C 126 15.40 24.44 3.92
C SER C 126 14.01 23.79 3.86
N VAL C 127 13.60 23.14 4.93
CA VAL C 127 12.35 22.38 4.97
C VAL C 127 11.35 23.03 5.93
N TYR C 128 10.25 23.51 5.36
CA TYR C 128 9.31 24.32 6.11
C TYR C 128 7.97 23.60 6.24
N PRO C 129 7.40 23.58 7.46
CA PRO C 129 6.06 23.00 7.65
C PRO C 129 4.98 23.93 7.12
N LEU C 130 3.94 23.35 6.54
CA LEU C 130 2.79 24.11 6.08
C LEU C 130 1.56 23.68 6.87
N ALA C 131 1.28 24.43 7.94
CA ALA C 131 0.11 24.20 8.78
C ALA C 131 -1.03 25.05 8.24
N PRO C 132 -2.29 24.61 8.43
CA PRO C 132 -3.43 25.37 7.94
C PRO C 132 -3.48 26.78 8.51
N VAL C 133 -4.15 27.68 7.79
CA VAL C 133 -4.43 29.03 8.28
C VAL C 133 -5.00 28.96 9.69
N CYS C 134 -4.78 30.02 10.47
CA CYS C 134 -5.06 30.07 11.90
C CYS C 134 -6.44 29.63 12.39
N GLY C 135 -7.44 30.51 12.28
CA GLY C 135 -8.77 30.28 12.87
C GLY C 135 -9.51 29.05 12.38
N GLY C 139 -15.38 22.02 7.22
CA GLY C 139 -14.71 20.98 6.45
C GLY C 139 -14.42 19.77 7.30
N SER C 140 -14.66 18.57 6.75
CA SER C 140 -14.36 17.33 7.46
C SER C 140 -12.93 16.84 7.18
N SER C 141 -12.21 17.54 6.32
CA SER C 141 -10.82 17.19 6.04
C SER C 141 -9.86 18.39 6.13
N VAL C 142 -8.59 18.08 6.33
CA VAL C 142 -7.55 19.10 6.47
C VAL C 142 -6.39 18.77 5.55
N THR C 143 -5.86 19.80 4.91
CA THR C 143 -4.69 19.66 4.08
C THR C 143 -3.50 20.31 4.76
N LEU C 144 -2.43 19.54 4.86
CA LEU C 144 -1.16 20.01 5.40
C LEU C 144 -0.11 19.92 4.30
N GLY C 145 1.03 20.56 4.52
CA GLY C 145 2.08 20.52 3.54
C GLY C 145 3.49 20.66 4.07
N CYS C 146 4.42 20.56 3.12
CA CYS C 146 5.86 20.60 3.36
CA CYS C 146 5.83 20.74 3.40
C CYS C 146 6.47 21.40 2.20
N LEU C 147 7.26 22.42 2.50
CA LEU C 147 7.96 23.15 1.47
C LEU C 147 9.45 22.82 1.57
N VAL C 148 10.00 22.26 0.50
CA VAL C 148 11.41 21.92 0.44
C VAL C 148 12.07 22.93 -0.51
N LYS C 149 12.64 23.98 0.07
CA LYS C 149 13.04 25.14 -0.73
C LYS C 149 14.54 25.34 -0.85
N GLY C 150 14.98 25.56 -2.09
CA GLY C 150 16.33 26.05 -2.38
C GLY C 150 17.44 25.03 -2.29
N TYR C 151 17.32 23.94 -3.05
CA TYR C 151 18.36 22.91 -3.04
C TYR C 151 18.95 22.67 -4.41
N PHE C 152 20.13 22.04 -4.44
CA PHE C 152 20.78 21.67 -5.71
C PHE C 152 21.85 20.62 -5.43
N PRO C 153 21.97 19.59 -6.29
CA PRO C 153 21.15 19.24 -7.46
C PRO C 153 19.92 18.44 -7.04
N GLU C 154 19.16 17.94 -8.01
CA GLU C 154 18.18 16.88 -7.79
C GLU C 154 18.93 15.58 -7.46
N PRO C 155 18.31 14.64 -6.72
CA PRO C 155 16.95 14.70 -6.21
C PRO C 155 16.86 14.87 -4.70
N VAL C 156 15.62 15.00 -4.23
CA VAL C 156 15.29 14.79 -2.82
C VAL C 156 14.25 13.69 -2.76
N THR C 157 14.07 13.10 -1.59
CA THR C 157 12.97 12.17 -1.34
C THR C 157 12.10 12.77 -0.27
N LEU C 158 10.79 12.65 -0.41
CA LEU C 158 9.87 13.14 0.60
C LEU C 158 8.85 12.06 0.92
N THR C 159 8.78 11.68 2.20
CA THR C 159 7.70 10.84 2.69
C THR C 159 6.93 11.56 3.79
N TRP C 160 5.77 11.02 4.12
CA TRP C 160 4.97 11.46 5.24
C TRP C 160 4.87 10.33 6.25
N ASN C 161 5.12 10.66 7.52
CA ASN C 161 5.11 9.68 8.61
C ASN C 161 5.91 8.42 8.28
N SER C 162 7.11 8.63 7.72
CA SER C 162 8.04 7.56 7.37
C SER C 162 7.47 6.56 6.34
N GLY C 163 6.60 7.04 5.47
CA GLY C 163 6.02 6.20 4.43
C GLY C 163 4.67 5.62 4.74
N SER C 164 4.32 5.59 6.04
CA SER C 164 3.06 5.02 6.53
C SER C 164 1.85 5.80 6.06
N LEU C 165 2.04 7.09 5.81
CA LEU C 165 0.99 7.90 5.26
C LEU C 165 1.28 8.07 3.76
N SER C 166 0.54 7.34 2.93
CA SER C 166 0.75 7.37 1.47
C SER C 166 -0.45 7.84 0.64
N SER C 167 -1.68 7.66 1.13
CA SER C 167 -2.84 8.11 0.38
C SER C 167 -3.20 9.57 0.72
N GLY C 168 -3.84 10.25 -0.22
CA GLY C 168 -4.12 11.69 -0.12
C GLY C 168 -2.87 12.58 -0.15
N VAL C 169 -1.82 12.10 -0.82
CA VAL C 169 -0.54 12.82 -0.92
C VAL C 169 -0.28 13.32 -2.34
N HIS C 170 0.11 14.59 -2.46
CA HIS C 170 0.58 15.13 -3.73
C HIS C 170 1.95 15.74 -3.55
N THR C 171 2.96 15.13 -4.16
CA THR C 171 4.32 15.66 -4.10
C THR C 171 4.62 16.24 -5.48
N PHE C 172 4.84 17.55 -5.51
CA PHE C 172 4.87 18.30 -6.77
C PHE C 172 6.26 18.29 -7.39
N PRO C 173 6.35 18.11 -8.72
CA PRO C 173 7.67 18.11 -9.35
C PRO C 173 8.43 19.37 -8.98
N ALA C 174 9.74 19.26 -8.81
CA ALA C 174 10.58 20.39 -8.45
C ALA C 174 10.59 21.44 -9.57
N VAL C 175 10.70 22.70 -9.17
CA VAL C 175 10.85 23.79 -10.15
C VAL C 175 12.20 24.42 -9.91
N LEU C 176 12.87 24.78 -11.00
CA LEU C 176 14.19 25.34 -10.94
C LEU C 176 14.16 26.84 -11.24
N GLN C 177 14.74 27.62 -10.32
CA GLN C 177 14.90 29.05 -10.52
CA GLN C 177 14.88 29.06 -10.50
C GLN C 177 16.20 29.52 -9.88
N SER C 178 16.94 30.35 -10.61
CA SER C 178 18.22 30.90 -10.13
C SER C 178 19.15 29.82 -9.56
N ASP C 179 19.29 28.69 -10.27
CA ASP C 179 20.19 27.59 -9.87
C ASP C 179 19.72 26.75 -8.67
N LEU C 180 18.50 26.98 -8.19
CA LEU C 180 17.96 26.24 -7.05
C LEU C 180 16.59 25.63 -7.32
N TYR C 181 16.39 24.45 -6.77
CA TYR C 181 15.11 23.76 -6.88
C TYR C 181 14.24 24.02 -5.67
N THR C 182 12.93 24.05 -5.92
CA THR C 182 11.94 24.09 -4.86
C THR C 182 10.90 23.03 -5.17
N LEU C 183 10.51 22.30 -4.13
CA LEU C 183 9.53 21.23 -4.24
C LEU C 183 8.51 21.43 -3.10
N SER C 184 7.25 21.05 -3.33
CA SER C 184 6.26 21.02 -2.25
C SER C 184 5.47 19.72 -2.22
N SER C 185 4.80 19.47 -1.11
CA SER C 185 4.00 18.26 -0.94
C SER C 185 2.79 18.55 -0.07
N SER C 186 1.62 18.09 -0.51
CA SER C 186 0.41 18.22 0.29
C SER C 186 0.00 16.85 0.80
N VAL C 187 -0.62 16.84 1.97
CA VAL C 187 -1.23 15.64 2.50
C VAL C 187 -2.60 16.00 3.08
N THR C 188 -3.60 15.23 2.70
CA THR C 188 -4.97 15.49 3.08
C THR C 188 -5.46 14.32 3.92
N VAL C 189 -5.93 14.64 5.13
CA VAL C 189 -6.46 13.64 6.06
C VAL C 189 -7.76 14.16 6.65
N THR C 190 -8.53 13.30 7.32
CA THR C 190 -9.74 13.72 8.02
C THR C 190 -9.41 14.73 9.13
N SER C 191 -10.34 15.64 9.41
CA SER C 191 -10.06 16.72 10.36
C SER C 191 -9.86 16.25 11.81
N SER C 192 -10.34 15.04 12.13
CA SER C 192 -10.18 14.47 13.45
C SER C 192 -8.91 13.61 13.58
N THR C 193 -8.13 13.56 12.50
CA THR C 193 -6.82 12.90 12.48
C THR C 193 -5.81 13.86 13.09
N TRP C 194 -5.72 15.05 12.50
CA TRP C 194 -4.75 16.06 12.90
C TRP C 194 -5.48 17.27 13.49
N PRO C 195 -4.90 17.88 14.55
CA PRO C 195 -3.62 17.61 15.20
C PRO C 195 -3.61 16.53 16.28
N SER C 196 -4.71 15.78 16.43
CA SER C 196 -4.76 14.66 17.39
C SER C 196 -3.60 13.70 17.19
N GLN C 197 -3.24 13.50 15.92
CA GLN C 197 -2.13 12.64 15.51
C GLN C 197 -0.97 13.46 14.94
N SER C 198 0.24 12.98 15.20
CA SER C 198 1.46 13.61 14.70
C SER C 198 1.63 13.37 13.19
N ILE C 199 1.64 14.45 12.40
CA ILE C 199 1.99 14.38 10.97
C ILE C 199 3.39 14.96 10.76
N THR C 200 4.28 14.16 10.17
CA THR C 200 5.67 14.55 9.98
C THR C 200 6.12 14.31 8.54
N CYS C 201 6.71 15.34 7.95
N CYS C 201 6.65 15.34 7.88
CA CYS C 201 7.31 15.29 6.63
CA CYS C 201 7.26 15.11 6.58
C CYS C 201 8.79 14.86 6.76
C CYS C 201 8.75 14.83 6.75
N ASN C 202 9.19 13.80 6.06
CA ASN C 202 10.56 13.31 6.12
C ASN C 202 11.24 13.57 4.79
N VAL C 203 12.30 14.39 4.84
CA VAL C 203 12.96 14.87 3.64
C VAL C 203 14.43 14.52 3.68
N ALA C 204 14.93 13.96 2.58
CA ALA C 204 16.36 13.73 2.40
C ALA C 204 16.87 14.35 1.10
N HIS C 205 18.02 14.98 1.18
CA HIS C 205 18.73 15.49 0.01
C HIS C 205 20.13 14.92 0.10
N PRO C 206 20.35 13.72 -0.48
CA PRO C 206 21.61 12.99 -0.28
C PRO C 206 22.86 13.81 -0.67
N ALA C 207 22.75 14.67 -1.69
CA ALA C 207 23.92 15.42 -2.18
C ALA C 207 24.54 16.36 -1.12
N SER C 208 23.70 16.96 -0.28
CA SER C 208 24.18 17.77 0.85
C SER C 208 24.16 17.02 2.18
N SER C 209 24.02 15.70 2.11
CA SER C 209 23.80 14.87 3.31
C SER C 209 22.72 15.44 4.24
N THR C 210 21.65 15.99 3.66
CA THR C 210 20.53 16.53 4.45
C THR C 210 19.47 15.44 4.74
N LYS C 211 19.10 15.33 6.00
CA LYS C 211 18.08 14.39 6.43
C LYS C 211 17.26 15.06 7.53
N VAL C 212 15.98 15.33 7.26
CA VAL C 212 15.20 16.17 8.17
C VAL C 212 13.74 15.70 8.32
N ASP C 213 13.32 15.59 9.57
CA ASP C 213 11.93 15.27 9.90
C ASP C 213 11.27 16.53 10.45
N LYS C 214 10.31 17.05 9.70
CA LYS C 214 9.57 18.24 10.09
C LYS C 214 8.13 17.91 10.49
N LYS C 215 7.85 18.05 11.78
CA LYS C 215 6.51 17.84 12.29
C LYS C 215 5.65 19.07 11.97
N ILE C 216 4.44 18.81 11.47
CA ILE C 216 3.48 19.88 11.23
C ILE C 216 2.74 20.17 12.54
N GLU C 217 2.93 21.37 13.06
CA GLU C 217 2.28 21.74 14.31
C GLU C 217 1.24 22.83 14.14
N PRO C 218 0.18 22.82 14.96
CA PRO C 218 -0.81 23.89 14.91
C PRO C 218 -0.13 25.23 15.14
N ARG C 219 -0.37 26.18 14.26
CA ARG C 219 0.16 27.55 14.43
C ARG C 219 -0.63 28.27 15.53
N GLY C 220 -1.93 27.96 15.59
CA GLY C 220 -2.77 28.30 16.72
C GLY C 220 -3.82 27.21 16.90
N GLN D 1 19.69 6.99 -40.67
CA GLN D 1 19.03 8.30 -40.66
C GLN D 1 17.56 8.18 -41.10
N ILE D 2 16.92 7.09 -40.69
CA ILE D 2 15.47 6.95 -40.87
C ILE D 2 14.77 7.80 -39.80
N VAL D 3 14.00 8.79 -40.26
CA VAL D 3 13.25 9.70 -39.41
C VAL D 3 11.83 9.14 -39.28
N LEU D 4 11.40 8.98 -38.03
CA LEU D 4 10.06 8.50 -37.74
C LEU D 4 9.23 9.66 -37.27
N THR D 5 8.07 9.81 -37.89
CA THR D 5 7.19 10.92 -37.58
C THR D 5 5.93 10.39 -36.93
N GLN D 6 5.76 10.76 -35.67
CA GLN D 6 4.62 10.28 -34.90
C GLN D 6 3.53 11.33 -34.80
N SER D 7 2.29 10.89 -34.91
CA SER D 7 1.15 11.78 -34.92
C SER D 7 -0.07 11.15 -34.23
N PRO D 8 -0.80 11.93 -33.41
CA PRO D 8 -0.49 13.30 -33.00
C PRO D 8 0.56 13.32 -31.89
N ALA D 9 1.18 14.46 -31.67
CA ALA D 9 2.15 14.61 -30.59
C ALA D 9 1.47 14.44 -29.22
N ILE D 10 0.30 15.06 -29.07
CA ILE D 10 -0.48 14.97 -27.84
C ILE D 10 -1.92 14.60 -28.15
N MET D 11 -2.47 13.69 -27.36
CA MET D 11 -3.90 13.40 -27.42
C MET D 11 -4.47 13.00 -26.05
N SER D 12 -5.79 13.09 -25.97
CA SER D 12 -6.51 12.64 -24.79
C SER D 12 -7.85 12.05 -25.19
N ALA D 13 -8.30 11.07 -24.43
CA ALA D 13 -9.54 10.39 -24.70
C ALA D 13 -10.06 9.85 -23.37
N PHE D 14 -11.36 9.61 -23.32
CA PHE D 14 -11.98 8.93 -22.18
C PHE D 14 -11.60 7.45 -22.21
N PRO D 15 -11.46 6.82 -21.05
CA PRO D 15 -11.43 5.37 -21.05
C PRO D 15 -12.59 4.83 -21.89
N GLY D 16 -12.38 3.67 -22.52
CA GLY D 16 -13.41 3.07 -23.36
C GLY D 16 -13.33 3.47 -24.82
N GLU D 17 -12.76 4.64 -25.09
CA GLU D 17 -12.54 5.08 -26.47
C GLU D 17 -11.47 4.25 -27.18
N SER D 18 -11.52 4.29 -28.50
CA SER D 18 -10.60 3.58 -29.35
C SER D 18 -9.69 4.62 -29.99
N VAL D 19 -8.42 4.67 -29.60
CA VAL D 19 -7.50 5.62 -30.24
C VAL D 19 -6.46 4.96 -31.13
N THR D 20 -6.13 5.66 -32.21
CA THR D 20 -5.08 5.26 -33.12
C THR D 20 -4.05 6.38 -33.25
N MET D 21 -2.78 6.03 -33.05
CA MET D 21 -1.68 6.96 -33.29
C MET D 21 -0.81 6.41 -34.41
N THR D 22 -0.24 7.29 -35.23
CA THR D 22 0.48 6.89 -36.44
C THR D 22 1.97 7.17 -36.33
N CYS D 23 2.75 6.39 -37.07
CA CYS D 23 4.18 6.51 -37.15
C CYS D 23 4.56 6.35 -38.62
N SER D 24 4.99 7.45 -39.22
CA SER D 24 5.41 7.46 -40.61
C SER D 24 6.94 7.55 -40.73
N ALA D 25 7.50 6.72 -41.61
CA ALA D 25 8.95 6.62 -41.76
C ALA D 25 9.39 7.29 -43.05
N SER D 26 10.56 7.93 -43.00
CA SER D 26 11.12 8.64 -44.16
C SER D 26 11.46 7.71 -45.33
N SER D 27 11.71 6.43 -45.01
CA SER D 27 11.83 5.38 -46.03
C SER D 27 11.37 4.03 -45.46
N SER D 28 11.35 3.00 -46.31
CA SER D 28 10.72 1.71 -45.95
C SER D 28 11.31 1.10 -44.69
N VAL D 29 10.45 0.67 -43.78
CA VAL D 29 10.89 -0.06 -42.61
C VAL D 29 10.29 -1.46 -42.57
N SER D 30 11.13 -2.44 -42.23
CA SER D 30 10.77 -3.85 -42.33
C SER D 30 9.75 -4.27 -41.29
N TYR D 31 9.91 -3.75 -40.08
CA TYR D 31 9.05 -4.02 -38.94
C TYR D 31 9.07 -2.83 -37.99
N MET D 32 7.92 -2.50 -37.41
CA MET D 32 7.87 -1.44 -36.41
C MET D 32 7.75 -2.01 -35.00
N TYR D 33 8.37 -1.33 -34.05
CA TYR D 33 8.36 -1.74 -32.64
C TYR D 33 7.78 -0.56 -31.84
N TRP D 34 7.05 -0.87 -30.77
CA TRP D 34 6.39 0.17 -29.97
C TRP D 34 6.75 0.01 -28.51
N TYR D 35 7.10 1.14 -27.89
CA TYR D 35 7.44 1.21 -26.47
C TYR D 35 6.52 2.17 -25.75
N GLN D 36 6.19 1.82 -24.52
CA GLN D 36 5.35 2.64 -23.67
C GLN D 36 6.18 3.13 -22.52
N GLN D 37 6.10 4.42 -22.26
CA GLN D 37 6.84 5.03 -21.16
C GLN D 37 5.89 5.87 -20.34
N LYS D 38 5.60 5.39 -19.14
CA LYS D 38 4.81 6.16 -18.18
C LYS D 38 5.74 7.14 -17.45
N PRO D 39 5.21 8.31 -17.03
CA PRO D 39 6.03 9.34 -16.42
C PRO D 39 6.78 8.82 -15.20
N GLY D 40 8.08 9.09 -15.14
CA GLY D 40 8.91 8.62 -14.04
C GLY D 40 9.44 7.20 -14.17
N SER D 41 9.14 6.51 -15.25
CA SER D 41 9.69 5.16 -15.42
C SER D 41 10.36 4.94 -16.78
N SER D 42 11.06 3.82 -16.92
CA SER D 42 11.76 3.47 -18.15
C SER D 42 10.77 3.05 -19.23
N PRO D 43 11.13 3.24 -20.51
CA PRO D 43 10.22 2.73 -21.56
C PRO D 43 10.10 1.21 -21.40
N ARG D 44 9.00 0.63 -21.88
CA ARG D 44 8.87 -0.82 -21.87
C ARG D 44 8.21 -1.29 -23.15
N LEU D 45 8.61 -2.49 -23.58
CA LEU D 45 8.16 -3.04 -24.85
C LEU D 45 6.68 -3.28 -24.85
N LEU D 46 6.00 -2.77 -25.87
CA LEU D 46 4.56 -3.02 -26.00
C LEU D 46 4.24 -3.98 -27.17
N ILE D 47 4.76 -3.65 -28.35
CA ILE D 47 4.56 -4.44 -29.56
C ILE D 47 5.86 -4.60 -30.34
N TYR D 48 6.10 -5.82 -30.83
CA TYR D 48 7.28 -6.10 -31.66
C TYR D 48 6.88 -6.70 -33.00
N ASP D 49 7.80 -6.65 -33.97
CA ASP D 49 7.56 -7.22 -35.30
C ASP D 49 6.21 -6.73 -35.86
N THR D 50 5.93 -5.46 -35.62
CA THR D 50 4.80 -4.73 -36.18
C THR D 50 3.48 -4.99 -35.45
N SER D 51 3.18 -6.26 -35.16
CA SER D 51 1.86 -6.65 -34.69
C SER D 51 1.84 -7.68 -33.57
N ASN D 52 3.00 -8.09 -33.08
CA ASN D 52 3.06 -9.07 -32.00
C ASN D 52 3.07 -8.37 -30.66
N LEU D 53 2.20 -8.81 -29.75
CA LEU D 53 2.10 -8.23 -28.42
C LEU D 53 3.16 -8.83 -27.53
N ALA D 54 3.85 -7.99 -26.77
CA ALA D 54 4.80 -8.43 -25.76
C ALA D 54 4.11 -9.22 -24.63
N SER D 55 4.88 -10.06 -23.96
CA SER D 55 4.35 -10.87 -22.85
C SER D 55 3.66 -9.98 -21.79
N GLY D 56 2.40 -10.29 -21.49
CA GLY D 56 1.66 -9.53 -20.49
C GLY D 56 0.88 -8.32 -20.99
N VAL D 57 1.10 -7.92 -22.24
CA VAL D 57 0.37 -6.77 -22.83
C VAL D 57 -1.06 -7.17 -23.18
N PRO D 58 -2.05 -6.45 -22.62
CA PRO D 58 -3.47 -6.78 -22.82
C PRO D 58 -3.90 -6.68 -24.29
N VAL D 59 -4.94 -7.42 -24.66
CA VAL D 59 -5.41 -7.50 -26.05
C VAL D 59 -6.04 -6.22 -26.60
N ARG D 60 -6.18 -5.20 -25.75
CA ARG D 60 -6.71 -3.91 -26.21
C ARG D 60 -5.69 -3.17 -27.10
N PHE D 61 -4.43 -3.59 -27.01
CA PHE D 61 -3.35 -2.99 -27.80
C PHE D 61 -3.17 -3.78 -29.09
N SER D 62 -3.07 -3.09 -30.22
CA SER D 62 -2.74 -3.73 -31.49
C SER D 62 -1.79 -2.87 -32.31
N GLY D 63 -0.97 -3.49 -33.14
CA GLY D 63 -0.03 -2.79 -34.00
C GLY D 63 -0.28 -3.22 -35.43
N SER D 64 -0.12 -2.28 -36.35
CA SER D 64 -0.44 -2.53 -37.75
C SER D 64 0.45 -1.70 -38.67
N GLY D 65 0.43 -2.03 -39.97
CA GLY D 65 1.09 -1.22 -40.99
C GLY D 65 2.15 -1.94 -41.83
N SER D 66 2.74 -1.21 -42.79
CA SER D 66 3.79 -1.72 -43.65
C SER D 66 4.44 -0.59 -44.45
N GLY D 67 5.65 -0.85 -44.96
CA GLY D 67 6.38 0.11 -45.78
C GLY D 67 6.80 1.31 -44.95
N THR D 68 6.17 2.46 -45.21
CA THR D 68 6.50 3.69 -44.48
C THR D 68 5.41 4.17 -43.52
N SER D 69 4.28 3.47 -43.48
CA SER D 69 3.11 3.87 -42.69
C SER D 69 2.69 2.80 -41.66
N TYR D 70 2.78 3.15 -40.37
CA TYR D 70 2.45 2.21 -39.30
C TYR D 70 1.51 2.84 -38.28
N SER D 71 0.93 2.03 -37.40
CA SER D 71 0.01 2.56 -36.38
C SER D 71 -0.07 1.69 -35.14
N LEU D 72 -0.41 2.32 -34.02
CA LEU D 72 -0.73 1.62 -32.78
C LEU D 72 -2.17 1.97 -32.44
N THR D 73 -2.96 0.96 -32.08
CA THR D 73 -4.36 1.18 -31.71
C THR D 73 -4.63 0.67 -30.30
N ILE D 74 -5.24 1.52 -29.49
CA ILE D 74 -5.73 1.10 -28.18
C ILE D 74 -7.25 1.06 -28.27
N ASN D 75 -7.79 -0.16 -28.27
CA ASN D 75 -9.21 -0.34 -28.46
C ASN D 75 -9.83 -0.57 -27.10
N ARG D 76 -10.49 0.48 -26.61
CA ARG D 76 -11.03 0.56 -25.25
C ARG D 76 -9.92 0.88 -24.24
N LEU D 77 -9.43 2.10 -24.40
CA LEU D 77 -8.49 2.73 -23.50
C LEU D 77 -8.87 2.53 -22.03
N GLU D 78 -7.85 2.38 -21.19
CA GLU D 78 -8.04 2.35 -19.75
C GLU D 78 -7.20 3.46 -19.14
N ALA D 79 -7.63 3.95 -17.98
CA ALA D 79 -6.99 5.05 -17.26
C ALA D 79 -5.48 4.88 -17.09
N GLU D 80 -5.08 3.64 -16.87
CA GLU D 80 -3.67 3.31 -16.62
C GLU D 80 -2.81 3.35 -17.88
N ASP D 81 -3.42 3.58 -19.05
CA ASP D 81 -2.68 3.60 -20.32
C ASP D 81 -2.06 4.98 -20.59
N GLY D 82 -2.30 5.93 -19.70
CA GLY D 82 -1.67 7.25 -19.78
C GLY D 82 -0.16 7.08 -19.84
N ALA D 83 0.45 7.58 -20.90
CA ALA D 83 1.87 7.38 -21.17
C ALA D 83 2.30 8.10 -22.45
N THR D 84 3.61 8.14 -22.68
CA THR D 84 4.13 8.47 -24.00
C THR D 84 4.54 7.18 -24.71
N TYR D 85 4.00 7.00 -25.91
CA TYR D 85 4.22 5.83 -26.76
C TYR D 85 5.18 6.15 -27.88
N TYR D 86 6.26 5.37 -27.97
CA TYR D 86 7.27 5.57 -29.01
C TYR D 86 7.31 4.43 -30.02
N CYS D 87 7.31 4.77 -31.31
CA CYS D 87 7.67 3.81 -32.33
C CYS D 87 9.18 3.84 -32.51
N GLN D 88 9.71 2.73 -33.01
CA GLN D 88 11.15 2.54 -33.18
C GLN D 88 11.38 1.58 -34.34
N GLN D 89 12.41 1.85 -35.13
CA GLN D 89 12.74 1.03 -36.31
C GLN D 89 14.07 0.34 -36.12
N TRP D 90 14.17 -0.90 -36.63
CA TRP D 90 15.40 -1.68 -36.60
C TRP D 90 15.76 -2.16 -38.01
N THR D 91 15.57 -1.27 -38.98
CA THR D 91 15.81 -1.54 -40.40
C THR D 91 17.19 -1.05 -40.84
N SER D 92 17.66 0.02 -40.21
CA SER D 92 19.00 0.55 -40.46
C SER D 92 19.53 1.27 -39.24
N TYR D 93 20.85 1.30 -39.08
CA TYR D 93 21.47 2.06 -38.01
C TYR D 93 21.76 3.49 -38.50
N PRO D 94 21.65 4.50 -37.59
CA PRO D 94 21.36 4.36 -36.17
C PRO D 94 19.91 3.98 -35.93
N LEU D 95 19.66 3.21 -34.87
CA LEU D 95 18.30 2.95 -34.47
C LEU D 95 17.68 4.28 -34.08
N THR D 96 16.42 4.47 -34.44
CA THR D 96 15.76 5.73 -34.19
C THR D 96 14.37 5.48 -33.66
N PHE D 97 13.90 6.42 -32.86
CA PHE D 97 12.57 6.41 -32.30
C PHE D 97 11.85 7.61 -32.86
N GLY D 98 10.52 7.54 -32.96
CA GLY D 98 9.70 8.73 -33.20
C GLY D 98 9.77 9.68 -32.00
N ALA D 99 9.24 10.87 -32.15
CA ALA D 99 9.24 11.86 -31.06
C ALA D 99 8.20 11.59 -29.95
N GLY D 100 7.36 10.57 -30.14
CA GLY D 100 6.35 10.22 -29.15
C GLY D 100 4.95 10.80 -29.36
N THR D 101 3.97 10.02 -28.93
CA THR D 101 2.61 10.49 -28.77
C THR D 101 2.32 10.39 -27.28
N LYS D 102 2.07 11.53 -26.67
CA LYS D 102 1.72 11.61 -25.26
C LYS D 102 0.21 11.49 -25.13
N LEU D 103 -0.21 10.38 -24.52
CA LEU D 103 -1.63 10.11 -24.32
C LEU D 103 -2.02 10.41 -22.88
N GLU D 104 -3.02 11.27 -22.72
CA GLU D 104 -3.62 11.53 -21.42
C GLU D 104 -5.10 11.16 -21.44
N LEU D 105 -5.73 11.16 -20.28
CA LEU D 105 -7.09 10.66 -20.13
C LEU D 105 -8.07 11.79 -19.94
N LYS D 106 -9.29 11.57 -20.42
CA LYS D 106 -10.40 12.45 -20.10
C LYS D 106 -11.21 11.84 -18.97
N ARG D 107 -11.91 12.71 -18.24
CA ARG D 107 -12.78 12.32 -17.15
C ARG D 107 -13.79 13.43 -16.92
N ALA D 108 -14.66 13.24 -15.93
CA ALA D 108 -15.61 14.28 -15.59
C ALA D 108 -14.88 15.50 -15.06
N ASP D 109 -15.36 16.65 -15.47
CA ASP D 109 -14.94 17.91 -14.86
C ASP D 109 -14.93 17.78 -13.34
N ALA D 110 -13.88 18.30 -12.70
CA ALA D 110 -13.75 18.22 -11.25
C ALA D 110 -13.17 19.52 -10.71
N ALA D 111 -13.84 20.07 -9.70
CA ALA D 111 -13.39 21.28 -9.03
C ALA D 111 -12.17 21.05 -8.14
N PRO D 112 -11.22 22.00 -8.11
CA PRO D 112 -10.07 21.89 -7.21
C PRO D 112 -10.46 22.03 -5.75
N THR D 113 -9.72 21.36 -4.86
CA THR D 113 -9.74 21.70 -3.43
C THR D 113 -8.57 22.65 -3.23
N VAL D 114 -8.86 23.83 -2.70
CA VAL D 114 -7.87 24.90 -2.64
C VAL D 114 -7.56 25.23 -1.18
N SER D 115 -6.28 25.25 -0.84
CA SER D 115 -5.83 25.57 0.51
C SER D 115 -4.71 26.61 0.44
N ILE D 116 -4.73 27.59 1.34
CA ILE D 116 -3.63 28.57 1.43
C ILE D 116 -2.81 28.37 2.71
N PHE D 117 -1.52 28.68 2.63
CA PHE D 117 -0.61 28.52 3.76
C PHE D 117 0.29 29.76 3.92
N PRO D 118 0.24 30.42 5.09
CA PRO D 118 1.13 31.52 5.41
C PRO D 118 2.57 31.05 5.55
N PRO D 119 3.55 31.98 5.45
CA PRO D 119 4.91 31.57 5.71
C PRO D 119 5.01 30.91 7.09
N SER D 120 5.84 29.89 7.18
CA SER D 120 6.15 29.27 8.45
C SER D 120 7.00 30.21 9.30
N SER D 121 6.85 30.07 10.60
CA SER D 121 7.69 30.78 11.56
C SER D 121 9.16 30.54 11.22
N GLU D 122 9.52 29.28 10.97
CA GLU D 122 10.90 28.90 10.65
C GLU D 122 11.48 29.67 9.46
N GLN D 123 10.70 29.80 8.38
CA GLN D 123 11.17 30.55 7.20
C GLN D 123 11.37 32.05 7.48
N LEU D 124 10.42 32.64 8.19
CA LEU D 124 10.50 34.05 8.53
C LEU D 124 11.82 34.44 9.23
N THR D 125 12.33 33.58 10.11
CA THR D 125 13.62 33.83 10.76
C THR D 125 14.77 33.95 9.75
N SER D 126 14.66 33.28 8.60
CA SER D 126 15.68 33.36 7.56
C SER D 126 15.62 34.66 6.75
N GLY D 127 14.64 35.50 7.02
CA GLY D 127 14.45 36.73 6.26
C GLY D 127 13.66 36.59 4.97
N GLY D 128 13.09 35.41 4.72
CA GLY D 128 12.23 35.17 3.54
C GLY D 128 10.80 34.79 3.90
N ALA D 129 9.88 34.87 2.93
CA ALA D 129 8.47 34.61 3.18
C ALA D 129 7.75 34.02 1.98
N SER D 130 7.40 32.74 2.09
CA SER D 130 6.67 32.06 1.02
C SER D 130 5.23 31.75 1.42
N VAL D 131 4.30 32.08 0.53
CA VAL D 131 2.90 31.79 0.72
C VAL D 131 2.55 30.70 -0.29
N VAL D 132 2.07 29.57 0.22
CA VAL D 132 1.83 28.40 -0.63
C VAL D 132 0.34 28.14 -0.84
N CYS D 133 0.00 27.82 -2.07
CA CYS D 133 -1.38 27.46 -2.41
CA CYS D 133 -1.35 27.40 -2.37
C CYS D 133 -1.41 26.10 -3.12
N PHE D 134 -2.16 25.15 -2.56
CA PHE D 134 -2.36 23.86 -3.23
C PHE D 134 -3.73 23.86 -3.89
N LEU D 135 -3.76 23.43 -5.15
CA LEU D 135 -5.00 23.28 -5.90
C LEU D 135 -5.12 21.81 -6.36
N ASN D 136 -5.92 21.02 -5.65
CA ASN D 136 -5.83 19.56 -5.74
C ASN D 136 -7.04 18.86 -6.34
N ASN D 137 -6.76 17.84 -7.15
CA ASN D 137 -7.76 16.90 -7.67
C ASN D 137 -8.78 17.52 -8.60
N PHE D 138 -8.30 18.23 -9.62
CA PHE D 138 -9.18 18.91 -10.56
C PHE D 138 -9.03 18.42 -12.00
N TYR D 139 -10.03 18.72 -12.82
CA TYR D 139 -10.04 18.36 -14.24
C TYR D 139 -11.06 19.26 -14.93
N PRO D 140 -10.70 19.82 -16.11
CA PRO D 140 -9.47 19.63 -16.90
C PRO D 140 -8.23 20.34 -16.35
N LYS D 141 -7.10 20.10 -17.02
CA LYS D 141 -5.77 20.54 -16.58
C LYS D 141 -5.60 22.07 -16.48
N ASP D 142 -6.21 22.79 -17.42
CA ASP D 142 -6.12 24.24 -17.44
C ASP D 142 -6.78 24.84 -16.21
N ILE D 143 -6.03 25.71 -15.52
CA ILE D 143 -6.53 26.37 -14.33
C ILE D 143 -5.84 27.72 -14.20
N ASN D 144 -6.60 28.73 -13.76
CA ASN D 144 -6.13 30.10 -13.64
CA ASN D 144 -6.09 30.09 -13.64
C ASN D 144 -5.89 30.47 -12.17
N VAL D 145 -4.66 30.83 -11.83
CA VAL D 145 -4.32 31.20 -10.45
C VAL D 145 -3.77 32.60 -10.41
N LYS D 146 -4.40 33.44 -9.59
CA LYS D 146 -3.93 34.81 -9.37
C LYS D 146 -3.65 35.01 -7.90
N TRP D 147 -2.51 35.64 -7.62
CA TRP D 147 -2.19 36.09 -6.28
C TRP D 147 -2.59 37.55 -6.16
N LYS D 148 -3.24 37.88 -5.06
CA LYS D 148 -3.56 39.27 -4.74
C LYS D 148 -2.99 39.61 -3.38
N ILE D 149 -2.44 40.82 -3.28
CA ILE D 149 -1.91 41.35 -2.03
C ILE D 149 -2.59 42.68 -1.77
N ASP D 150 -3.30 42.77 -0.65
CA ASP D 150 -4.11 43.96 -0.33
C ASP D 150 -4.98 44.43 -1.51
N GLY D 151 -5.50 43.47 -2.28
CA GLY D 151 -6.39 43.77 -3.40
C GLY D 151 -5.75 43.78 -4.78
N SER D 152 -4.45 44.06 -4.82
CA SER D 152 -3.70 44.20 -6.08
C SER D 152 -3.07 42.89 -6.55
N GLU D 153 -3.13 42.64 -7.86
CA GLU D 153 -2.51 41.43 -8.42
C GLU D 153 -1.00 41.45 -8.30
N ARG D 154 -0.45 40.33 -7.86
CA ARG D 154 0.98 40.16 -7.70
C ARG D 154 1.45 39.05 -8.64
N GLN D 155 2.44 39.34 -9.47
CA GLN D 155 2.97 38.36 -10.42
C GLN D 155 4.43 38.01 -10.16
N ASN D 156 5.17 38.96 -9.61
CA ASN D 156 6.58 38.74 -9.23
C ASN D 156 6.73 37.76 -8.07
N GLY D 157 7.57 36.74 -8.27
CA GLY D 157 7.94 35.79 -7.23
C GLY D 157 7.03 34.59 -7.13
N VAL D 158 6.24 34.35 -8.18
CA VAL D 158 5.31 33.24 -8.24
C VAL D 158 5.91 32.07 -9.05
N LEU D 159 5.94 30.88 -8.42
CA LEU D 159 6.32 29.64 -9.12
C LEU D 159 5.24 28.58 -9.02
N ASN D 160 4.97 27.92 -10.13
CA ASN D 160 3.88 26.97 -10.25
C ASN D 160 4.37 25.60 -10.68
N SER D 161 3.76 24.56 -10.11
CA SER D 161 4.13 23.19 -10.46
C SER D 161 2.88 22.34 -10.56
N TRP D 162 2.79 21.57 -11.63
CA TRP D 162 1.64 20.69 -11.88
C TRP D 162 2.13 19.25 -11.72
N THR D 163 1.30 18.40 -11.12
CA THR D 163 1.61 16.98 -11.07
C THR D 163 1.31 16.30 -12.40
N ASP D 164 1.88 15.12 -12.63
CA ASP D 164 1.45 14.26 -13.74
C ASP D 164 0.03 13.84 -13.46
N GLN D 165 -0.76 13.57 -14.50
CA GLN D 165 -2.13 13.14 -14.32
C GLN D 165 -2.17 11.90 -13.42
N ASP D 166 -3.08 11.92 -12.46
CA ASP D 166 -3.28 10.76 -11.59
C ASP D 166 -3.69 9.51 -12.37
N SER D 167 -2.95 8.42 -12.18
CA SER D 167 -3.19 7.20 -12.95
C SER D 167 -4.45 6.44 -12.50
N LYS D 168 -4.98 6.79 -11.33
CA LYS D 168 -6.18 6.14 -10.78
C LYS D 168 -7.46 6.94 -10.99
N ASP D 169 -7.40 8.27 -10.84
CA ASP D 169 -8.62 9.07 -10.97
C ASP D 169 -8.59 10.13 -12.06
N SER D 170 -7.45 10.22 -12.77
CA SER D 170 -7.28 11.09 -13.93
C SER D 170 -7.40 12.59 -13.62
N THR D 171 -7.28 12.94 -12.35
CA THR D 171 -7.25 14.35 -11.97
C THR D 171 -5.84 14.91 -12.09
N TYR D 172 -5.74 16.23 -11.97
CA TYR D 172 -4.48 16.94 -11.88
C TYR D 172 -4.46 17.72 -10.57
N SER D 173 -3.26 18.05 -10.12
CA SER D 173 -3.08 18.91 -8.97
C SER D 173 -2.00 19.93 -9.26
N MET D 174 -2.02 21.03 -8.53
CA MET D 174 -1.12 22.13 -8.81
C MET D 174 -0.71 22.77 -7.50
N SER D 175 0.53 23.24 -7.45
N SER D 175 0.54 23.23 -7.45
CA SER D 175 1.03 24.01 -6.32
CA SER D 175 1.02 24.02 -6.32
C SER D 175 1.56 25.34 -6.82
C SER D 175 1.50 25.35 -6.86
N SER D 176 1.18 26.42 -6.14
CA SER D 176 1.62 27.75 -6.50
C SER D 176 2.22 28.44 -5.28
N THR D 177 3.46 28.91 -5.43
CA THR D 177 4.17 29.54 -4.32
C THR D 177 4.56 30.98 -4.66
N LEU D 178 4.10 31.91 -3.83
CA LEU D 178 4.53 33.29 -3.92
C LEU D 178 5.63 33.52 -2.90
N THR D 179 6.81 33.92 -3.36
CA THR D 179 7.94 34.15 -2.44
C THR D 179 8.32 35.62 -2.42
N LEU D 180 8.31 36.19 -1.22
CA LEU D 180 8.74 37.56 -0.97
C LEU D 180 9.80 37.58 0.11
N THR D 181 10.47 38.71 0.24
CA THR D 181 11.31 38.97 1.41
C THR D 181 10.38 39.14 2.62
N LYS D 182 10.89 38.86 3.81
CA LYS D 182 10.14 39.08 5.06
C LYS D 182 9.77 40.57 5.22
N ASP D 183 10.64 41.47 4.76
CA ASP D 183 10.36 42.90 4.76
C ASP D 183 9.14 43.26 3.92
N GLU D 184 9.07 42.70 2.71
CA GLU D 184 7.94 42.97 1.83
C GLU D 184 6.66 42.39 2.40
N TYR D 185 6.73 41.14 2.83
CA TYR D 185 5.61 40.45 3.46
C TYR D 185 4.99 41.25 4.62
N GLU D 186 5.83 41.92 5.40
CA GLU D 186 5.35 42.65 6.58
C GLU D 186 4.74 44.02 6.27
N ARG D 187 5.00 44.53 5.07
CA ARG D 187 4.42 45.81 4.62
C ARG D 187 2.98 45.65 4.10
N HIS D 188 2.47 44.42 4.13
CA HIS D 188 1.11 44.16 3.63
C HIS D 188 0.35 43.22 4.55
N ASN D 189 -0.98 43.16 4.37
CA ASN D 189 -1.83 42.42 5.30
C ASN D 189 -2.62 41.26 4.69
N SER D 190 -3.28 41.52 3.56
CA SER D 190 -4.22 40.57 2.97
C SER D 190 -3.57 39.79 1.83
N TYR D 191 -3.46 38.46 2.01
CA TYR D 191 -2.88 37.57 0.99
C TYR D 191 -3.91 36.59 0.49
N THR D 192 -4.14 36.63 -0.81
CA THR D 192 -5.20 35.84 -1.45
C THR D 192 -4.70 34.99 -2.61
N CYS D 193 -5.08 33.69 -2.58
CA CYS D 193 -4.95 32.78 -3.69
CA CYS D 193 -4.98 32.78 -3.72
C CYS D 193 -6.33 32.69 -4.36
N GLU D 194 -6.40 33.11 -5.62
CA GLU D 194 -7.65 33.08 -6.34
C GLU D 194 -7.57 32.18 -7.57
N ALA D 195 -8.41 31.14 -7.60
CA ALA D 195 -8.43 30.18 -8.70
C ALA D 195 -9.70 30.27 -9.53
N THR D 196 -9.52 30.29 -10.84
CA THR D 196 -10.62 30.23 -11.79
CA THR D 196 -10.63 30.20 -11.78
C THR D 196 -10.45 28.95 -12.60
N HIS D 197 -11.53 28.17 -12.68
CA HIS D 197 -11.53 26.89 -13.36
C HIS D 197 -12.86 26.73 -14.10
N LYS D 198 -12.84 25.97 -15.18
CA LYS D 198 -14.06 25.62 -15.91
C LYS D 198 -15.26 25.26 -15.01
N THR D 199 -14.98 24.69 -13.84
CA THR D 199 -16.02 24.20 -12.93
C THR D 199 -16.57 25.32 -12.05
N SER D 200 -15.81 26.42 -11.98
CA SER D 200 -16.12 27.52 -11.08
C SER D 200 -17.35 28.26 -11.50
N THR D 201 -18.32 28.31 -10.59
CA THR D 201 -19.49 29.14 -10.74
C THR D 201 -19.15 30.52 -10.18
N SER D 202 -18.09 30.55 -9.37
CA SER D 202 -17.45 31.76 -8.88
C SER D 202 -15.97 31.45 -8.63
N PRO D 203 -15.10 32.48 -8.73
CA PRO D 203 -13.71 32.26 -8.37
C PRO D 203 -13.60 31.68 -6.96
N ILE D 204 -12.72 30.71 -6.77
CA ILE D 204 -12.42 30.16 -5.45
C ILE D 204 -11.35 31.04 -4.81
N VAL D 205 -11.68 31.60 -3.66
CA VAL D 205 -10.86 32.60 -3.00
C VAL D 205 -10.43 32.07 -1.63
N LYS D 206 -9.14 31.79 -1.48
CA LYS D 206 -8.58 31.44 -0.17
C LYS D 206 -7.64 32.55 0.30
N SER D 207 -7.92 33.05 1.49
CA SER D 207 -7.21 34.21 2.03
C SER D 207 -6.82 34.06 3.49
N PHE D 208 -5.87 34.89 3.90
CA PHE D 208 -5.58 35.17 5.30
C PHE D 208 -5.04 36.58 5.45
N ASN D 209 -5.17 37.11 6.67
CA ASN D 209 -4.53 38.36 7.03
C ASN D 209 -3.29 38.08 7.85
N ARG D 210 -2.20 38.75 7.50
CA ARG D 210 -0.93 38.56 8.19
C ARG D 210 -1.03 38.90 9.66
N ASN D 211 -1.60 40.07 9.97
CA ASN D 211 -1.64 40.57 11.35
C ASN D 211 -2.49 39.69 12.26
N GLU D 212 -3.30 38.83 11.65
CA GLU D 212 -4.09 37.85 12.40
C GLU D 212 -3.30 36.54 12.56
N PRO E 2 21.13 2.21 -46.84
CA PRO E 2 21.88 1.56 -47.91
C PRO E 2 22.54 0.28 -47.39
N GLN E 3 22.88 0.26 -46.11
CA GLN E 3 23.50 -0.89 -45.49
C GLN E 3 22.49 -2.03 -45.38
N GLN E 4 22.89 -3.22 -45.79
CA GLN E 4 22.06 -4.41 -45.64
C GLN E 4 22.44 -5.18 -44.38
N LEU E 5 21.48 -5.34 -43.47
CA LEU E 5 21.71 -6.06 -42.23
C LEU E 5 21.72 -7.57 -42.46
N SER E 6 22.66 -8.24 -41.80
CA SER E 6 22.85 -9.67 -41.97
C SER E 6 22.39 -10.40 -40.71
N PRO E 7 22.02 -11.70 -40.84
CA PRO E 7 21.98 -12.51 -42.07
C PRO E 7 20.74 -12.29 -42.95
N ILE E 8 20.67 -12.99 -44.08
CA ILE E 8 19.53 -12.90 -45.00
C ILE E 8 19.12 -14.28 -45.52
N ASN E 9 17.95 -14.36 -46.14
CA ASN E 9 17.59 -15.51 -46.98
C ASN E 9 18.02 -15.20 -48.41
N ILE E 10 18.74 -16.13 -49.02
CA ILE E 10 19.11 -16.01 -50.42
C ILE E 10 18.09 -16.71 -51.34
N GLU E 11 17.30 -15.90 -52.04
CA GLU E 11 16.37 -16.40 -53.06
C GLU E 11 17.15 -16.66 -54.33
N THR E 12 17.47 -17.93 -54.59
CA THR E 12 18.31 -18.29 -55.75
C THR E 12 17.76 -17.76 -57.07
N LYS E 13 16.44 -17.74 -57.23
CA LYS E 13 15.79 -17.24 -58.44
C LYS E 13 15.98 -15.73 -58.66
N LYS E 14 16.17 -14.98 -57.58
CA LYS E 14 16.40 -13.53 -57.66
C LYS E 14 17.87 -13.14 -57.77
N ALA E 15 18.77 -14.09 -57.46
CA ALA E 15 20.21 -13.86 -57.57
C ALA E 15 20.60 -13.49 -59.00
N ILE E 16 21.59 -12.60 -59.14
CA ILE E 16 22.05 -12.15 -60.46
C ILE E 16 23.44 -12.70 -60.73
N SER E 17 23.61 -13.39 -61.86
CA SER E 17 24.92 -13.90 -62.26
C SER E 17 25.86 -12.75 -62.58
N ASN E 18 27.14 -12.94 -62.25
CA ASN E 18 28.13 -11.87 -62.36
C ASN E 18 29.49 -12.42 -62.77
N ALA E 19 30.01 -11.88 -63.88
CA ALA E 19 31.35 -12.23 -64.37
C ALA E 19 32.44 -11.99 -63.32
N ARG E 20 32.29 -10.93 -62.52
CA ARG E 20 33.18 -10.63 -61.40
C ARG E 20 33.37 -11.82 -60.47
N LEU E 21 32.31 -12.58 -60.22
CA LEU E 21 32.35 -13.74 -59.32
C LEU E 21 33.01 -14.96 -59.97
N LYS E 22 34.28 -14.80 -60.32
CA LYS E 22 35.12 -15.87 -60.87
C LYS E 22 35.37 -16.94 -59.78
N PRO E 23 36.07 -18.04 -60.14
CA PRO E 23 36.36 -19.06 -59.12
C PRO E 23 37.31 -18.54 -58.04
N LEU E 24 37.03 -18.90 -56.79
CA LEU E 24 37.84 -18.44 -55.66
C LEU E 24 39.14 -19.22 -55.55
N ASP E 25 40.21 -18.49 -55.20
CA ASP E 25 41.49 -19.09 -54.88
C ASP E 25 41.58 -19.07 -53.37
N ILE E 26 41.45 -20.25 -52.75
CA ILE E 26 41.51 -20.37 -51.30
C ILE E 26 42.82 -21.02 -50.87
N HIS E 27 43.61 -20.27 -50.12
CA HIS E 27 44.95 -20.71 -49.68
C HIS E 27 45.02 -20.95 -48.17
N TYR E 28 44.44 -22.06 -47.73
CA TYR E 28 44.40 -22.36 -46.29
C TYR E 28 45.51 -23.27 -45.80
N ASN E 29 46.28 -23.84 -46.72
CA ASN E 29 47.39 -24.73 -46.37
C ASN E 29 48.41 -24.07 -45.41
N GLU E 30 48.57 -22.75 -45.54
CA GLU E 30 49.49 -21.99 -44.69
C GLU E 30 48.82 -21.35 -43.46
N SER E 31 47.56 -21.71 -43.21
CA SER E 31 46.86 -21.28 -42.00
C SER E 31 47.04 -22.28 -40.87
N LYS E 32 47.31 -21.77 -39.67
CA LYS E 32 47.46 -22.61 -38.48
C LYS E 32 46.62 -22.04 -37.34
N PRO E 33 45.76 -22.87 -36.72
CA PRO E 33 44.97 -22.38 -35.59
C PRO E 33 45.89 -22.01 -34.42
N THR E 34 45.60 -20.88 -33.76
CA THR E 34 46.39 -20.44 -32.62
C THR E 34 45.65 -20.76 -31.32
N THR E 35 44.60 -19.99 -31.02
CA THR E 35 43.76 -20.25 -29.85
C THR E 35 42.29 -20.44 -30.19
N ILE E 36 41.60 -21.16 -29.32
CA ILE E 36 40.15 -21.37 -29.43
C ILE E 36 39.46 -20.78 -28.18
N GLN E 37 38.36 -20.06 -28.40
CA GLN E 37 37.67 -19.36 -27.32
C GLN E 37 36.19 -19.70 -27.19
N ASN E 38 35.74 -19.76 -25.94
CA ASN E 38 34.34 -19.62 -25.61
C ASN E 38 34.08 -18.17 -25.21
N THR E 39 33.38 -17.43 -26.06
CA THR E 39 33.13 -16.00 -25.82
C THR E 39 31.90 -15.77 -24.93
N GLY E 40 31.29 -16.86 -24.47
CA GLY E 40 30.03 -16.81 -23.77
C GLY E 40 28.85 -16.85 -24.72
N LYS E 41 29.09 -16.45 -25.97
CA LYS E 41 28.03 -16.44 -26.99
C LYS E 41 28.25 -17.51 -28.07
N LEU E 42 29.51 -17.79 -28.38
CA LEU E 42 29.83 -18.71 -29.47
C LEU E 42 31.26 -19.22 -29.35
N VAL E 43 31.60 -20.19 -30.18
CA VAL E 43 32.98 -20.64 -30.28
C VAL E 43 33.75 -19.89 -31.38
N ARG E 44 34.90 -19.37 -30.98
CA ARG E 44 35.78 -18.62 -31.86
C ARG E 44 37.13 -19.32 -31.94
N ILE E 45 37.60 -19.60 -33.16
CA ILE E 45 38.98 -20.05 -33.37
C ILE E 45 39.81 -18.99 -34.10
N ASN E 46 40.99 -18.68 -33.56
CA ASN E 46 41.91 -17.75 -34.19
C ASN E 46 42.95 -18.46 -35.06
N PHE E 47 43.46 -17.75 -36.07
CA PHE E 47 44.42 -18.32 -37.02
C PHE E 47 45.60 -17.41 -37.30
N LYS E 48 46.76 -18.01 -37.54
CA LYS E 48 47.92 -17.31 -38.09
C LYS E 48 48.15 -17.86 -39.49
N GLY E 49 48.29 -16.96 -40.45
CA GLY E 49 48.50 -17.34 -41.85
C GLY E 49 47.24 -17.76 -42.56
N GLY E 50 47.33 -17.92 -43.87
CA GLY E 50 46.17 -18.26 -44.70
C GLY E 50 45.53 -17.04 -45.31
N TYR E 51 44.96 -17.20 -46.51
CA TYR E 51 44.33 -16.10 -47.24
C TYR E 51 43.44 -16.58 -48.37
N ILE E 52 42.53 -15.70 -48.81
CA ILE E 52 41.73 -15.96 -50.01
C ILE E 52 42.11 -15.00 -51.12
N SER E 53 41.89 -15.44 -52.36
CA SER E 53 42.23 -14.64 -53.54
C SER E 53 41.29 -14.99 -54.69
N GLY E 54 41.49 -14.32 -55.84
CA GLY E 54 40.64 -14.53 -57.01
C GLY E 54 39.23 -13.98 -56.81
N GLY E 55 38.26 -14.61 -57.46
CA GLY E 55 36.86 -14.19 -57.37
C GLY E 55 36.68 -12.74 -57.78
N PHE E 56 35.95 -12.00 -56.94
CA PHE E 56 35.70 -10.58 -57.17
C PHE E 56 36.72 -9.71 -56.43
N LEU E 57 37.61 -10.33 -55.66
CA LEU E 57 38.49 -9.63 -54.74
C LEU E 57 39.46 -8.70 -55.44
N PRO E 58 39.65 -7.47 -54.89
CA PRO E 58 40.63 -6.52 -55.39
C PRO E 58 42.06 -7.04 -55.26
N ASN E 59 42.30 -7.80 -54.19
CA ASN E 59 43.60 -8.38 -53.86
C ASN E 59 43.38 -9.51 -52.84
N GLU E 60 44.46 -9.98 -52.22
CA GLU E 60 44.34 -11.01 -51.18
C GLU E 60 43.79 -10.45 -49.88
N TYR E 61 42.91 -11.23 -49.23
CA TYR E 61 42.43 -10.94 -47.88
C TYR E 61 42.91 -12.03 -46.95
N VAL E 62 43.56 -11.63 -45.87
CA VAL E 62 44.17 -12.57 -44.93
C VAL E 62 43.15 -13.10 -43.92
N LEU E 63 43.17 -14.41 -43.70
CA LEU E 63 42.31 -15.06 -42.70
C LEU E 63 42.61 -14.56 -41.28
N SER E 64 41.56 -14.35 -40.50
CA SER E 64 41.68 -13.89 -39.12
C SER E 64 41.12 -14.88 -38.10
N SER E 65 39.84 -15.21 -38.26
CA SER E 65 39.11 -16.00 -37.27
C SER E 65 37.99 -16.83 -37.87
N LEU E 66 37.49 -17.75 -37.05
CA LEU E 66 36.41 -18.64 -37.39
C LEU E 66 35.38 -18.57 -36.26
N HIS E 67 34.09 -18.51 -36.61
CA HIS E 67 33.00 -18.44 -35.64
C HIS E 67 31.94 -19.48 -35.97
N ILE E 68 31.37 -20.12 -34.96
CA ILE E 68 30.42 -21.22 -35.18
C ILE E 68 29.07 -20.89 -34.54
N TYR E 69 28.01 -20.98 -35.35
CA TYR E 69 26.63 -20.76 -34.89
C TYR E 69 25.80 -22.05 -34.98
N TRP E 70 24.88 -22.22 -34.03
CA TRP E 70 24.00 -23.38 -34.01
C TRP E 70 22.67 -23.02 -33.33
N GLY E 71 21.67 -23.89 -33.49
CA GLY E 71 20.37 -23.74 -32.83
C GLY E 71 20.14 -24.82 -31.80
N LYS E 72 18.95 -24.83 -31.20
CA LYS E 72 18.58 -25.86 -30.21
C LYS E 72 18.31 -27.17 -30.91
N GLU E 73 17.78 -27.06 -32.12
CA GLU E 73 17.40 -28.22 -32.93
C GLU E 73 18.40 -28.44 -34.06
N ASP E 74 18.75 -29.71 -34.30
CA ASP E 74 19.64 -30.09 -35.39
C ASP E 74 19.21 -29.55 -36.75
N ASP E 75 17.90 -29.40 -36.95
CA ASP E 75 17.39 -29.03 -38.27
C ASP E 75 17.26 -27.51 -38.50
N TYR E 76 17.66 -26.72 -37.51
CA TYR E 76 17.42 -25.28 -37.54
C TYR E 76 18.42 -24.50 -36.70
N GLY E 77 19.57 -24.17 -37.27
CA GLY E 77 20.61 -23.52 -36.51
C GLY E 77 21.62 -22.66 -37.24
N SER E 78 21.43 -22.46 -38.54
CA SER E 78 22.31 -21.54 -39.29
C SER E 78 21.79 -20.09 -39.19
N ASN E 79 22.59 -19.14 -39.66
CA ASN E 79 22.15 -17.75 -39.71
C ASN E 79 21.49 -17.44 -41.04
N HIS E 80 22.25 -17.68 -42.11
CA HIS E 80 21.80 -17.53 -43.49
C HIS E 80 20.88 -18.67 -43.92
N LEU E 81 20.04 -18.38 -44.91
CA LEU E 81 19.13 -19.34 -45.51
C LEU E 81 19.25 -19.27 -47.03
N ILE E 82 19.06 -20.41 -47.68
CA ILE E 82 19.02 -20.51 -49.13
C ILE E 82 17.65 -21.05 -49.52
N ASP E 83 16.86 -20.21 -50.18
CA ASP E 83 15.49 -20.55 -50.57
C ASP E 83 14.64 -20.99 -49.37
N VAL E 84 14.70 -20.19 -48.31
CA VAL E 84 13.98 -20.43 -47.05
C VAL E 84 14.44 -21.74 -46.36
N TYR E 85 15.55 -22.32 -46.80
CA TYR E 85 16.10 -23.53 -46.15
C TYR E 85 17.18 -23.15 -45.13
N LYS E 86 16.92 -23.47 -43.87
CA LYS E 86 17.91 -23.26 -42.82
C LYS E 86 18.63 -24.57 -42.56
N TYR E 87 19.95 -24.49 -42.42
CA TYR E 87 20.79 -25.65 -42.20
C TYR E 87 20.92 -25.91 -40.70
N SER E 88 21.75 -26.87 -40.33
CA SER E 88 21.91 -27.28 -38.92
C SER E 88 22.73 -26.29 -38.10
N GLY E 89 23.68 -25.63 -38.76
CA GLY E 89 24.57 -24.66 -38.14
C GLY E 89 25.33 -23.89 -39.20
N GLU E 90 26.10 -22.89 -38.78
CA GLU E 90 26.88 -22.07 -39.71
C GLU E 90 28.26 -21.73 -39.14
N ILE E 91 29.29 -21.90 -39.98
CA ILE E 91 30.66 -21.48 -39.67
C ILE E 91 30.98 -20.22 -40.47
N ASN E 92 31.50 -19.20 -39.79
CA ASN E 92 31.96 -17.99 -40.45
C ASN E 92 33.49 -17.86 -40.40
N LEU E 93 34.09 -17.65 -41.57
CA LEU E 93 35.53 -17.43 -41.68
C LEU E 93 35.77 -15.97 -42.03
N VAL E 94 36.39 -15.23 -41.11
CA VAL E 94 36.59 -13.80 -41.27
C VAL E 94 37.97 -13.51 -41.86
N HIS E 95 37.98 -12.77 -42.97
CA HIS E 95 39.21 -12.36 -43.65
C HIS E 95 39.19 -10.86 -43.75
N TRP E 96 40.37 -10.24 -43.74
CA TRP E 96 40.46 -8.78 -43.80
C TRP E 96 41.51 -8.24 -44.76
N ASN E 97 41.26 -7.02 -45.25
CA ASN E 97 42.09 -6.35 -46.26
C ASN E 97 43.37 -5.76 -45.69
N LYS E 98 44.33 -6.62 -45.37
CA LYS E 98 45.62 -6.21 -44.83
C LYS E 98 46.45 -5.36 -45.81
N LYS E 99 46.29 -5.58 -47.11
CA LYS E 99 47.06 -4.85 -48.12
C LYS E 99 46.69 -3.35 -48.16
N LYS E 100 45.40 -3.04 -48.04
CA LYS E 100 44.93 -1.65 -48.06
C LYS E 100 45.09 -0.97 -46.69
N TYR E 101 44.62 -1.65 -45.65
CA TYR E 101 44.58 -1.09 -44.29
C TYR E 101 45.64 -1.73 -43.40
N SER E 102 46.21 -0.94 -42.49
CA SER E 102 47.35 -1.38 -41.69
C SER E 102 46.99 -2.44 -40.64
N SER E 103 45.78 -2.33 -40.08
CA SER E 103 45.35 -3.22 -39.01
C SER E 103 43.92 -3.67 -39.20
N TYR E 104 43.50 -4.63 -38.37
CA TYR E 104 42.15 -5.16 -38.39
C TYR E 104 41.13 -4.12 -37.91
N GLU E 105 41.51 -3.34 -36.91
CA GLU E 105 40.68 -2.28 -36.36
C GLU E 105 40.36 -1.18 -37.39
N GLU E 106 41.30 -0.93 -38.30
CA GLU E 106 41.08 0.04 -39.36
C GLU E 106 40.24 -0.53 -40.50
N ALA E 107 40.43 -1.81 -40.80
CA ALA E 107 39.68 -2.49 -41.87
C ALA E 107 38.18 -2.61 -41.58
N LYS E 108 37.83 -2.79 -40.31
CA LYS E 108 36.44 -2.81 -39.81
C LYS E 108 35.58 -1.62 -40.20
N LYS E 109 36.23 -0.48 -40.42
CA LYS E 109 35.53 0.80 -40.64
C LYS E 109 35.16 1.04 -42.11
N HIS E 110 35.54 0.11 -42.98
CA HIS E 110 35.36 0.26 -44.42
C HIS E 110 34.61 -0.91 -45.05
N ASP E 111 33.84 -0.64 -46.10
CA ASP E 111 33.02 -1.66 -46.75
C ASP E 111 33.82 -2.66 -47.59
N ASP E 112 35.05 -2.28 -47.94
CA ASP E 112 35.99 -3.18 -48.61
C ASP E 112 37.01 -3.80 -47.64
N GLY E 113 36.74 -3.70 -46.34
CA GLY E 113 37.71 -4.14 -45.33
C GLY E 113 37.60 -5.59 -44.88
N LEU E 114 36.39 -6.16 -44.96
CA LEU E 114 36.11 -7.50 -44.38
C LEU E 114 35.38 -8.43 -45.35
N ILE E 115 35.82 -9.69 -45.41
CA ILE E 115 35.14 -10.70 -46.22
C ILE E 115 34.92 -11.96 -45.38
N ILE E 116 33.66 -12.37 -45.24
CA ILE E 116 33.32 -13.54 -44.43
C ILE E 116 32.77 -14.65 -45.30
N ILE E 117 33.35 -15.85 -45.16
CA ILE E 117 32.87 -17.02 -45.85
C ILE E 117 31.94 -17.79 -44.91
N SER E 118 30.80 -18.22 -45.46
CA SER E 118 29.87 -19.08 -44.76
C SER E 118 29.95 -20.49 -45.32
N ILE E 119 30.15 -21.43 -44.40
CA ILE E 119 30.07 -22.86 -44.70
C ILE E 119 28.96 -23.40 -43.82
N PHE E 120 27.90 -23.91 -44.44
CA PHE E 120 26.78 -24.48 -43.68
C PHE E 120 27.14 -25.86 -43.14
N LEU E 121 26.61 -26.16 -41.95
CA LEU E 121 26.70 -27.48 -41.36
C LEU E 121 25.36 -28.16 -41.54
N GLN E 122 25.38 -29.36 -42.09
CA GLN E 122 24.19 -30.20 -42.20
C GLN E 122 24.39 -31.46 -41.36
N VAL E 123 23.49 -31.68 -40.41
CA VAL E 123 23.56 -32.87 -39.57
C VAL E 123 23.00 -34.08 -40.34
N LEU E 124 23.83 -35.12 -40.47
CA LEU E 124 23.45 -36.38 -41.10
C LEU E 124 24.01 -37.55 -40.30
N ASP E 125 23.81 -38.77 -40.79
CA ASP E 125 24.31 -39.94 -40.09
C ASP E 125 25.75 -40.26 -40.50
N HIS E 126 26.56 -39.21 -40.62
CA HIS E 126 27.97 -39.32 -41.02
C HIS E 126 28.86 -38.52 -40.08
N LYS E 127 29.83 -39.19 -39.47
CA LYS E 127 30.80 -38.51 -38.59
C LYS E 127 31.90 -37.85 -39.41
N ASN E 128 32.10 -36.56 -39.16
CA ASN E 128 33.09 -35.76 -39.86
C ASN E 128 34.40 -35.73 -39.06
N VAL E 129 35.42 -36.42 -39.58
CA VAL E 129 36.71 -36.57 -38.86
C VAL E 129 37.50 -35.25 -38.72
N TYR E 130 37.27 -34.33 -39.66
CA TYR E 130 37.96 -33.05 -39.68
C TYR E 130 37.30 -32.05 -38.73
N PHE E 131 35.97 -32.03 -38.72
CA PHE E 131 35.18 -31.20 -37.81
C PHE E 131 35.37 -31.67 -36.37
N GLN E 132 35.65 -32.96 -36.21
CA GLN E 132 35.88 -33.59 -34.90
C GLN E 132 37.02 -32.93 -34.14
N LYS E 133 38.01 -32.42 -34.87
CA LYS E 133 39.18 -31.77 -34.25
C LYS E 133 38.79 -30.51 -33.46
N ILE E 134 37.74 -29.82 -33.91
CA ILE E 134 37.18 -28.69 -33.17
C ILE E 134 36.42 -29.17 -31.93
N VAL E 135 35.58 -30.19 -32.12
CA VAL E 135 34.82 -30.80 -31.02
C VAL E 135 35.76 -31.23 -29.90
N ASN E 136 36.90 -31.82 -30.27
CA ASN E 136 37.92 -32.25 -29.29
C ASN E 136 38.37 -31.10 -28.36
N GLN E 137 38.32 -29.88 -28.88
CA GLN E 137 38.78 -28.72 -28.12
C GLN E 137 37.79 -28.22 -27.07
N LEU E 138 36.52 -28.59 -27.23
CA LEU E 138 35.42 -27.98 -26.47
C LEU E 138 35.51 -28.16 -24.96
N ASP E 139 36.00 -29.32 -24.53
CA ASP E 139 36.25 -29.60 -23.11
C ASP E 139 37.12 -28.52 -22.49
N SER E 140 38.10 -28.03 -23.26
CA SER E 140 39.08 -27.07 -22.74
C SER E 140 38.53 -25.64 -22.62
N ILE E 141 37.36 -25.39 -23.23
CA ILE E 141 36.68 -24.09 -23.16
C ILE E 141 35.22 -24.19 -22.69
N ARG E 142 34.95 -25.05 -21.72
CA ARG E 142 33.60 -25.21 -21.17
C ARG E 142 33.03 -23.88 -20.66
N SER E 143 33.81 -23.20 -19.82
CA SER E 143 33.41 -21.95 -19.20
C SER E 143 33.45 -20.77 -20.18
N ALA E 144 32.59 -19.78 -19.95
CA ALA E 144 32.60 -18.54 -20.72
C ALA E 144 33.79 -17.67 -20.31
N ASN E 145 34.24 -16.81 -21.23
CA ASN E 145 35.47 -16.03 -21.04
C ASN E 145 36.70 -16.93 -20.90
N THR E 146 36.71 -18.05 -21.63
CA THR E 146 37.81 -19.00 -21.57
C THR E 146 38.53 -19.10 -22.91
N SER E 147 39.85 -19.26 -22.84
CA SER E 147 40.69 -19.40 -24.02
C SER E 147 41.75 -20.47 -23.78
N ALA E 148 41.93 -21.35 -24.77
CA ALA E 148 42.91 -22.42 -24.69
C ALA E 148 43.70 -22.49 -25.99
N PRO E 149 44.96 -22.98 -25.92
CA PRO E 149 45.69 -23.21 -27.17
C PRO E 149 45.05 -24.38 -27.92
N PHE E 150 44.76 -24.18 -29.21
CA PHE E 150 44.19 -25.21 -30.05
C PHE E 150 45.10 -26.45 -30.03
N ASP E 151 44.56 -27.58 -29.57
CA ASP E 151 45.35 -28.79 -29.33
C ASP E 151 45.46 -29.69 -30.56
N SER E 152 46.70 -30.00 -30.94
CA SER E 152 47.02 -30.92 -32.05
C SER E 152 46.65 -30.40 -33.45
N VAL E 153 46.67 -31.31 -34.43
CA VAL E 153 46.65 -30.96 -35.86
C VAL E 153 45.26 -30.59 -36.36
N PHE E 154 45.22 -29.62 -37.29
CA PHE E 154 43.99 -29.19 -37.92
C PHE E 154 44.29 -28.41 -39.20
N TYR E 155 43.71 -28.86 -40.31
CA TYR E 155 43.78 -28.14 -41.59
C TYR E 155 42.42 -27.56 -41.96
N LEU E 156 42.32 -26.23 -41.90
CA LEU E 156 41.06 -25.55 -42.22
C LEU E 156 40.55 -25.90 -43.63
N ASP E 157 41.47 -26.17 -44.55
CA ASP E 157 41.15 -26.57 -45.91
C ASP E 157 40.16 -27.72 -45.94
N ASN E 158 40.28 -28.63 -44.97
CA ASN E 158 39.43 -29.81 -44.90
C ASN E 158 37.99 -29.52 -44.52
N LEU E 159 37.70 -28.28 -44.14
CA LEU E 159 36.33 -27.90 -43.84
C LEU E 159 35.61 -27.25 -45.03
N LEU E 160 36.29 -27.13 -46.16
CA LEU E 160 35.68 -26.56 -47.37
C LEU E 160 34.67 -27.53 -47.99
N PRO E 161 33.51 -27.01 -48.45
CA PRO E 161 32.46 -27.82 -49.08
C PRO E 161 32.94 -28.47 -50.37
N SER E 162 32.36 -29.62 -50.72
CA SER E 162 32.74 -30.37 -51.92
C SER E 162 32.42 -29.61 -53.19
N LYS E 163 31.48 -28.67 -53.10
CA LYS E 163 31.20 -27.74 -54.20
C LYS E 163 31.42 -26.29 -53.77
N LEU E 164 32.07 -25.51 -54.63
CA LEU E 164 32.55 -24.20 -54.23
C LEU E 164 31.96 -23.02 -55.02
N ASP E 165 30.88 -23.27 -55.76
CA ASP E 165 30.05 -22.19 -56.27
C ASP E 165 29.49 -21.41 -55.07
N TYR E 166 29.25 -20.12 -55.26
CA TYR E 166 28.91 -19.25 -54.12
C TYR E 166 28.02 -18.06 -54.49
N PHE E 167 27.38 -17.52 -53.46
CA PHE E 167 26.69 -16.26 -53.56
C PHE E 167 27.50 -15.22 -52.79
N THR E 168 27.43 -13.97 -53.25
CA THR E 168 27.96 -12.85 -52.47
C THR E 168 26.95 -11.74 -52.36
N TYR E 169 27.07 -11.00 -51.28
CA TYR E 169 26.37 -9.75 -51.11
C TYR E 169 27.12 -8.94 -50.06
N LEU E 170 26.98 -7.63 -50.17
CA LEU E 170 27.52 -6.69 -49.21
C LEU E 170 26.54 -6.54 -48.06
N GLY E 171 26.97 -6.98 -46.87
CA GLY E 171 26.11 -6.93 -45.69
C GLY E 171 26.83 -6.37 -44.48
N THR E 172 26.66 -7.05 -43.34
CA THR E 172 27.25 -6.65 -42.06
C THR E 172 27.75 -7.89 -41.33
N THR E 173 28.58 -7.68 -40.31
CA THR E 173 28.91 -8.77 -39.37
C THR E 173 27.60 -9.17 -38.69
N ILE E 174 27.59 -10.35 -38.07
CA ILE E 174 26.38 -10.89 -37.44
C ILE E 174 25.93 -10.02 -36.26
N ASN E 175 26.90 -9.47 -35.53
CA ASN E 175 26.63 -8.51 -34.46
C ASN E 175 26.41 -7.05 -34.91
N HIS E 176 26.42 -6.82 -36.23
CA HIS E 176 26.11 -5.50 -36.85
C HIS E 176 27.10 -4.35 -36.56
N SER E 177 28.23 -4.64 -35.93
CA SER E 177 29.22 -3.59 -35.61
C SER E 177 30.01 -3.13 -36.82
N ALA E 178 29.93 -3.87 -37.92
CA ALA E 178 30.71 -3.51 -39.12
C ALA E 178 30.13 -4.04 -40.43
N ASP E 179 30.41 -3.30 -41.51
CA ASP E 179 30.20 -3.78 -42.88
C ASP E 179 30.97 -5.06 -43.14
N ALA E 180 30.44 -5.88 -44.05
CA ALA E 180 31.12 -7.11 -44.46
C ALA E 180 30.53 -7.63 -45.76
N VAL E 181 31.41 -7.99 -46.70
CA VAL E 181 31.01 -8.78 -47.86
C VAL E 181 30.96 -10.24 -47.42
N TRP E 182 29.87 -10.92 -47.77
CA TRP E 182 29.70 -12.32 -47.48
C TRP E 182 29.98 -13.16 -48.72
N ILE E 183 30.64 -14.30 -48.51
CA ILE E 183 30.71 -15.35 -49.52
C ILE E 183 30.01 -16.57 -48.95
N ILE E 184 28.96 -17.02 -49.62
CA ILE E 184 28.09 -18.05 -49.07
C ILE E 184 28.03 -19.27 -49.97
N PHE E 185 28.56 -20.40 -49.47
CA PHE E 185 28.52 -21.66 -50.21
C PHE E 185 27.20 -22.38 -49.95
N PRO E 186 26.41 -22.60 -51.01
CA PRO E 186 25.14 -23.33 -50.88
C PRO E 186 25.31 -24.80 -50.46
N THR E 187 26.45 -25.41 -50.81
CA THR E 187 26.71 -26.80 -50.45
C THR E 187 27.26 -26.92 -49.02
N PRO E 188 26.53 -27.62 -48.14
CA PRO E 188 26.97 -27.75 -46.75
C PRO E 188 28.07 -28.79 -46.61
N ILE E 189 28.76 -28.80 -45.48
CA ILE E 189 29.54 -29.99 -45.09
C ILE E 189 28.76 -30.74 -44.02
N ASN E 190 28.80 -32.06 -44.11
CA ASN E 190 27.98 -32.93 -43.27
C ASN E 190 28.69 -33.30 -41.96
N ILE E 191 27.92 -33.32 -40.88
CA ILE E 191 28.43 -33.68 -39.55
C ILE E 191 27.44 -34.61 -38.82
N HIS E 192 27.82 -35.10 -37.65
CA HIS E 192 26.96 -36.01 -36.85
C HIS E 192 26.24 -35.26 -35.74
N SER E 193 24.99 -35.64 -35.48
CA SER E 193 24.20 -35.01 -34.41
C SER E 193 24.98 -34.89 -33.08
N ASP E 194 25.66 -35.97 -32.69
CA ASP E 194 26.48 -35.99 -31.48
C ASP E 194 27.60 -34.94 -31.51
N GLN E 195 28.22 -34.76 -32.68
CA GLN E 195 29.28 -33.73 -32.85
C GLN E 195 28.78 -32.33 -32.54
N LEU E 196 27.60 -31.99 -33.05
CA LEU E 196 26.99 -30.67 -32.81
C LEU E 196 26.53 -30.49 -31.36
N SER E 197 26.00 -31.55 -30.75
CA SER E 197 25.44 -31.43 -29.39
C SER E 197 26.51 -31.11 -28.34
N LYS E 198 27.78 -31.41 -28.65
CA LYS E 198 28.90 -31.07 -27.76
C LYS E 198 29.01 -29.56 -27.53
N PHE E 199 28.62 -28.77 -28.53
CA PHE E 199 28.59 -27.30 -28.44
C PHE E 199 27.51 -26.81 -27.48
N ARG E 200 26.37 -27.51 -27.49
CA ARG E 200 25.21 -27.17 -26.67
C ARG E 200 25.47 -27.35 -25.16
N THR E 201 26.59 -27.98 -24.80
CA THR E 201 26.94 -28.18 -23.40
C THR E 201 28.00 -27.18 -22.89
N LEU E 202 28.32 -26.18 -23.71
CA LEU E 202 29.20 -25.09 -23.29
C LEU E 202 28.45 -24.14 -22.38
N LEU E 203 29.15 -23.58 -21.39
CA LEU E 203 28.52 -22.63 -20.48
C LEU E 203 28.56 -21.22 -21.05
N SER E 204 27.47 -20.49 -20.85
CA SER E 204 27.42 -19.07 -21.23
C SER E 204 27.82 -18.19 -20.04
N LEU E 205 28.15 -18.84 -18.92
CA LEU E 205 28.63 -18.15 -17.73
C LEU E 205 30.06 -18.55 -17.41
N HIS E 213 23.28 -23.22 -17.35
CA HIS E 213 23.26 -22.04 -18.22
C HIS E 213 24.04 -22.31 -19.51
N TYR E 214 23.48 -23.20 -20.34
CA TYR E 214 24.15 -23.68 -21.53
C TYR E 214 23.90 -22.77 -22.74
N ILE E 215 24.86 -22.72 -23.66
CA ILE E 215 24.65 -22.09 -24.97
C ILE E 215 23.91 -23.08 -25.87
N THR E 216 22.58 -23.09 -25.74
CA THR E 216 21.76 -24.07 -26.44
C THR E 216 21.47 -23.65 -27.88
N GLU E 217 21.59 -22.36 -28.15
CA GLU E 217 21.40 -21.77 -29.48
C GLU E 217 22.05 -20.38 -29.51
N ASN E 218 22.55 -19.98 -30.68
CA ASN E 218 23.12 -18.65 -30.84
C ASN E 218 22.92 -18.04 -32.22
N TYR E 219 22.06 -18.63 -33.04
CA TYR E 219 21.90 -18.12 -34.41
C TYR E 219 21.09 -16.81 -34.41
N ARG E 220 21.11 -16.13 -35.55
CA ARG E 220 20.27 -14.94 -35.75
C ARG E 220 19.28 -15.18 -36.89
N ASN E 221 18.10 -14.58 -36.76
CA ASN E 221 17.06 -14.58 -37.81
C ASN E 221 17.49 -13.72 -39.02
N PRO E 222 16.94 -14.02 -40.21
CA PRO E 222 17.32 -13.21 -41.38
C PRO E 222 16.56 -11.90 -41.48
N TYR E 223 17.19 -10.93 -42.14
CA TYR E 223 16.57 -9.64 -42.39
C TYR E 223 16.06 -9.62 -43.82
N LYS E 224 14.94 -8.93 -44.02
CA LYS E 224 14.42 -8.65 -45.36
C LYS E 224 15.48 -7.89 -46.13
N LEU E 225 15.62 -8.23 -47.41
CA LEU E 225 16.51 -7.51 -48.33
C LEU E 225 15.98 -6.12 -48.62
N ASN E 226 16.89 -5.13 -48.65
CA ASN E 226 16.58 -3.81 -49.18
C ASN E 226 16.44 -3.92 -50.70
N ASP E 227 15.54 -3.13 -51.27
CA ASP E 227 15.37 -3.09 -52.73
C ASP E 227 16.70 -2.91 -53.45
N ASP E 228 17.60 -2.16 -52.81
CA ASP E 228 18.94 -1.86 -53.32
C ASP E 228 19.87 -3.08 -53.28
N THR E 229 19.76 -3.90 -52.24
CA THR E 229 20.64 -5.06 -52.06
C THR E 229 20.56 -6.02 -53.24
N GLU E 230 21.71 -6.31 -53.83
CA GLU E 230 21.81 -7.34 -54.85
C GLU E 230 22.62 -8.52 -54.35
N VAL E 231 22.10 -9.72 -54.56
CA VAL E 231 22.86 -10.94 -54.29
C VAL E 231 23.36 -11.50 -55.61
N TYR E 232 24.66 -11.76 -55.69
CA TYR E 232 25.27 -12.33 -56.90
C TYR E 232 25.60 -13.81 -56.76
N TYR E 233 25.53 -14.52 -57.89
CA TYR E 233 25.90 -15.93 -57.97
C TYR E 233 27.05 -16.13 -58.95
N SER E 234 28.00 -16.97 -58.55
CA SER E 234 29.21 -17.25 -59.34
C SER E 234 28.95 -18.06 -60.61
N GLY E 235 27.82 -18.78 -60.64
CA GLY E 235 27.43 -19.58 -61.79
C GLY E 235 26.29 -18.97 -62.58
N GLU E 236 25.39 -19.82 -63.09
CA GLU E 236 24.28 -19.39 -63.94
C GLU E 236 22.97 -20.13 -63.61
N GLN F 3 -9.86 -4.00 1.39
CA GLN F 3 -11.29 -3.59 1.57
C GLN F 3 -12.23 -4.81 1.67
N GLN F 4 -11.75 -5.97 1.22
CA GLN F 4 -12.49 -7.25 1.30
C GLN F 4 -11.94 -8.14 2.42
N LEU F 5 -12.79 -8.52 3.37
CA LEU F 5 -12.38 -9.35 4.48
C LEU F 5 -12.26 -10.81 4.05
N SER F 6 -11.17 -11.43 4.47
CA SER F 6 -10.87 -12.81 4.10
C SER F 6 -11.17 -13.76 5.26
N PRO F 7 -11.45 -15.05 4.96
CA PRO F 7 -11.49 -15.67 3.64
C PRO F 7 -12.85 -15.48 2.96
N ILE F 8 -12.97 -16.03 1.75
CA ILE F 8 -14.21 -15.96 0.98
C ILE F 8 -14.51 -17.29 0.31
N ASN F 9 -15.76 -17.45 -0.13
CA ASN F 9 -16.10 -18.46 -1.13
C ASN F 9 -15.80 -17.84 -2.48
N ILE F 10 -14.98 -18.51 -3.29
CA ILE F 10 -14.72 -18.07 -4.65
C ILE F 10 -15.79 -18.69 -5.56
N GLU F 11 -16.59 -17.85 -6.21
CA GLU F 11 -17.56 -18.31 -7.20
C GLU F 11 -16.91 -18.29 -8.58
N THR F 12 -16.64 -19.47 -9.11
CA THR F 12 -15.98 -19.62 -10.41
C THR F 12 -16.79 -18.96 -11.52
N LYS F 13 -18.12 -19.02 -11.38
CA LYS F 13 -19.02 -18.43 -12.36
C LYS F 13 -18.95 -16.90 -12.40
N LYS F 14 -18.40 -16.30 -11.34
CA LYS F 14 -18.26 -14.83 -11.26
C LYS F 14 -16.82 -14.32 -11.51
N ALA F 15 -15.85 -15.23 -11.43
CA ALA F 15 -14.43 -14.87 -11.65
C ALA F 15 -14.16 -14.25 -13.02
N ILE F 16 -13.28 -13.25 -13.05
CA ILE F 16 -12.91 -12.58 -14.29
C ILE F 16 -11.64 -13.20 -14.88
N SER F 17 -11.77 -13.76 -16.08
CA SER F 17 -10.65 -14.42 -16.74
C SER F 17 -9.61 -13.41 -17.24
N ASN F 18 -8.43 -13.43 -16.61
CA ASN F 18 -7.28 -12.67 -17.10
C ASN F 18 -6.32 -13.57 -17.88
N ALA F 19 -6.63 -13.80 -19.16
CA ALA F 19 -5.87 -14.72 -20.01
C ALA F 19 -4.83 -14.01 -20.88
N ARG F 20 -4.15 -13.03 -20.28
CA ARG F 20 -3.08 -12.27 -20.94
C ARG F 20 -1.93 -11.95 -19.97
N LEU F 21 -2.03 -12.47 -18.74
CA LEU F 21 -1.03 -12.26 -17.70
C LEU F 21 0.25 -13.05 -17.94
N LYS F 22 1.37 -12.50 -17.48
CA LYS F 22 2.62 -13.24 -17.40
C LYS F 22 2.42 -14.46 -16.49
N PRO F 23 3.09 -15.60 -16.80
CA PRO F 23 2.94 -16.78 -15.94
C PRO F 23 3.55 -16.56 -14.55
N LEU F 24 3.07 -17.30 -13.56
CA LEU F 24 3.59 -17.14 -12.20
C LEU F 24 4.89 -17.89 -12.00
N ASP F 25 5.90 -17.18 -11.51
CA ASP F 25 7.25 -17.69 -11.38
C ASP F 25 7.57 -17.96 -9.89
N ILE F 26 7.63 -19.24 -9.53
CA ILE F 26 7.90 -19.64 -8.15
C ILE F 26 9.34 -20.16 -7.96
N HIS F 27 10.10 -19.47 -7.13
CA HIS F 27 11.50 -19.84 -6.85
C HIS F 27 11.70 -20.25 -5.38
N TYR F 28 11.35 -21.49 -5.06
CA TYR F 28 11.55 -21.99 -3.70
C TYR F 28 12.80 -22.87 -3.56
N ASN F 29 13.58 -22.97 -4.64
CA ASN F 29 14.81 -23.77 -4.64
C ASN F 29 15.81 -23.33 -3.57
N GLU F 30 15.84 -22.03 -3.29
CA GLU F 30 16.73 -21.48 -2.28
C GLU F 30 16.00 -21.16 -0.96
N SER F 31 14.80 -21.69 -0.78
CA SER F 31 14.06 -21.53 0.47
C SER F 31 14.51 -22.54 1.52
N LYS F 32 14.85 -22.04 2.70
CA LYS F 32 15.26 -22.91 3.81
C LYS F 32 14.43 -22.59 5.06
N PRO F 33 13.89 -23.64 5.71
CA PRO F 33 13.11 -23.40 6.94
C PRO F 33 14.02 -23.12 8.13
N THR F 34 13.78 -22.01 8.81
CA THR F 34 14.56 -21.66 10.00
C THR F 34 13.95 -22.31 11.24
N THR F 35 12.78 -21.83 11.65
CA THR F 35 12.17 -22.29 12.88
C THR F 35 10.69 -22.63 12.70
N ILE F 36 10.15 -23.43 13.61
CA ILE F 36 8.73 -23.79 13.61
C ILE F 36 8.08 -23.40 14.94
N GLN F 37 6.87 -22.84 14.86
CA GLN F 37 6.16 -22.34 16.03
C GLN F 37 4.81 -23.01 16.23
N ASN F 38 4.46 -23.26 17.49
CA ASN F 38 3.08 -23.50 17.89
C ASN F 38 2.61 -22.22 18.57
N THR F 39 1.77 -21.45 17.87
CA THR F 39 1.37 -20.14 18.36
C THR F 39 0.23 -20.20 19.38
N GLY F 40 -0.35 -21.39 19.56
CA GLY F 40 -1.52 -21.58 20.39
C GLY F 40 -2.78 -21.65 19.56
N LYS F 41 -2.67 -21.21 18.32
CA LYS F 41 -3.81 -21.18 17.40
C LYS F 41 -3.54 -21.92 16.09
N LEU F 42 -2.28 -21.93 15.64
CA LEU F 42 -1.91 -22.53 14.36
C LEU F 42 -0.44 -22.91 14.32
N VAL F 43 -0.03 -23.56 13.23
CA VAL F 43 1.39 -23.87 13.00
C VAL F 43 2.01 -22.84 12.06
N ARG F 44 3.14 -22.27 12.48
CA ARG F 44 3.90 -21.34 11.66
C ARG F 44 5.31 -21.88 11.42
N ILE F 45 5.70 -21.98 10.15
CA ILE F 45 7.06 -22.32 9.77
C ILE F 45 7.71 -21.11 9.11
N ASN F 46 8.77 -20.62 9.73
CA ASN F 46 9.50 -19.46 9.21
C ASN F 46 10.55 -19.86 8.19
N PHE F 47 10.76 -19.01 7.19
CA PHE F 47 11.72 -19.31 6.14
C PHE F 47 12.73 -18.19 5.91
N LYS F 48 13.90 -18.55 5.36
CA LYS F 48 14.83 -17.60 4.81
C LYS F 48 15.09 -17.96 3.35
N GLY F 49 15.01 -16.95 2.48
CA GLY F 49 15.25 -17.14 1.06
C GLY F 49 14.03 -17.61 0.30
N GLY F 50 14.05 -17.42 -1.01
CA GLY F 50 12.93 -17.80 -1.86
C GLY F 50 12.02 -16.64 -2.13
N TYR F 51 11.47 -16.60 -3.35
CA TYR F 51 10.60 -15.49 -3.76
C TYR F 51 9.63 -15.91 -4.86
N ILE F 52 8.65 -15.05 -5.14
CA ILE F 52 7.72 -15.24 -6.25
C ILE F 52 7.71 -14.01 -7.15
N SER F 53 7.57 -14.23 -8.45
CA SER F 53 7.48 -13.13 -9.42
C SER F 53 6.29 -13.33 -10.35
N GLY F 54 5.76 -12.22 -10.88
CA GLY F 54 4.42 -12.18 -11.48
C GLY F 54 4.33 -12.95 -12.77
N GLY F 55 3.12 -13.15 -13.30
CA GLY F 55 1.87 -12.77 -12.66
C GLY F 55 1.43 -11.33 -12.80
N PHE F 56 0.62 -10.88 -11.85
CA PHE F 56 0.18 -9.50 -11.76
CA PHE F 56 0.16 -9.50 -11.72
C PHE F 56 1.23 -8.66 -11.04
N LEU F 57 2.16 -9.32 -10.36
CA LEU F 57 3.18 -8.70 -9.52
C LEU F 57 4.00 -7.62 -10.23
N PRO F 58 4.11 -6.43 -9.60
CA PRO F 58 4.87 -5.32 -10.19
C PRO F 58 6.37 -5.59 -10.09
N ASN F 59 6.73 -6.42 -9.11
CA ASN F 59 8.11 -6.86 -8.86
C ASN F 59 8.02 -8.09 -7.97
N GLU F 60 9.16 -8.70 -7.66
CA GLU F 60 9.20 -9.91 -6.84
C GLU F 60 8.89 -9.66 -5.34
N TYR F 61 8.40 -10.70 -4.68
CA TYR F 61 8.06 -10.69 -3.26
C TYR F 61 8.74 -11.87 -2.56
N VAL F 62 9.46 -11.59 -1.49
CA VAL F 62 10.22 -12.64 -0.80
C VAL F 62 9.35 -13.43 0.17
N LEU F 63 9.58 -14.73 0.21
CA LEU F 63 8.90 -15.63 1.15
C LEU F 63 9.38 -15.39 2.58
N SER F 64 8.45 -15.25 3.51
CA SER F 64 8.82 -15.11 4.92
C SER F 64 8.29 -16.25 5.81
N SER F 65 7.11 -16.78 5.52
CA SER F 65 6.51 -17.83 6.36
C SER F 65 5.35 -18.62 5.75
N LEU F 66 5.05 -19.74 6.42
CA LEU F 66 3.98 -20.68 6.07
C LEU F 66 3.09 -20.84 7.30
N HIS F 67 1.78 -20.92 7.06
CA HIS F 67 0.77 -21.06 8.11
C HIS F 67 -0.20 -22.19 7.74
N ILE F 68 -0.61 -22.99 8.73
CA ILE F 68 -1.48 -24.15 8.48
C ILE F 68 -2.80 -24.06 9.24
N TYR F 69 -3.90 -24.39 8.54
CA TYR F 69 -5.25 -24.35 9.09
C TYR F 69 -5.96 -25.68 8.90
N TRP F 70 -6.84 -26.01 9.85
CA TRP F 70 -7.63 -27.24 9.81
C TRP F 70 -8.95 -27.08 10.57
N GLY F 71 -9.76 -28.14 10.54
CA GLY F 71 -11.00 -28.22 11.32
C GLY F 71 -11.01 -29.49 12.16
N LYS F 72 -12.12 -29.73 12.88
CA LYS F 72 -12.25 -30.93 13.72
C LYS F 72 -12.62 -32.18 12.91
N GLU F 73 -12.95 -31.99 11.63
CA GLU F 73 -13.22 -33.08 10.70
C GLU F 73 -12.31 -32.97 9.48
N ASP F 74 -11.95 -34.11 8.90
CA ASP F 74 -11.24 -34.16 7.63
C ASP F 74 -12.17 -33.74 6.48
N ASP F 75 -13.41 -33.44 6.82
CA ASP F 75 -14.46 -33.07 5.88
C ASP F 75 -14.49 -31.57 5.59
N TYR F 76 -13.96 -30.77 6.52
CA TYR F 76 -14.29 -29.35 6.60
C TYR F 76 -13.23 -28.58 7.41
N GLY F 77 -12.20 -28.06 6.75
CA GLY F 77 -11.09 -27.45 7.48
C GLY F 77 -10.34 -26.26 6.89
N SER F 78 -10.54 -26.00 5.61
CA SER F 78 -9.86 -24.88 4.92
C SER F 78 -10.52 -23.53 5.24
N ASN F 79 -9.88 -22.45 4.82
CA ASN F 79 -10.43 -21.11 5.01
C ASN F 79 -11.25 -20.70 3.80
N HIS F 80 -10.59 -20.61 2.65
CA HIS F 80 -11.26 -20.32 1.40
C HIS F 80 -12.05 -21.52 0.91
N LEU F 81 -13.12 -21.23 0.18
CA LEU F 81 -13.92 -22.23 -0.49
C LEU F 81 -13.95 -21.89 -1.97
N ILE F 82 -14.21 -22.90 -2.79
CA ILE F 82 -14.47 -22.71 -4.20
C ILE F 82 -15.79 -23.37 -4.55
N ASP F 83 -16.72 -22.55 -5.05
CA ASP F 83 -18.09 -22.97 -5.33
C ASP F 83 -18.69 -23.77 -4.16
N VAL F 84 -18.58 -23.17 -2.97
CA VAL F 84 -19.10 -23.72 -1.71
C VAL F 84 -18.46 -25.07 -1.31
N TYR F 85 -17.33 -25.41 -1.94
CA TYR F 85 -16.58 -26.60 -1.56
C TYR F 85 -15.38 -26.21 -0.67
N LYS F 86 -15.40 -26.73 0.55
CA LYS F 86 -14.36 -26.47 1.54
C LYS F 86 -13.45 -27.70 1.60
N TYR F 87 -12.15 -27.47 1.57
CA TYR F 87 -11.17 -28.56 1.61
C TYR F 87 -10.88 -28.97 3.07
N SER F 88 -10.06 -30.01 3.23
CA SER F 88 -9.74 -30.53 4.57
C SER F 88 -8.87 -29.54 5.35
N GLY F 89 -8.09 -28.73 4.64
CA GLY F 89 -7.19 -27.77 5.27
C GLY F 89 -6.60 -26.77 4.29
N GLU F 90 -5.78 -25.87 4.81
CA GLU F 90 -5.19 -24.81 3.98
C GLU F 90 -3.85 -24.32 4.47
N ILE F 91 -2.84 -24.44 3.60
CA ILE F 91 -1.53 -23.83 3.81
C ILE F 91 -1.50 -22.42 3.23
N ASN F 92 -1.03 -21.46 4.01
CA ASN F 92 -0.82 -20.11 3.52
C ASN F 92 0.66 -19.78 3.51
N LEU F 93 1.16 -19.34 2.35
CA LEU F 93 2.54 -18.90 2.21
C LEU F 93 2.56 -17.38 2.10
N VAL F 94 3.15 -16.74 3.09
CA VAL F 94 3.19 -15.28 3.16
C VAL F 94 4.45 -14.76 2.47
N HIS F 95 4.26 -13.79 1.57
CA HIS F 95 5.37 -13.11 0.89
C HIS F 95 5.24 -11.60 1.10
N TRP F 96 6.36 -10.90 1.14
CA TRP F 96 6.31 -9.44 1.30
C TRP F 96 7.13 -8.65 0.29
N ASN F 97 6.68 -7.42 0.05
CA ASN F 97 7.29 -6.52 -0.93
C ASN F 97 8.55 -5.86 -0.37
N LYS F 98 9.66 -6.60 -0.42
CA LYS F 98 10.95 -6.14 0.10
C LYS F 98 11.60 -5.07 -0.78
N LYS F 99 11.28 -5.08 -2.08
CA LYS F 99 11.80 -4.08 -3.01
C LYS F 99 11.31 -2.66 -2.67
N LYS F 100 10.07 -2.56 -2.21
CA LYS F 100 9.47 -1.26 -1.91
C LYS F 100 9.68 -0.85 -0.45
N TYR F 101 9.49 -1.79 0.47
CA TYR F 101 9.52 -1.50 1.91
C TYR F 101 10.70 -2.17 2.61
N SER F 102 11.18 -1.53 3.68
CA SER F 102 12.41 -1.93 4.37
C SER F 102 12.31 -3.26 5.13
N SER F 103 11.13 -3.53 5.69
CA SER F 103 10.91 -4.75 6.46
C SER F 103 9.48 -5.26 6.27
N TYR F 104 9.21 -6.46 6.78
CA TYR F 104 7.86 -7.00 6.83
C TYR F 104 6.90 -6.03 7.52
N GLU F 105 7.36 -5.44 8.62
CA GLU F 105 6.57 -4.53 9.47
C GLU F 105 6.08 -3.29 8.73
N GLU F 106 6.90 -2.81 7.81
CA GLU F 106 6.52 -1.66 6.97
C GLU F 106 5.68 -2.11 5.77
N ALA F 107 5.91 -3.34 5.31
CA ALA F 107 5.15 -3.90 4.19
C ALA F 107 3.70 -4.19 4.58
N LYS F 108 3.53 -4.65 5.82
CA LYS F 108 2.22 -5.02 6.37
C LYS F 108 1.25 -3.84 6.52
N LYS F 109 1.73 -2.62 6.37
CA LYS F 109 0.90 -1.42 6.52
C LYS F 109 0.33 -0.88 5.19
N HIS F 110 0.56 -1.61 4.10
CA HIS F 110 0.14 -1.16 2.76
C HIS F 110 -0.56 -2.25 1.95
N ASP F 111 -1.43 -1.84 1.04
CA ASP F 111 -2.21 -2.77 0.24
C ASP F 111 -1.43 -3.48 -0.89
N ASP F 112 -0.18 -3.08 -1.09
CA ASP F 112 0.71 -3.73 -2.05
C ASP F 112 1.94 -4.35 -1.35
N GLY F 113 1.81 -4.59 -0.06
CA GLY F 113 2.92 -5.13 0.74
C GLY F 113 2.96 -6.64 0.88
N LEU F 114 1.79 -7.28 0.93
CA LEU F 114 1.71 -8.72 1.18
C LEU F 114 0.99 -9.50 0.09
N ILE F 115 1.59 -10.62 -0.31
CA ILE F 115 0.97 -11.55 -1.23
C ILE F 115 1.00 -12.92 -0.58
N ILE F 116 -0.18 -13.49 -0.36
CA ILE F 116 -0.28 -14.80 0.29
C ILE F 116 -0.75 -15.85 -0.71
N ILE F 117 0.06 -16.91 -0.85
CA ILE F 117 -0.31 -18.08 -1.63
C ILE F 117 -1.07 -19.10 -0.78
N SER F 118 -2.18 -19.58 -1.32
CA SER F 118 -3.03 -20.55 -0.66
C SER F 118 -2.92 -21.90 -1.34
N ILE F 119 -2.49 -22.91 -0.58
CA ILE F 119 -2.41 -24.30 -1.06
C ILE F 119 -3.37 -25.16 -0.24
N PHE F 120 -4.32 -25.81 -0.90
CA PHE F 120 -5.31 -26.61 -0.19
C PHE F 120 -4.82 -28.01 0.17
N LEU F 121 -5.32 -28.52 1.30
CA LEU F 121 -5.03 -29.88 1.74
C LEU F 121 -6.25 -30.77 1.55
N GLN F 122 -6.12 -31.80 0.72
CA GLN F 122 -7.20 -32.76 0.53
C GLN F 122 -6.86 -34.08 1.21
N VAL F 123 -7.74 -34.53 2.11
CA VAL F 123 -7.57 -35.80 2.79
C VAL F 123 -8.05 -36.93 1.88
N LEU F 124 -7.14 -37.87 1.60
CA LEU F 124 -7.45 -39.04 0.80
C LEU F 124 -6.75 -40.28 1.38
N ASP F 125 -6.71 -41.34 0.58
CA ASP F 125 -5.96 -42.53 0.93
C ASP F 125 -4.57 -42.45 0.28
N HIS F 126 -3.83 -41.41 0.63
CA HIS F 126 -2.53 -41.11 0.03
C HIS F 126 -1.62 -40.40 1.03
N LYS F 127 -0.63 -41.13 1.53
CA LYS F 127 0.33 -40.60 2.50
C LYS F 127 1.39 -39.75 1.79
N ASN F 128 1.36 -38.45 2.04
CA ASN F 128 2.29 -37.51 1.42
C ASN F 128 3.62 -37.49 2.17
N VAL F 129 4.65 -38.03 1.54
CA VAL F 129 5.99 -38.11 2.13
C VAL F 129 6.64 -36.75 2.35
N TYR F 130 6.30 -35.78 1.49
CA TYR F 130 6.85 -34.43 1.58
C TYR F 130 6.18 -33.61 2.69
N PHE F 131 4.86 -33.75 2.81
CA PHE F 131 4.10 -33.09 3.87
C PHE F 131 4.49 -33.65 5.24
N GLN F 132 4.86 -34.94 5.27
CA GLN F 132 5.29 -35.63 6.49
C GLN F 132 6.45 -34.93 7.19
N LYS F 133 7.42 -34.47 6.40
CA LYS F 133 8.56 -33.69 6.90
C LYS F 133 8.13 -32.56 7.84
N ILE F 134 6.84 -32.21 7.80
CA ILE F 134 6.27 -31.18 8.65
C ILE F 134 5.58 -31.75 9.90
N VAL F 135 4.88 -32.87 9.76
CA VAL F 135 4.20 -33.49 10.90
C VAL F 135 5.21 -34.00 11.94
N ASN F 136 6.38 -34.42 11.47
CA ASN F 136 7.46 -34.93 12.34
C ASN F 136 7.99 -33.87 13.29
N GLN F 137 7.98 -32.62 12.83
CA GLN F 137 8.38 -31.44 13.62
C GLN F 137 7.44 -31.19 14.78
N LEU F 138 6.20 -31.65 14.65
CA LEU F 138 5.11 -31.41 15.60
C LEU F 138 5.40 -31.85 17.04
N ASP F 139 6.14 -32.96 17.18
CA ASP F 139 6.53 -33.49 18.49
C ASP F 139 7.32 -32.46 19.31
N SER F 140 8.16 -31.69 18.63
CA SER F 140 8.96 -30.63 19.27
C SER F 140 8.13 -29.40 19.68
N ILE F 141 6.96 -29.21 19.07
CA ILE F 141 6.17 -28.00 19.31
C ILE F 141 4.73 -28.25 19.79
N ARG F 142 4.56 -29.22 20.69
CA ARG F 142 3.23 -29.57 21.20
C ARG F 142 2.63 -28.48 22.10
N SER F 143 3.46 -27.87 22.93
CA SER F 143 3.01 -26.81 23.84
C SER F 143 2.80 -25.47 23.12
N ALA F 144 2.16 -24.53 23.81
CA ALA F 144 1.96 -23.18 23.29
C ALA F 144 2.34 -22.13 24.34
N ASN F 145 3.02 -21.06 23.93
CA ASN F 145 3.57 -20.91 22.59
C ASN F 145 5.05 -21.32 22.58
N THR F 146 5.37 -22.35 21.81
CA THR F 146 6.73 -22.89 21.75
C THR F 146 7.37 -22.72 20.38
N SER F 147 8.70 -22.66 20.37
CA SER F 147 9.45 -22.55 19.13
C SER F 147 10.65 -23.50 19.12
N ALA F 148 10.84 -24.17 17.98
CA ALA F 148 11.94 -25.10 17.81
C ALA F 148 12.57 -24.91 16.43
N PRO F 149 13.89 -25.19 16.30
CA PRO F 149 14.51 -25.22 14.98
C PRO F 149 13.90 -26.32 14.12
N PHE F 150 13.71 -26.04 12.83
CA PHE F 150 13.14 -27.02 11.91
C PHE F 150 14.16 -28.13 11.69
N ASP F 151 13.77 -29.35 12.07
CA ASP F 151 14.68 -30.48 12.32
C ASP F 151 15.72 -30.83 11.24
N SER F 152 15.26 -31.02 10.00
CA SER F 152 16.15 -31.43 8.92
C SER F 152 15.68 -31.01 7.52
N VAL F 153 16.28 -31.62 6.50
CA VAL F 153 16.09 -31.26 5.09
C VAL F 153 14.61 -31.25 4.68
N PHE F 154 14.21 -30.15 4.07
CA PHE F 154 12.84 -29.98 3.57
C PHE F 154 12.84 -29.01 2.41
N TYR F 155 12.21 -29.40 1.31
CA TYR F 155 12.07 -28.54 0.14
C TYR F 155 10.63 -28.10 -0.02
N LEU F 156 10.37 -26.80 0.13
CA LEU F 156 9.03 -26.24 0.00
C LEU F 156 8.44 -26.52 -1.38
N ASP F 157 9.29 -26.47 -2.41
CA ASP F 157 8.93 -26.77 -3.79
C ASP F 157 8.07 -28.03 -3.93
N ASN F 158 8.30 -29.01 -3.05
CA ASN F 158 7.54 -30.26 -3.01
C ASN F 158 6.07 -30.11 -2.58
N LEU F 159 5.77 -29.04 -1.85
CA LEU F 159 4.40 -28.76 -1.39
C LEU F 159 3.53 -28.02 -2.41
N LEU F 160 4.08 -27.76 -3.59
CA LEU F 160 3.32 -27.13 -4.67
C LEU F 160 2.32 -28.12 -5.29
N PRO F 161 1.15 -27.63 -5.71
CA PRO F 161 0.16 -28.43 -6.43
C PRO F 161 0.65 -28.82 -7.82
N SER F 162 0.06 -29.88 -8.38
CA SER F 162 0.43 -30.37 -9.72
C SER F 162 -0.06 -29.45 -10.84
N LYS F 163 -0.94 -28.50 -10.51
CA LYS F 163 -1.45 -27.51 -11.46
C LYS F 163 -1.41 -26.14 -10.79
N LEU F 164 -0.85 -25.15 -11.48
CA LEU F 164 -0.65 -23.84 -10.86
C LEU F 164 -1.56 -22.73 -11.45
N ASP F 165 -2.70 -23.11 -12.01
CA ASP F 165 -3.74 -22.13 -12.32
C ASP F 165 -4.30 -21.61 -10.99
N TYR F 166 -4.75 -20.36 -10.97
CA TYR F 166 -5.08 -19.71 -9.70
C TYR F 166 -6.12 -18.59 -9.81
N PHE F 167 -6.81 -18.36 -8.68
CA PHE F 167 -7.68 -17.22 -8.50
C PHE F 167 -6.93 -16.19 -7.65
N THR F 168 -7.14 -14.91 -7.93
CA THR F 168 -6.54 -13.87 -7.13
C THR F 168 -7.54 -12.76 -6.80
N TYR F 169 -7.45 -12.24 -5.57
CA TYR F 169 -8.27 -11.09 -5.14
C TYR F 169 -7.58 -10.31 -4.02
N LEU F 170 -7.94 -9.03 -3.87
CA LEU F 170 -7.45 -8.22 -2.74
C LEU F 170 -8.30 -8.42 -1.49
N GLY F 171 -7.70 -9.03 -0.47
CA GLY F 171 -8.40 -9.27 0.77
C GLY F 171 -7.57 -8.86 1.97
N THR F 172 -7.52 -9.74 2.96
CA THR F 172 -6.83 -9.48 4.21
C THR F 172 -6.13 -10.75 4.68
N THR F 173 -5.27 -10.60 5.68
CA THR F 173 -4.75 -11.76 6.40
C THR F 173 -5.92 -12.47 7.07
N ILE F 174 -5.75 -13.75 7.37
CA ILE F 174 -6.81 -14.55 8.03
C ILE F 174 -7.18 -13.98 9.40
N ASN F 175 -6.20 -13.45 10.12
CA ASN F 175 -6.47 -12.82 11.41
C ASN F 175 -6.82 -11.34 11.27
N HIS F 176 -6.98 -10.89 10.03
CA HIS F 176 -7.51 -9.54 9.74
C HIS F 176 -6.58 -8.38 10.14
N SER F 177 -5.36 -8.69 10.56
CA SER F 177 -4.45 -7.67 11.10
C SER F 177 -3.96 -6.67 10.04
N ALA F 178 -3.92 -7.12 8.79
CA ALA F 178 -3.51 -6.30 7.66
C ALA F 178 -4.17 -6.79 6.37
N ASP F 179 -4.14 -5.95 5.34
CA ASP F 179 -4.60 -6.31 4.00
C ASP F 179 -3.54 -7.15 3.30
N ALA F 180 -3.98 -7.96 2.35
CA ALA F 180 -3.10 -8.83 1.55
C ALA F 180 -3.79 -9.27 0.27
N VAL F 181 -3.01 -9.48 -0.80
CA VAL F 181 -3.55 -10.06 -2.03
C VAL F 181 -3.36 -11.57 -2.01
N TRP F 182 -4.41 -12.29 -2.40
CA TRP F 182 -4.37 -13.72 -2.34
C TRP F 182 -4.07 -14.35 -3.70
N ILE F 183 -3.18 -15.34 -3.69
CA ILE F 183 -3.02 -16.24 -4.83
C ILE F 183 -3.47 -17.61 -4.38
N ILE F 184 -4.54 -18.11 -5.02
CA ILE F 184 -5.24 -19.31 -4.56
C ILE F 184 -5.35 -20.38 -5.65
N PHE F 185 -4.66 -21.51 -5.43
CA PHE F 185 -4.70 -22.66 -6.36
C PHE F 185 -5.88 -23.56 -6.01
N PRO F 186 -6.79 -23.80 -6.98
CA PRO F 186 -7.92 -24.73 -6.77
C PRO F 186 -7.49 -26.18 -6.59
N THR F 187 -6.42 -26.58 -7.26
CA THR F 187 -5.91 -27.95 -7.16
C THR F 187 -5.19 -28.14 -5.83
N PRO F 188 -5.65 -29.11 -5.02
CA PRO F 188 -5.03 -29.35 -3.73
C PRO F 188 -3.91 -30.40 -3.80
N ILE F 189 -3.04 -30.40 -2.79
CA ILE F 189 -2.14 -31.53 -2.60
C ILE F 189 -2.88 -32.55 -1.74
N ASN F 190 -2.49 -33.82 -1.84
CA ASN F 190 -3.17 -34.90 -1.12
C ASN F 190 -2.40 -35.38 0.10
N ILE F 191 -3.14 -35.57 1.19
CA ILE F 191 -2.56 -36.01 2.47
C ILE F 191 -3.47 -37.07 3.10
N HIS F 192 -2.92 -37.84 4.04
CA HIS F 192 -3.67 -38.88 4.73
C HIS F 192 -4.26 -38.34 6.03
N SER F 193 -5.36 -38.94 6.47
CA SER F 193 -6.00 -38.63 7.77
C SER F 193 -5.04 -38.70 8.96
N ASP F 194 -4.13 -39.69 8.93
CA ASP F 194 -3.12 -39.88 9.96
C ASP F 194 -2.14 -38.71 10.08
N GLN F 195 -1.97 -37.97 8.99
CA GLN F 195 -1.05 -36.82 8.95
C GLN F 195 -1.69 -35.55 9.50
N LEU F 196 -2.96 -35.32 9.15
CA LEU F 196 -3.71 -34.14 9.63
C LEU F 196 -4.07 -34.21 11.12
N SER F 197 -4.50 -35.39 11.59
CA SER F 197 -4.94 -35.56 12.97
C SER F 197 -3.88 -35.19 14.01
N LYS F 198 -2.60 -35.35 13.66
CA LYS F 198 -1.48 -34.96 14.52
C LYS F 198 -1.57 -33.49 14.95
N PHE F 199 -2.03 -32.63 14.05
CA PHE F 199 -2.21 -31.20 14.34
C PHE F 199 -3.19 -30.93 15.50
N ARG F 200 -4.22 -31.78 15.60
CA ARG F 200 -5.24 -31.65 16.65
C ARG F 200 -4.76 -32.05 18.06
N THR F 201 -3.51 -32.48 18.19
CA THR F 201 -2.94 -32.86 19.48
C THR F 201 -1.98 -31.80 20.03
N LEU F 202 -2.16 -30.55 19.57
CA LEU F 202 -1.37 -29.40 20.04
C LEU F 202 -2.17 -28.61 21.07
N LEU F 203 -1.52 -28.26 22.18
CA LEU F 203 -2.14 -27.46 23.23
C LEU F 203 -2.41 -26.03 22.75
N SER F 204 -3.52 -25.45 23.18
CA SER F 204 -3.91 -24.10 22.78
C SER F 204 -3.84 -23.08 23.93
N LEU F 205 -3.58 -23.58 25.14
CA LEU F 205 -3.54 -22.74 26.34
C LEU F 205 -2.17 -22.76 27.01
N TYR F 214 -5.62 -29.42 22.71
CA TYR F 214 -6.99 -28.92 22.82
C TYR F 214 -7.44 -28.14 21.56
N ILE F 215 -6.62 -28.14 20.51
CA ILE F 215 -6.89 -27.33 19.32
C ILE F 215 -7.51 -28.12 18.15
N THR F 216 -8.81 -28.37 18.26
CA THR F 216 -9.53 -29.17 17.26
C THR F 216 -9.69 -28.44 15.92
N GLU F 217 -10.04 -27.16 15.97
CA GLU F 217 -10.26 -26.36 14.77
C GLU F 217 -9.68 -24.95 14.88
N ASN F 218 -9.28 -24.38 13.75
CA ASN F 218 -8.74 -23.01 13.73
C ASN F 218 -9.03 -22.20 12.47
N TYR F 219 -9.85 -22.77 11.57
CA TYR F 219 -10.25 -22.06 10.37
C TYR F 219 -11.27 -20.98 10.69
N ARG F 220 -11.41 -20.05 9.75
CA ARG F 220 -12.38 -18.97 9.85
C ARG F 220 -13.47 -19.18 8.80
N ASN F 221 -14.72 -18.84 9.14
CA ASN F 221 -15.82 -18.78 8.16
C ASN F 221 -15.58 -17.73 7.08
N PRO F 222 -16.20 -17.90 5.88
CA PRO F 222 -16.03 -16.95 4.79
C PRO F 222 -16.93 -15.71 4.91
N TYR F 223 -16.46 -14.61 4.34
CA TYR F 223 -17.22 -13.37 4.30
C TYR F 223 -17.88 -13.24 2.94
N LYS F 224 -19.03 -12.56 2.90
CA LYS F 224 -19.66 -12.17 1.65
C LYS F 224 -18.66 -11.37 0.82
N LEU F 225 -18.69 -11.58 -0.49
CA LEU F 225 -17.89 -10.78 -1.39
C LEU F 225 -18.54 -9.40 -1.55
N ASN F 226 -17.76 -8.34 -1.32
CA ASN F 226 -18.22 -6.96 -1.51
C ASN F 226 -18.51 -6.69 -3.00
N ASP F 227 -19.45 -5.79 -3.28
CA ASP F 227 -19.82 -5.47 -4.66
C ASP F 227 -18.62 -5.12 -5.53
N ASP F 228 -17.72 -4.30 -4.99
CA ASP F 228 -16.54 -3.83 -5.70
C ASP F 228 -15.30 -4.75 -5.57
N THR F 229 -15.47 -5.93 -4.96
CA THR F 229 -14.40 -6.92 -4.94
C THR F 229 -14.46 -7.83 -6.18
N GLU F 230 -13.34 -7.86 -6.90
CA GLU F 230 -13.19 -8.69 -8.08
C GLU F 230 -12.32 -9.89 -7.74
N VAL F 231 -12.73 -11.05 -8.23
CA VAL F 231 -11.87 -12.22 -8.19
C VAL F 231 -11.42 -12.54 -9.62
N TYR F 232 -10.11 -12.51 -9.84
CA TYR F 232 -9.53 -12.77 -11.15
C TYR F 232 -9.00 -14.20 -11.22
N TYR F 233 -9.12 -14.80 -12.40
CA TYR F 233 -8.62 -16.15 -12.63
C TYR F 233 -7.54 -16.16 -13.71
N SER F 234 -6.40 -16.75 -13.39
CA SER F 234 -5.36 -17.00 -14.36
C SER F 234 -5.41 -18.47 -14.72
N GLY F 235 -5.76 -18.75 -15.98
CA GLY F 235 -5.94 -20.11 -16.47
C GLY F 235 -4.67 -20.76 -16.99
#